data_4G0Z
# 
_entry.id   4G0Z 
# 
_audit_conform.dict_name       mmcif_pdbx.dic 
_audit_conform.dict_version    5.387 
_audit_conform.dict_location   http://mmcif.pdb.org/dictionaries/ascii/mmcif_pdbx.dic 
# 
loop_
_database_2.database_id 
_database_2.database_code 
_database_2.pdbx_database_accession 
_database_2.pdbx_DOI 
PDB   4G0Z         pdb_00004g0z 10.2210/pdb4g0z/pdb 
RCSB  RCSB073600   ?            ?                   
WWPDB D_1000073600 ?            ?                   
# 
loop_
_pdbx_audit_revision_history.ordinal 
_pdbx_audit_revision_history.data_content_type 
_pdbx_audit_revision_history.major_revision 
_pdbx_audit_revision_history.minor_revision 
_pdbx_audit_revision_history.revision_date 
1 'Structure model' 1 0 2012-07-25 
2 'Structure model' 1 1 2012-08-29 
3 'Structure model' 1 2 2012-09-12 
4 'Structure model' 1 3 2024-02-28 
# 
_pdbx_audit_revision_details.ordinal             1 
_pdbx_audit_revision_details.revision_ordinal    1 
_pdbx_audit_revision_details.data_content_type   'Structure model' 
_pdbx_audit_revision_details.provider            repository 
_pdbx_audit_revision_details.type                'Initial release' 
_pdbx_audit_revision_details.description         ? 
_pdbx_audit_revision_details.details             ? 
# 
loop_
_pdbx_audit_revision_group.ordinal 
_pdbx_audit_revision_group.revision_ordinal 
_pdbx_audit_revision_group.data_content_type 
_pdbx_audit_revision_group.group 
1 2 'Structure model' 'Database references'  
2 3 'Structure model' 'Database references'  
3 4 'Structure model' 'Data collection'      
4 4 'Structure model' 'Database references'  
5 4 'Structure model' 'Derived calculations' 
# 
loop_
_pdbx_audit_revision_category.ordinal 
_pdbx_audit_revision_category.revision_ordinal 
_pdbx_audit_revision_category.data_content_type 
_pdbx_audit_revision_category.category 
1 4 'Structure model' chem_comp_atom     
2 4 'Structure model' chem_comp_bond     
3 4 'Structure model' database_2         
4 4 'Structure model' struct_ref_seq_dif 
5 4 'Structure model' struct_site        
# 
loop_
_pdbx_audit_revision_item.ordinal 
_pdbx_audit_revision_item.revision_ordinal 
_pdbx_audit_revision_item.data_content_type 
_pdbx_audit_revision_item.item 
1 4 'Structure model' '_database_2.pdbx_DOI'                
2 4 'Structure model' '_database_2.pdbx_database_accession' 
3 4 'Structure model' '_struct_ref_seq_dif.details'         
4 4 'Structure model' '_struct_site.pdbx_auth_asym_id'      
5 4 'Structure model' '_struct_site.pdbx_auth_comp_id'      
6 4 'Structure model' '_struct_site.pdbx_auth_seq_id'       
# 
_pdbx_database_status.status_code                     REL 
_pdbx_database_status.entry_id                        4G0Z 
_pdbx_database_status.recvd_initial_deposition_date   2012-07-10 
_pdbx_database_status.deposit_site                    RCSB 
_pdbx_database_status.process_site                    RCSB 
_pdbx_database_status.status_code_sf                  REL 
_pdbx_database_status.status_code_mr                  ? 
_pdbx_database_status.SG_entry                        ? 
_pdbx_database_status.status_code_cs                  ? 
_pdbx_database_status.methods_development_category    ? 
_pdbx_database_status.pdb_format_compatible           Y 
_pdbx_database_status.status_code_nmr_data            ? 
# 
loop_
_pdbx_database_related.db_name 
_pdbx_database_related.db_id 
_pdbx_database_related.details 
_pdbx_database_related.content_type 
PDB 4G0M 'Crystal structure of Arabidopsis thaliana AGO2 MID domain'             unspecified 
PDB 4G0O 'Crystal structure of Arabidopsis thaliana AGO5 MID domain'             unspecified 
PDB 4G0P 'Structure of Arabidopsis thaliana AGO1 MID domain in complex with UMP' unspecified 
PDB 4G0Q 'Structure of Arabidopsis thaliana AGO1 MID domain in complex with CMP' unspecified 
PDB 4G0X 'Crystal Structure of Arabidopsis thaliana AGO1 MID domain'             unspecified 
PDB 4G0Y 'Structure of Arabidopsis AGO1 in complex with AMP'                     unspecified 
# 
loop_
_audit_author.name 
_audit_author.pdbx_ordinal 
'Frank, F.'     1 
'Hauver, J.'    2 
'Sonenberg, N.' 3 
'Nagar, B.'     4 
# 
_citation.id                        primary 
_citation.title                     'Arabidopsis Argonaute MID domains use their nucleotide specificity loop to sort small RNAs.' 
_citation.journal_abbrev            'Embo J.' 
_citation.journal_volume            31 
_citation.page_first                3588 
_citation.page_last                 3595 
_citation.year                      2012 
_citation.journal_id_ASTM           EMJODG 
_citation.country                   UK 
_citation.journal_id_ISSN           0261-4189 
_citation.journal_id_CSD            0897 
_citation.book_publisher            ? 
_citation.pdbx_database_id_PubMed   22850669 
_citation.pdbx_database_id_DOI      10.1038/emboj.2012.204 
# 
loop_
_citation_author.citation_id 
_citation_author.name 
_citation_author.ordinal 
_citation_author.identifier_ORCID 
primary 'Frank, F.'     1 ? 
primary 'Hauver, J.'    2 ? 
primary 'Sonenberg, N.' 3 ? 
primary 'Nagar, B.'     4 ? 
# 
loop_
_entity.id 
_entity.type 
_entity.src_method 
_entity.pdbx_description 
_entity.formula_weight 
_entity.pdbx_number_of_molecules 
_entity.pdbx_ec 
_entity.pdbx_mutation 
_entity.pdbx_fragment 
_entity.details 
1 polymer     man 'Protein argonaute 1'        16439.156 1   ? ? 'MID domain, UNP residues 593-738' ? 
2 non-polymer syn "GUANOSINE-5'-MONOPHOSPHATE" 363.221   1   ? ? ?                                  ? 
3 water       nat water                        18.015    142 ? ? ?                                  ? 
# 
_entity_poly.entity_id                      1 
_entity_poly.type                           'polypeptide(L)' 
_entity_poly.nstd_linkage                   no 
_entity_poly.nstd_monomer                   no 
_entity_poly.pdbx_seq_one_letter_code       
;SNKKMINGGTVNNWICINFSRQVQDNLARTFCQELAQMCYVSGMAFNPEPVLPPVSARPEQVEKVLKTRYHDATSKLSQG
KEIDLLIVILPDNNGSLYGDLKRICETELGIVSQCCLTKHVFKMSKQYMANVALKINVKVGGRNTVL
;
_entity_poly.pdbx_seq_one_letter_code_can   
;SNKKMINGGTVNNWICINFSRQVQDNLARTFCQELAQMCYVSGMAFNPEPVLPPVSARPEQVEKVLKTRYHDATSKLSQG
KEIDLLIVILPDNNGSLYGDLKRICETELGIVSQCCLTKHVFKMSKQYMANVALKINVKVGGRNTVL
;
_entity_poly.pdbx_strand_id                 A 
_entity_poly.pdbx_target_identifier         ? 
# 
loop_
_pdbx_entity_nonpoly.entity_id 
_pdbx_entity_nonpoly.name 
_pdbx_entity_nonpoly.comp_id 
2 "GUANOSINE-5'-MONOPHOSPHATE" 5GP 
3 water                        HOH 
# 
loop_
_entity_poly_seq.entity_id 
_entity_poly_seq.num 
_entity_poly_seq.mon_id 
_entity_poly_seq.hetero 
1 1   SER n 
1 2   ASN n 
1 3   LYS n 
1 4   LYS n 
1 5   MET n 
1 6   ILE n 
1 7   ASN n 
1 8   GLY n 
1 9   GLY n 
1 10  THR n 
1 11  VAL n 
1 12  ASN n 
1 13  ASN n 
1 14  TRP n 
1 15  ILE n 
1 16  CYS n 
1 17  ILE n 
1 18  ASN n 
1 19  PHE n 
1 20  SER n 
1 21  ARG n 
1 22  GLN n 
1 23  VAL n 
1 24  GLN n 
1 25  ASP n 
1 26  ASN n 
1 27  LEU n 
1 28  ALA n 
1 29  ARG n 
1 30  THR n 
1 31  PHE n 
1 32  CYS n 
1 33  GLN n 
1 34  GLU n 
1 35  LEU n 
1 36  ALA n 
1 37  GLN n 
1 38  MET n 
1 39  CYS n 
1 40  TYR n 
1 41  VAL n 
1 42  SER n 
1 43  GLY n 
1 44  MET n 
1 45  ALA n 
1 46  PHE n 
1 47  ASN n 
1 48  PRO n 
1 49  GLU n 
1 50  PRO n 
1 51  VAL n 
1 52  LEU n 
1 53  PRO n 
1 54  PRO n 
1 55  VAL n 
1 56  SER n 
1 57  ALA n 
1 58  ARG n 
1 59  PRO n 
1 60  GLU n 
1 61  GLN n 
1 62  VAL n 
1 63  GLU n 
1 64  LYS n 
1 65  VAL n 
1 66  LEU n 
1 67  LYS n 
1 68  THR n 
1 69  ARG n 
1 70  TYR n 
1 71  HIS n 
1 72  ASP n 
1 73  ALA n 
1 74  THR n 
1 75  SER n 
1 76  LYS n 
1 77  LEU n 
1 78  SER n 
1 79  GLN n 
1 80  GLY n 
1 81  LYS n 
1 82  GLU n 
1 83  ILE n 
1 84  ASP n 
1 85  LEU n 
1 86  LEU n 
1 87  ILE n 
1 88  VAL n 
1 89  ILE n 
1 90  LEU n 
1 91  PRO n 
1 92  ASP n 
1 93  ASN n 
1 94  ASN n 
1 95  GLY n 
1 96  SER n 
1 97  LEU n 
1 98  TYR n 
1 99  GLY n 
1 100 ASP n 
1 101 LEU n 
1 102 LYS n 
1 103 ARG n 
1 104 ILE n 
1 105 CYS n 
1 106 GLU n 
1 107 THR n 
1 108 GLU n 
1 109 LEU n 
1 110 GLY n 
1 111 ILE n 
1 112 VAL n 
1 113 SER n 
1 114 GLN n 
1 115 CYS n 
1 116 CYS n 
1 117 LEU n 
1 118 THR n 
1 119 LYS n 
1 120 HIS n 
1 121 VAL n 
1 122 PHE n 
1 123 LYS n 
1 124 MET n 
1 125 SER n 
1 126 LYS n 
1 127 GLN n 
1 128 TYR n 
1 129 MET n 
1 130 ALA n 
1 131 ASN n 
1 132 VAL n 
1 133 ALA n 
1 134 LEU n 
1 135 LYS n 
1 136 ILE n 
1 137 ASN n 
1 138 VAL n 
1 139 LYS n 
1 140 VAL n 
1 141 GLY n 
1 142 GLY n 
1 143 ARG n 
1 144 ASN n 
1 145 THR n 
1 146 VAL n 
1 147 LEU n 
# 
_entity_src_gen.entity_id                          1 
_entity_src_gen.pdbx_src_id                        1 
_entity_src_gen.pdbx_alt_source_flag               sample 
_entity_src_gen.pdbx_seq_type                      ? 
_entity_src_gen.pdbx_beg_seq_num                   ? 
_entity_src_gen.pdbx_end_seq_num                   ? 
_entity_src_gen.gene_src_common_name               'mouse-ear cress,thale-cress' 
_entity_src_gen.gene_src_genus                     ? 
_entity_src_gen.pdbx_gene_src_gene                 'AGO1, At1g48410, F11A17.3, T1N15.2' 
_entity_src_gen.gene_src_species                   ? 
_entity_src_gen.gene_src_strain                    ? 
_entity_src_gen.gene_src_tissue                    ? 
_entity_src_gen.gene_src_tissue_fraction           ? 
_entity_src_gen.gene_src_details                   ? 
_entity_src_gen.pdbx_gene_src_fragment             ? 
_entity_src_gen.pdbx_gene_src_scientific_name      'Arabidopsis thaliana' 
_entity_src_gen.pdbx_gene_src_ncbi_taxonomy_id     3702 
_entity_src_gen.pdbx_gene_src_variant              ? 
_entity_src_gen.pdbx_gene_src_cell_line            ? 
_entity_src_gen.pdbx_gene_src_atcc                 ? 
_entity_src_gen.pdbx_gene_src_organ                ? 
_entity_src_gen.pdbx_gene_src_organelle            ? 
_entity_src_gen.pdbx_gene_src_cell                 ? 
_entity_src_gen.pdbx_gene_src_cellular_location    ? 
_entity_src_gen.host_org_common_name               ? 
_entity_src_gen.pdbx_host_org_scientific_name      'Escherichia coli' 
_entity_src_gen.pdbx_host_org_ncbi_taxonomy_id     469008 
_entity_src_gen.host_org_genus                     ? 
_entity_src_gen.pdbx_host_org_gene                 ? 
_entity_src_gen.pdbx_host_org_organ                ? 
_entity_src_gen.host_org_species                   ? 
_entity_src_gen.pdbx_host_org_tissue               ? 
_entity_src_gen.pdbx_host_org_tissue_fraction      ? 
_entity_src_gen.pdbx_host_org_strain               'BL21 DE3' 
_entity_src_gen.pdbx_host_org_variant              ? 
_entity_src_gen.pdbx_host_org_cell_line            ? 
_entity_src_gen.pdbx_host_org_atcc                 ? 
_entity_src_gen.pdbx_host_org_culture_collection   ? 
_entity_src_gen.pdbx_host_org_cell                 ? 
_entity_src_gen.pdbx_host_org_organelle            ? 
_entity_src_gen.pdbx_host_org_cellular_location    ? 
_entity_src_gen.pdbx_host_org_vector_type          ? 
_entity_src_gen.pdbx_host_org_vector               ? 
_entity_src_gen.host_org_details                   ? 
_entity_src_gen.expression_system_id               ? 
_entity_src_gen.plasmid_name                       ? 
_entity_src_gen.plasmid_details                    ? 
_entity_src_gen.pdbx_description                   ? 
# 
loop_
_chem_comp.id 
_chem_comp.type 
_chem_comp.mon_nstd_flag 
_chem_comp.name 
_chem_comp.pdbx_synonyms 
_chem_comp.formula 
_chem_comp.formula_weight 
5GP non-polymer         . "GUANOSINE-5'-MONOPHOSPHATE" ? 'C10 H14 N5 O8 P' 363.221 
ALA 'L-peptide linking' y ALANINE                      ? 'C3 H7 N O2'      89.093  
ARG 'L-peptide linking' y ARGININE                     ? 'C6 H15 N4 O2 1'  175.209 
ASN 'L-peptide linking' y ASPARAGINE                   ? 'C4 H8 N2 O3'     132.118 
ASP 'L-peptide linking' y 'ASPARTIC ACID'              ? 'C4 H7 N O4'      133.103 
CYS 'L-peptide linking' y CYSTEINE                     ? 'C3 H7 N O2 S'    121.158 
GLN 'L-peptide linking' y GLUTAMINE                    ? 'C5 H10 N2 O3'    146.144 
GLU 'L-peptide linking' y 'GLUTAMIC ACID'              ? 'C5 H9 N O4'      147.129 
GLY 'peptide linking'   y GLYCINE                      ? 'C2 H5 N O2'      75.067  
HIS 'L-peptide linking' y HISTIDINE                    ? 'C6 H10 N3 O2 1'  156.162 
HOH non-polymer         . WATER                        ? 'H2 O'            18.015  
ILE 'L-peptide linking' y ISOLEUCINE                   ? 'C6 H13 N O2'     131.173 
LEU 'L-peptide linking' y LEUCINE                      ? 'C6 H13 N O2'     131.173 
LYS 'L-peptide linking' y LYSINE                       ? 'C6 H15 N2 O2 1'  147.195 
MET 'L-peptide linking' y METHIONINE                   ? 'C5 H11 N O2 S'   149.211 
PHE 'L-peptide linking' y PHENYLALANINE                ? 'C9 H11 N O2'     165.189 
PRO 'L-peptide linking' y PROLINE                      ? 'C5 H9 N O2'      115.130 
SER 'L-peptide linking' y SERINE                       ? 'C3 H7 N O3'      105.093 
THR 'L-peptide linking' y THREONINE                    ? 'C4 H9 N O3'      119.119 
TRP 'L-peptide linking' y TRYPTOPHAN                   ? 'C11 H12 N2 O2'   204.225 
TYR 'L-peptide linking' y TYROSINE                     ? 'C9 H11 N O3'     181.189 
VAL 'L-peptide linking' y VALINE                       ? 'C5 H11 N O2'     117.146 
# 
loop_
_pdbx_poly_seq_scheme.asym_id 
_pdbx_poly_seq_scheme.entity_id 
_pdbx_poly_seq_scheme.seq_id 
_pdbx_poly_seq_scheme.mon_id 
_pdbx_poly_seq_scheme.ndb_seq_num 
_pdbx_poly_seq_scheme.pdb_seq_num 
_pdbx_poly_seq_scheme.auth_seq_num 
_pdbx_poly_seq_scheme.pdb_mon_id 
_pdbx_poly_seq_scheme.auth_mon_id 
_pdbx_poly_seq_scheme.pdb_strand_id 
_pdbx_poly_seq_scheme.pdb_ins_code 
_pdbx_poly_seq_scheme.hetero 
A 1 1   SER 1   594 594 SER SER A . n 
A 1 2   ASN 2   595 595 ASN ASN A . n 
A 1 3   LYS 3   596 596 LYS LYS A . n 
A 1 4   LYS 4   597 597 LYS LYS A . n 
A 1 5   MET 5   598 598 MET MET A . n 
A 1 6   ILE 6   599 599 ILE ILE A . n 
A 1 7   ASN 7   600 600 ASN ASN A . n 
A 1 8   GLY 8   601 601 GLY GLY A . n 
A 1 9   GLY 9   602 602 GLY GLY A . n 
A 1 10  THR 10  603 603 THR THR A . n 
A 1 11  VAL 11  604 604 VAL VAL A . n 
A 1 12  ASN 12  605 605 ASN ASN A . n 
A 1 13  ASN 13  606 606 ASN ASN A . n 
A 1 14  TRP 14  607 607 TRP TRP A . n 
A 1 15  ILE 15  608 608 ILE ILE A . n 
A 1 16  CYS 16  609 609 CYS CYS A . n 
A 1 17  ILE 17  610 610 ILE ILE A . n 
A 1 18  ASN 18  611 611 ASN ASN A . n 
A 1 19  PHE 19  612 612 PHE PHE A . n 
A 1 20  SER 20  613 613 SER SER A . n 
A 1 21  ARG 21  614 614 ARG ARG A . n 
A 1 22  GLN 22  615 615 GLN GLN A . n 
A 1 23  VAL 23  616 616 VAL VAL A . n 
A 1 24  GLN 24  617 617 GLN GLN A . n 
A 1 25  ASP 25  618 618 ASP ASP A . n 
A 1 26  ASN 26  619 619 ASN ASN A . n 
A 1 27  LEU 27  620 620 LEU LEU A . n 
A 1 28  ALA 28  621 621 ALA ALA A . n 
A 1 29  ARG 29  622 622 ARG ARG A . n 
A 1 30  THR 30  623 623 THR THR A . n 
A 1 31  PHE 31  624 624 PHE PHE A . n 
A 1 32  CYS 32  625 625 CYS CYS A . n 
A 1 33  GLN 33  626 626 GLN GLN A . n 
A 1 34  GLU 34  627 627 GLU GLU A . n 
A 1 35  LEU 35  628 628 LEU LEU A . n 
A 1 36  ALA 36  629 629 ALA ALA A . n 
A 1 37  GLN 37  630 630 GLN GLN A . n 
A 1 38  MET 38  631 631 MET MET A . n 
A 1 39  CYS 39  632 632 CYS CYS A . n 
A 1 40  TYR 40  633 633 TYR TYR A . n 
A 1 41  VAL 41  634 634 VAL VAL A . n 
A 1 42  SER 42  635 635 SER SER A . n 
A 1 43  GLY 43  636 636 GLY GLY A . n 
A 1 44  MET 44  637 637 MET MET A . n 
A 1 45  ALA 45  638 638 ALA ALA A . n 
A 1 46  PHE 46  639 639 PHE PHE A . n 
A 1 47  ASN 47  640 640 ASN ASN A . n 
A 1 48  PRO 48  641 641 PRO PRO A . n 
A 1 49  GLU 49  642 642 GLU GLU A . n 
A 1 50  PRO 50  643 643 PRO PRO A . n 
A 1 51  VAL 51  644 644 VAL VAL A . n 
A 1 52  LEU 52  645 645 LEU LEU A . n 
A 1 53  PRO 53  646 646 PRO PRO A . n 
A 1 54  PRO 54  647 647 PRO PRO A . n 
A 1 55  VAL 55  648 648 VAL VAL A . n 
A 1 56  SER 56  649 649 SER SER A . n 
A 1 57  ALA 57  650 650 ALA ALA A . n 
A 1 58  ARG 58  651 651 ARG ARG A . n 
A 1 59  PRO 59  652 652 PRO PRO A . n 
A 1 60  GLU 60  653 653 GLU GLU A . n 
A 1 61  GLN 61  654 654 GLN GLN A . n 
A 1 62  VAL 62  655 655 VAL VAL A . n 
A 1 63  GLU 63  656 656 GLU GLU A . n 
A 1 64  LYS 64  657 657 LYS LYS A . n 
A 1 65  VAL 65  658 658 VAL VAL A . n 
A 1 66  LEU 66  659 659 LEU LEU A . n 
A 1 67  LYS 67  660 660 LYS LYS A . n 
A 1 68  THR 68  661 661 THR THR A . n 
A 1 69  ARG 69  662 662 ARG ARG A . n 
A 1 70  TYR 70  663 663 TYR TYR A . n 
A 1 71  HIS 71  664 664 HIS HIS A . n 
A 1 72  ASP 72  665 665 ASP ASP A . n 
A 1 73  ALA 73  666 666 ALA ALA A . n 
A 1 74  THR 74  667 667 THR THR A . n 
A 1 75  SER 75  668 668 SER SER A . n 
A 1 76  LYS 76  669 669 LYS LYS A . n 
A 1 77  LEU 77  670 670 LEU LEU A . n 
A 1 78  SER 78  671 671 SER SER A . n 
A 1 79  GLN 79  672 672 GLN GLN A . n 
A 1 80  GLY 80  673 673 GLY GLY A . n 
A 1 81  LYS 81  674 674 LYS LYS A . n 
A 1 82  GLU 82  675 675 GLU GLU A . n 
A 1 83  ILE 83  676 676 ILE ILE A . n 
A 1 84  ASP 84  677 677 ASP ASP A . n 
A 1 85  LEU 85  678 678 LEU LEU A . n 
A 1 86  LEU 86  679 679 LEU LEU A . n 
A 1 87  ILE 87  680 680 ILE ILE A . n 
A 1 88  VAL 88  681 681 VAL VAL A . n 
A 1 89  ILE 89  682 682 ILE ILE A . n 
A 1 90  LEU 90  683 683 LEU LEU A . n 
A 1 91  PRO 91  684 684 PRO PRO A . n 
A 1 92  ASP 92  685 685 ASP ASP A . n 
A 1 93  ASN 93  686 686 ASN ASN A . n 
A 1 94  ASN 94  687 687 ASN ASN A . n 
A 1 95  GLY 95  688 688 GLY GLY A . n 
A 1 96  SER 96  689 689 SER SER A . n 
A 1 97  LEU 97  690 690 LEU LEU A . n 
A 1 98  TYR 98  691 691 TYR TYR A . n 
A 1 99  GLY 99  692 692 GLY GLY A . n 
A 1 100 ASP 100 693 693 ASP ASP A . n 
A 1 101 LEU 101 694 694 LEU LEU A . n 
A 1 102 LYS 102 695 695 LYS LYS A . n 
A 1 103 ARG 103 696 696 ARG ARG A . n 
A 1 104 ILE 104 697 697 ILE ILE A . n 
A 1 105 CYS 105 698 698 CYS CYS A . n 
A 1 106 GLU 106 699 699 GLU GLU A . n 
A 1 107 THR 107 700 700 THR THR A . n 
A 1 108 GLU 108 701 701 GLU GLU A . n 
A 1 109 LEU 109 702 702 LEU LEU A . n 
A 1 110 GLY 110 703 703 GLY GLY A . n 
A 1 111 ILE 111 704 704 ILE ILE A . n 
A 1 112 VAL 112 705 705 VAL VAL A . n 
A 1 113 SER 113 706 706 SER SER A . n 
A 1 114 GLN 114 707 707 GLN GLN A . n 
A 1 115 CYS 115 708 708 CYS CYS A . n 
A 1 116 CYS 116 709 709 CYS CYS A . n 
A 1 117 LEU 117 710 710 LEU LEU A . n 
A 1 118 THR 118 711 711 THR THR A . n 
A 1 119 LYS 119 712 712 LYS LYS A . n 
A 1 120 HIS 120 713 713 HIS HIS A . n 
A 1 121 VAL 121 714 714 VAL VAL A . n 
A 1 122 PHE 122 715 715 PHE PHE A . n 
A 1 123 LYS 123 716 716 LYS LYS A . n 
A 1 124 MET 124 717 717 MET MET A . n 
A 1 125 SER 125 718 718 SER SER A . n 
A 1 126 LYS 126 719 719 LYS LYS A . n 
A 1 127 GLN 127 720 720 GLN GLN A . n 
A 1 128 TYR 128 721 721 TYR TYR A . n 
A 1 129 MET 129 722 722 MET MET A . n 
A 1 130 ALA 130 723 723 ALA ALA A . n 
A 1 131 ASN 131 724 724 ASN ASN A . n 
A 1 132 VAL 132 725 725 VAL VAL A . n 
A 1 133 ALA 133 726 726 ALA ALA A . n 
A 1 134 LEU 134 727 727 LEU LEU A . n 
A 1 135 LYS 135 728 728 LYS LYS A . n 
A 1 136 ILE 136 729 729 ILE ILE A . n 
A 1 137 ASN 137 730 730 ASN ASN A . n 
A 1 138 VAL 138 731 731 VAL VAL A . n 
A 1 139 LYS 139 732 732 LYS LYS A . n 
A 1 140 VAL 140 733 733 VAL VAL A . n 
A 1 141 GLY 141 734 734 GLY GLY A . n 
A 1 142 GLY 142 735 735 GLY GLY A . n 
A 1 143 ARG 143 736 736 ARG ARG A . n 
A 1 144 ASN 144 737 737 ASN ASN A . n 
A 1 145 THR 145 738 738 THR THR A . n 
A 1 146 VAL 146 739 739 VAL VAL A . n 
A 1 147 LEU 147 740 740 LEU LEU A . n 
# 
loop_
_pdbx_nonpoly_scheme.asym_id 
_pdbx_nonpoly_scheme.entity_id 
_pdbx_nonpoly_scheme.mon_id 
_pdbx_nonpoly_scheme.ndb_seq_num 
_pdbx_nonpoly_scheme.pdb_seq_num 
_pdbx_nonpoly_scheme.auth_seq_num 
_pdbx_nonpoly_scheme.pdb_mon_id 
_pdbx_nonpoly_scheme.auth_mon_id 
_pdbx_nonpoly_scheme.pdb_strand_id 
_pdbx_nonpoly_scheme.pdb_ins_code 
B 2 5GP 1   801  951 5GP 5GP A . 
C 3 HOH 1   901  1   HOH HOH A . 
C 3 HOH 2   902  2   HOH HOH A . 
C 3 HOH 3   903  3   HOH HOH A . 
C 3 HOH 4   904  4   HOH HOH A . 
C 3 HOH 5   905  5   HOH HOH A . 
C 3 HOH 6   906  6   HOH HOH A . 
C 3 HOH 7   907  7   HOH HOH A . 
C 3 HOH 8   908  9   HOH HOH A . 
C 3 HOH 9   909  10  HOH HOH A . 
C 3 HOH 10  910  11  HOH HOH A . 
C 3 HOH 11  911  12  HOH HOH A . 
C 3 HOH 12  912  13  HOH HOH A . 
C 3 HOH 13  913  14  HOH HOH A . 
C 3 HOH 14  914  15  HOH HOH A . 
C 3 HOH 15  915  16  HOH HOH A . 
C 3 HOH 16  916  17  HOH HOH A . 
C 3 HOH 17  917  18  HOH HOH A . 
C 3 HOH 18  918  20  HOH HOH A . 
C 3 HOH 19  919  21  HOH HOH A . 
C 3 HOH 20  920  22  HOH HOH A . 
C 3 HOH 21  921  23  HOH HOH A . 
C 3 HOH 22  922  24  HOH HOH A . 
C 3 HOH 23  923  25  HOH HOH A . 
C 3 HOH 24  924  26  HOH HOH A . 
C 3 HOH 25  925  29  HOH HOH A . 
C 3 HOH 26  926  30  HOH HOH A . 
C 3 HOH 27  927  32  HOH HOH A . 
C 3 HOH 28  928  33  HOH HOH A . 
C 3 HOH 29  929  34  HOH HOH A . 
C 3 HOH 30  930  35  HOH HOH A . 
C 3 HOH 31  931  36  HOH HOH A . 
C 3 HOH 32  932  37  HOH HOH A . 
C 3 HOH 33  933  38  HOH HOH A . 
C 3 HOH 34  934  39  HOH HOH A . 
C 3 HOH 35  935  40  HOH HOH A . 
C 3 HOH 36  936  41  HOH HOH A . 
C 3 HOH 37  937  42  HOH HOH A . 
C 3 HOH 38  938  44  HOH HOH A . 
C 3 HOH 39  939  47  HOH HOH A . 
C 3 HOH 40  940  48  HOH HOH A . 
C 3 HOH 41  941  49  HOH HOH A . 
C 3 HOH 42  942  50  HOH HOH A . 
C 3 HOH 43  943  51  HOH HOH A . 
C 3 HOH 44  944  52  HOH HOH A . 
C 3 HOH 45  945  53  HOH HOH A . 
C 3 HOH 46  946  54  HOH HOH A . 
C 3 HOH 47  947  56  HOH HOH A . 
C 3 HOH 48  948  57  HOH HOH A . 
C 3 HOH 49  949  58  HOH HOH A . 
C 3 HOH 50  950  59  HOH HOH A . 
C 3 HOH 51  951  60  HOH HOH A . 
C 3 HOH 52  952  62  HOH HOH A . 
C 3 HOH 53  953  64  HOH HOH A . 
C 3 HOH 54  954  65  HOH HOH A . 
C 3 HOH 55  955  66  HOH HOH A . 
C 3 HOH 56  956  67  HOH HOH A . 
C 3 HOH 57  957  68  HOH HOH A . 
C 3 HOH 58  958  69  HOH HOH A . 
C 3 HOH 59  959  72  HOH HOH A . 
C 3 HOH 60  960  74  HOH HOH A . 
C 3 HOH 61  961  76  HOH HOH A . 
C 3 HOH 62  962  77  HOH HOH A . 
C 3 HOH 63  963  78  HOH HOH A . 
C 3 HOH 64  964  79  HOH HOH A . 
C 3 HOH 65  965  80  HOH HOH A . 
C 3 HOH 66  966  81  HOH HOH A . 
C 3 HOH 67  967  82  HOH HOH A . 
C 3 HOH 68  968  83  HOH HOH A . 
C 3 HOH 69  969  86  HOH HOH A . 
C 3 HOH 70  970  88  HOH HOH A . 
C 3 HOH 71  971  89  HOH HOH A . 
C 3 HOH 72  972  90  HOH HOH A . 
C 3 HOH 73  973  92  HOH HOH A . 
C 3 HOH 74  974  94  HOH HOH A . 
C 3 HOH 75  975  99  HOH HOH A . 
C 3 HOH 76  976  101 HOH HOH A . 
C 3 HOH 77  977  102 HOH HOH A . 
C 3 HOH 78  978  105 HOH HOH A . 
C 3 HOH 79  979  107 HOH HOH A . 
C 3 HOH 80  980  109 HOH HOH A . 
C 3 HOH 81  981  110 HOH HOH A . 
C 3 HOH 82  982  111 HOH HOH A . 
C 3 HOH 83  983  114 HOH HOH A . 
C 3 HOH 84  984  116 HOH HOH A . 
C 3 HOH 85  985  117 HOH HOH A . 
C 3 HOH 86  986  119 HOH HOH A . 
C 3 HOH 87  987  120 HOH HOH A . 
C 3 HOH 88  988  123 HOH HOH A . 
C 3 HOH 89  989  124 HOH HOH A . 
C 3 HOH 90  990  127 HOH HOH A . 
C 3 HOH 91  991  131 HOH HOH A . 
C 3 HOH 92  992  132 HOH HOH A . 
C 3 HOH 93  993  143 HOH HOH A . 
C 3 HOH 94  994  144 HOH HOH A . 
C 3 HOH 95  995  145 HOH HOH A . 
C 3 HOH 96  996  150 HOH HOH A . 
C 3 HOH 97  997  151 HOH HOH A . 
C 3 HOH 98  998  152 HOH HOH A . 
C 3 HOH 99  999  153 HOH HOH A . 
C 3 HOH 100 1000 154 HOH HOH A . 
C 3 HOH 101 1001 155 HOH HOH A . 
C 3 HOH 102 1002 166 HOH HOH A . 
C 3 HOH 103 1003 171 HOH HOH A . 
C 3 HOH 104 1004 172 HOH HOH A . 
C 3 HOH 105 1005 174 HOH HOH A . 
C 3 HOH 106 1006 175 HOH HOH A . 
C 3 HOH 107 1007 176 HOH HOH A . 
C 3 HOH 108 1008 182 HOH HOH A . 
C 3 HOH 109 1009 185 HOH HOH A . 
C 3 HOH 110 1010 186 HOH HOH A . 
C 3 HOH 111 1011 187 HOH HOH A . 
C 3 HOH 112 1012 189 HOH HOH A . 
C 3 HOH 113 1013 190 HOH HOH A . 
C 3 HOH 114 1014 198 HOH HOH A . 
C 3 HOH 115 1015 204 HOH HOH A . 
C 3 HOH 116 1016 205 HOH HOH A . 
C 3 HOH 117 1017 206 HOH HOH A . 
C 3 HOH 118 1018 207 HOH HOH A . 
C 3 HOH 119 1019 208 HOH HOH A . 
C 3 HOH 120 1020 210 HOH HOH A . 
C 3 HOH 121 1021 211 HOH HOH A . 
C 3 HOH 122 1022 214 HOH HOH A . 
C 3 HOH 123 1023 217 HOH HOH A . 
C 3 HOH 124 1024 218 HOH HOH A . 
C 3 HOH 125 1025 219 HOH HOH A . 
C 3 HOH 126 1026 220 HOH HOH A . 
C 3 HOH 127 1027 223 HOH HOH A . 
C 3 HOH 128 1028 224 HOH HOH A . 
C 3 HOH 129 1029 226 HOH HOH A . 
C 3 HOH 130 1030 227 HOH HOH A . 
C 3 HOH 131 1031 229 HOH HOH A . 
C 3 HOH 132 1032 230 HOH HOH A . 
C 3 HOH 133 1033 231 HOH HOH A . 
C 3 HOH 134 1034 232 HOH HOH A . 
C 3 HOH 135 1035 233 HOH HOH A . 
C 3 HOH 136 1036 234 HOH HOH A . 
C 3 HOH 137 1037 235 HOH HOH A . 
C 3 HOH 138 1038 236 HOH HOH A . 
C 3 HOH 139 1039 237 HOH HOH A . 
C 3 HOH 140 1040 238 HOH HOH A . 
C 3 HOH 141 1041 239 HOH HOH A . 
C 3 HOH 142 1042 240 HOH HOH A . 
# 
loop_
_software.name 
_software.classification 
_software.version 
_software.citation_id 
_software.pdbx_ordinal 
HKL-2000 'data collection' .                        ? 1 
PHENIX   'model building'  '(phenix.refine: 1.5_2)' ? 2 
PHENIX   refinement        '(phenix.refine: 1.5_2)' ? 3 
HKL-2000 'data reduction'  .                        ? 4 
HKL-2000 'data scaling'    .                        ? 5 
PHENIX   phasing           1.5_2                    ? 6 
# 
_cell.entry_id           4G0Z 
_cell.length_a           37.291 
_cell.length_b           60.842 
_cell.length_c           69.076 
_cell.angle_alpha        90.00 
_cell.angle_beta         90.00 
_cell.angle_gamma        90.00 
_cell.Z_PDB              4 
_cell.pdbx_unique_axis   ? 
_cell.length_a_esd       ? 
_cell.length_b_esd       ? 
_cell.length_c_esd       ? 
_cell.angle_alpha_esd    ? 
_cell.angle_beta_esd     ? 
_cell.angle_gamma_esd    ? 
# 
_symmetry.entry_id                         4G0Z 
_symmetry.space_group_name_H-M             'P 21 21 21' 
_symmetry.pdbx_full_space_group_name_H-M   ? 
_symmetry.cell_setting                     ? 
_symmetry.Int_Tables_number                19 
_symmetry.space_group_name_Hall            ? 
# 
_exptl.entry_id          4G0Z 
_exptl.method            'X-RAY DIFFRACTION' 
_exptl.crystals_number   1 
# 
_exptl_crystal.id                    1 
_exptl_crystal.density_meas          ? 
_exptl_crystal.density_Matthews      2.38 
_exptl_crystal.density_percent_sol   48.39 
_exptl_crystal.description           ? 
_exptl_crystal.F_000                 ? 
_exptl_crystal.preparation           ? 
# 
_exptl_crystal_grow.crystal_id      1 
_exptl_crystal_grow.method          'VAPOR DIFFUSION, HANGING DROP' 
_exptl_crystal_grow.temp            277 
_exptl_crystal_grow.temp_details    ? 
_exptl_crystal_grow.pH              4.5 
_exptl_crystal_grow.pdbx_details    
'0.1 M citric acid, 2 M ammonium sulfate, pH 4.5, VAPOR DIFFUSION, HANGING DROP, temperature 277K' 
_exptl_crystal_grow.pdbx_pH_range   ? 
# 
_diffrn.id                     1 
_diffrn.ambient_temp           200 
_diffrn.ambient_temp_details   ? 
_diffrn.crystal_id             1 
# 
_diffrn_detector.diffrn_id              1 
_diffrn_detector.detector               CCD 
_diffrn_detector.type                   'RIGAKU SATURN 944+' 
_diffrn_detector.pdbx_collection_date   2010-03-10 
_diffrn_detector.details                ? 
# 
_diffrn_radiation.diffrn_id                        1 
_diffrn_radiation.wavelength_id                    1 
_diffrn_radiation.pdbx_monochromatic_or_laue_m_l   M 
_diffrn_radiation.monochromator                    'Varimax HF' 
_diffrn_radiation.pdbx_diffrn_protocol             'SINGLE WAVELENGTH' 
_diffrn_radiation.pdbx_scattering_type             x-ray 
# 
_diffrn_radiation_wavelength.id           1 
_diffrn_radiation_wavelength.wavelength   1.5418 
_diffrn_radiation_wavelength.wt           1.0 
# 
_diffrn_source.diffrn_id                   1 
_diffrn_source.source                      'ROTATING ANODE' 
_diffrn_source.type                        'RIGAKU MICROMAX-007 HF' 
_diffrn_source.pdbx_synchrotron_site       ? 
_diffrn_source.pdbx_synchrotron_beamline   ? 
_diffrn_source.pdbx_wavelength             ? 
_diffrn_source.pdbx_wavelength_list        1.5418 
# 
_reflns.entry_id                     4G0Z 
_reflns.observed_criterion_sigma_I   -3 
_reflns.observed_criterion_sigma_F   0 
_reflns.d_resolution_low             31.794 
_reflns.d_resolution_high            1.75 
_reflns.number_obs                   29127 
_reflns.number_all                   29185 
_reflns.percent_possible_obs         99.8 
_reflns.pdbx_netI_over_sigmaI        ? 
_reflns.B_iso_Wilson_estimate        ? 
_reflns.pdbx_redundancy              ? 
_reflns.R_free_details               ? 
_reflns.limit_h_max                  ? 
_reflns.limit_h_min                  ? 
_reflns.limit_k_max                  ? 
_reflns.limit_k_min                  ? 
_reflns.limit_l_max                  ? 
_reflns.limit_l_min                  ? 
_reflns.observed_criterion_F_max     ? 
_reflns.observed_criterion_F_min     ? 
_reflns.pdbx_chi_squared             ? 
_reflns.pdbx_scaling_rejects         ? 
_reflns.pdbx_Rmerge_I_obs            ? 
_reflns.pdbx_Rsym_value              ? 
_reflns.pdbx_ordinal                 1 
_reflns.pdbx_diffrn_id               1 
# 
_reflns_shell.d_res_high             1.75 
_reflns_shell.d_res_low              1.81 
_reflns_shell.percent_possible_all   97.9 
_reflns_shell.Rmerge_I_obs           ? 
_reflns_shell.pdbx_Rsym_value        ? 
_reflns_shell.meanI_over_sigI_obs    ? 
_reflns_shell.pdbx_redundancy        ? 
_reflns_shell.percent_possible_obs   ? 
_reflns_shell.number_unique_all      ? 
_reflns_shell.number_measured_all    ? 
_reflns_shell.number_measured_obs    ? 
_reflns_shell.number_unique_obs      ? 
_reflns_shell.pdbx_chi_squared       ? 
_reflns_shell.pdbx_ordinal           1 
_reflns_shell.pdbx_diffrn_id         1 
# 
_refine.entry_id                                 4G0Z 
_refine.ls_number_reflns_obs                     15054 
_refine.ls_number_reflns_all                     16612 
_refine.pdbx_ls_sigma_I                          ? 
_refine.pdbx_ls_sigma_F                          0.04 
_refine.pdbx_data_cutoff_high_absF               ? 
_refine.pdbx_data_cutoff_low_absF                ? 
_refine.pdbx_data_cutoff_high_rms_absF           ? 
_refine.ls_d_res_low                             31.794 
_refine.ls_d_res_high                            1.75 
_refine.ls_percent_reflns_obs                    90.57 
_refine.ls_R_factor_obs                          0.1886 
_refine.ls_R_factor_R_work                       0.1869 
_refine.ls_R_factor_R_free                       0.2254 
_refine.ls_R_factor_R_free_error                 ? 
_refine.ls_R_factor_R_free_error_details         ? 
_refine.ls_percent_reflns_R_free                 4.49 
_refine.ls_number_reflns_R_free                  676 
_refine.ls_number_parameters                     ? 
_refine.ls_number_restraints                     ? 
_refine.occupancy_min                            ? 
_refine.occupancy_max                            ? 
_refine.correlation_coeff_Fo_to_Fc               ? 
_refine.correlation_coeff_Fo_to_Fc_free          ? 
_refine.B_iso_mean                               ? 
_refine.aniso_B[1][1]                            1.6994 
_refine.aniso_B[2][2]                            -4.9831 
_refine.aniso_B[3][3]                            3.2836 
_refine.aniso_B[1][2]                            -0.0000 
_refine.aniso_B[1][3]                            0.0000 
_refine.aniso_B[2][3]                            -0.0000 
_refine.solvent_model_details                    'FLAT BULK SOLVENT MODEL' 
_refine.solvent_model_param_ksol                 0.343 
_refine.solvent_model_param_bsol                 26.271 
_refine.pdbx_solvent_vdw_probe_radii             1.11 
_refine.pdbx_solvent_ion_probe_radii             ? 
_refine.pdbx_solvent_shrinkage_radii             0.90 
_refine.pdbx_ls_cross_valid_method               ? 
_refine.details                                  ? 
_refine.pdbx_starting_model                      ? 
_refine.pdbx_method_to_determine_struct          'FOURIER SYNTHESIS' 
_refine.pdbx_isotropic_thermal_model             ? 
_refine.pdbx_stereochemistry_target_values       ML 
_refine.pdbx_stereochem_target_val_spec_case     ? 
_refine.pdbx_R_Free_selection_details            random 
_refine.pdbx_overall_ESU_R                       ? 
_refine.pdbx_overall_ESU_R_Free                  ? 
_refine.overall_SU_ML                            0.20 
_refine.pdbx_overall_phase_error                 20.72 
_refine.overall_SU_B                             ? 
_refine.overall_SU_R_Cruickshank_DPI             ? 
_refine.ls_redundancy_reflns_obs                 ? 
_refine.B_iso_min                                ? 
_refine.B_iso_max                                ? 
_refine.overall_SU_R_free                        ? 
_refine.ls_wR_factor_R_free                      ? 
_refine.ls_wR_factor_R_work                      ? 
_refine.overall_FOM_free_R_set                   ? 
_refine.overall_FOM_work_R_set                   ? 
_refine.ls_R_factor_all                          ? 
_refine.pdbx_diffrn_id                           1 
_refine.pdbx_refine_id                           'X-RAY DIFFRACTION' 
_refine.pdbx_TLS_residual_ADP_flag               ? 
_refine.pdbx_overall_SU_R_free_Cruickshank_DPI   ? 
_refine.pdbx_overall_SU_R_Blow_DPI               ? 
_refine.pdbx_overall_SU_R_free_Blow_DPI          ? 
# 
_refine_hist.pdbx_refine_id                   'X-RAY DIFFRACTION' 
_refine_hist.cycle_id                         LAST 
_refine_hist.pdbx_number_atoms_protein        1146 
_refine_hist.pdbx_number_atoms_nucleic_acid   0 
_refine_hist.pdbx_number_atoms_ligand         24 
_refine_hist.number_atoms_solvent             142 
_refine_hist.number_atoms_total               1312 
_refine_hist.d_res_high                       1.75 
_refine_hist.d_res_low                        31.794 
# 
loop_
_refine_ls_restr.type 
_refine_ls_restr.dev_ideal 
_refine_ls_restr.dev_ideal_target 
_refine_ls_restr.weight 
_refine_ls_restr.number 
_refine_ls_restr.pdbx_restraint_function 
_refine_ls_restr.pdbx_refine_id 
f_bond_d           0.006  ? ? 1195 ? 'X-RAY DIFFRACTION' 
f_angle_d          1.027  ? ? 1620 ? 'X-RAY DIFFRACTION' 
f_dihedral_angle_d 20.344 ? ? 454  ? 'X-RAY DIFFRACTION' 
f_chiral_restr     0.067  ? ? 188  ? 'X-RAY DIFFRACTION' 
f_plane_restr      0.003  ? ? 204  ? 'X-RAY DIFFRACTION' 
# 
loop_
_refine_ls_shell.pdbx_total_number_of_bins_used 
_refine_ls_shell.d_res_high 
_refine_ls_shell.d_res_low 
_refine_ls_shell.number_reflns_R_work 
_refine_ls_shell.R_factor_R_work 
_refine_ls_shell.percent_reflns_obs 
_refine_ls_shell.R_factor_R_free 
_refine_ls_shell.R_factor_R_free_error 
_refine_ls_shell.percent_reflns_R_free 
_refine_ls_shell.number_reflns_R_free 
_refine_ls_shell.number_reflns_all 
_refine_ls_shell.R_factor_all 
_refine_ls_shell.number_reflns_obs 
_refine_ls_shell.redundancy_reflns_obs 
_refine_ls_shell.pdbx_refine_id 
. 1.75   1.8779 2306 0.2173 74.00 0.2833 . . 117 . . . . 'X-RAY DIFFRACTION' 
. 1.8779 2.0669 2805 0.1789 90.00 0.2269 . . 132 . . . . 'X-RAY DIFFRACTION' 
. 2.0669 2.3659 3039 0.1765 97.00 0.2390 . . 148 . . . . 'X-RAY DIFFRACTION' 
. 2.3659 2.9804 2978 0.1884 94.00 0.2234 . . 130 . . . . 'X-RAY DIFFRACTION' 
. 2.9804 31.794 3250 0.1826 98.00 0.2053 . . 149 . . . . 'X-RAY DIFFRACTION' 
# 
_struct.entry_id                  4G0Z 
_struct.title                     'Crystal structure of Arabidopsis thaliana AGO1 MID domain in complex with GMP' 
_struct.pdbx_model_details        ? 
_struct.pdbx_CASP_flag            ? 
_struct.pdbx_model_type_details   ? 
# 
_struct_keywords.entry_id        4G0Z 
_struct_keywords.pdbx_keywords   'GENE REGULATION' 
_struct_keywords.text            'MID domain, GENE REGULATION' 
# 
loop_
_struct_asym.id 
_struct_asym.pdbx_blank_PDB_chainid_flag 
_struct_asym.pdbx_modified 
_struct_asym.entity_id 
_struct_asym.details 
A N N 1 ? 
B N N 2 ? 
C N N 3 ? 
# 
_struct_ref.id                         1 
_struct_ref.db_name                    UNP 
_struct_ref.db_code                    AGO1_ARATH 
_struct_ref.pdbx_db_accession          O04379 
_struct_ref.entity_id                  1 
_struct_ref.pdbx_seq_one_letter_code   
;NKKMINGGTVNNWICINFSRQVQDNLARTFCQELAQMCYVSGMAFNPEPVLPPVSARPEQVEKVLKTRYHDATSKLSQGK
EIDLLIVILPDNNGSLYGDLKRICETELGIVSQCCLTKHVFKMSKQYMANVALKINVKVGGRNTVL
;
_struct_ref.pdbx_align_begin           593 
_struct_ref.pdbx_db_isoform            ? 
# 
_struct_ref_seq.align_id                      1 
_struct_ref_seq.ref_id                        1 
_struct_ref_seq.pdbx_PDB_id_code              4G0Z 
_struct_ref_seq.pdbx_strand_id                A 
_struct_ref_seq.seq_align_beg                 2 
_struct_ref_seq.pdbx_seq_align_beg_ins_code   ? 
_struct_ref_seq.seq_align_end                 147 
_struct_ref_seq.pdbx_seq_align_end_ins_code   ? 
_struct_ref_seq.pdbx_db_accession             O04379 
_struct_ref_seq.db_align_beg                  593 
_struct_ref_seq.pdbx_db_align_beg_ins_code    ? 
_struct_ref_seq.db_align_end                  738 
_struct_ref_seq.pdbx_db_align_end_ins_code    ? 
_struct_ref_seq.pdbx_auth_seq_align_beg       595 
_struct_ref_seq.pdbx_auth_seq_align_end       740 
# 
_struct_ref_seq_dif.align_id                     1 
_struct_ref_seq_dif.pdbx_pdb_id_code             4G0Z 
_struct_ref_seq_dif.mon_id                       SER 
_struct_ref_seq_dif.pdbx_pdb_strand_id           A 
_struct_ref_seq_dif.seq_num                      1 
_struct_ref_seq_dif.pdbx_pdb_ins_code            ? 
_struct_ref_seq_dif.pdbx_seq_db_name             UNP 
_struct_ref_seq_dif.pdbx_seq_db_accession_code   O04379 
_struct_ref_seq_dif.db_mon_id                    ? 
_struct_ref_seq_dif.pdbx_seq_db_seq_num          ? 
_struct_ref_seq_dif.details                      'expression tag' 
_struct_ref_seq_dif.pdbx_auth_seq_num            594 
_struct_ref_seq_dif.pdbx_ordinal                 1 
# 
_pdbx_struct_assembly.id                   1 
_pdbx_struct_assembly.details              author_and_software_defined_assembly 
_pdbx_struct_assembly.method_details       PISA 
_pdbx_struct_assembly.oligomeric_details   monomeric 
_pdbx_struct_assembly.oligomeric_count     1 
# 
_pdbx_struct_assembly_gen.assembly_id       1 
_pdbx_struct_assembly_gen.oper_expression   1 
_pdbx_struct_assembly_gen.asym_id_list      A,B,C 
# 
_pdbx_struct_oper_list.id                   1 
_pdbx_struct_oper_list.type                 'identity operation' 
_pdbx_struct_oper_list.name                 1_555 
_pdbx_struct_oper_list.symmetry_operation   x,y,z 
_pdbx_struct_oper_list.matrix[1][1]         1.0000000000 
_pdbx_struct_oper_list.matrix[1][2]         0.0000000000 
_pdbx_struct_oper_list.matrix[1][3]         0.0000000000 
_pdbx_struct_oper_list.vector[1]            0.0000000000 
_pdbx_struct_oper_list.matrix[2][1]         0.0000000000 
_pdbx_struct_oper_list.matrix[2][2]         1.0000000000 
_pdbx_struct_oper_list.matrix[2][3]         0.0000000000 
_pdbx_struct_oper_list.vector[2]            0.0000000000 
_pdbx_struct_oper_list.matrix[3][1]         0.0000000000 
_pdbx_struct_oper_list.matrix[3][2]         0.0000000000 
_pdbx_struct_oper_list.matrix[3][3]         1.0000000000 
_pdbx_struct_oper_list.vector[3]            0.0000000000 
# 
_struct_biol.id        1 
_struct_biol.details   ? 
# 
loop_
_struct_conf.conf_type_id 
_struct_conf.id 
_struct_conf.pdbx_PDB_helix_id 
_struct_conf.beg_label_comp_id 
_struct_conf.beg_label_asym_id 
_struct_conf.beg_label_seq_id 
_struct_conf.pdbx_beg_PDB_ins_code 
_struct_conf.end_label_comp_id 
_struct_conf.end_label_asym_id 
_struct_conf.end_label_seq_id 
_struct_conf.pdbx_end_PDB_ins_code 
_struct_conf.beg_auth_comp_id 
_struct_conf.beg_auth_asym_id 
_struct_conf.beg_auth_seq_id 
_struct_conf.end_auth_comp_id 
_struct_conf.end_auth_asym_id 
_struct_conf.end_auth_seq_id 
_struct_conf.pdbx_PDB_helix_class 
_struct_conf.details 
_struct_conf.pdbx_PDB_helix_length 
HELX_P HELX_P1 1 GLN A 24  ? GLY A 43  ? GLN A 617 GLY A 636 1 ? 20 
HELX_P HELX_P2 2 ARG A 58  ? GLU A 60  ? ARG A 651 GLU A 653 5 ? 3  
HELX_P HELX_P3 3 GLN A 61  ? LYS A 76  ? GLN A 654 LYS A 669 1 ? 16 
HELX_P HELX_P4 4 SER A 96  ? GLU A 108 ? SER A 689 GLU A 701 1 ? 13 
HELX_P HELX_P5 5 THR A 118 ? MET A 124 ? THR A 711 MET A 717 1 ? 7  
HELX_P HELX_P6 6 SER A 125 ? VAL A 140 ? SER A 718 VAL A 733 1 ? 16 
# 
_struct_conf_type.id          HELX_P 
_struct_conf_type.criteria    ? 
_struct_conf_type.reference   ? 
# 
loop_
_struct_sheet.id 
_struct_sheet.type 
_struct_sheet.number_strands 
_struct_sheet.details 
A ? 2 ? 
B ? 2 ? 
C ? 4 ? 
# 
loop_
_struct_sheet_order.sheet_id 
_struct_sheet_order.range_id_1 
_struct_sheet_order.range_id_2 
_struct_sheet_order.offset 
_struct_sheet_order.sense 
A 1 2 ? anti-parallel 
B 1 2 ? parallel      
C 1 2 ? parallel      
C 2 3 ? parallel      
C 3 4 ? parallel      
# 
loop_
_struct_sheet_range.sheet_id 
_struct_sheet_range.id 
_struct_sheet_range.beg_label_comp_id 
_struct_sheet_range.beg_label_asym_id 
_struct_sheet_range.beg_label_seq_id 
_struct_sheet_range.pdbx_beg_PDB_ins_code 
_struct_sheet_range.end_label_comp_id 
_struct_sheet_range.end_label_asym_id 
_struct_sheet_range.end_label_seq_id 
_struct_sheet_range.pdbx_end_PDB_ins_code 
_struct_sheet_range.beg_auth_comp_id 
_struct_sheet_range.beg_auth_asym_id 
_struct_sheet_range.beg_auth_seq_id 
_struct_sheet_range.end_auth_comp_id 
_struct_sheet_range.end_auth_asym_id 
_struct_sheet_range.end_auth_seq_id 
A 1 MET A 5   ? ASN A 7   ? MET A 598 ASN A 600 
A 2 ARG A 143 ? ASN A 144 ? ARG A 736 ASN A 737 
B 1 THR A 10  ? VAL A 11  ? THR A 603 VAL A 604 
B 2 ALA A 45  ? PHE A 46  ? ALA A 638 PHE A 639 
C 1 VAL A 55  ? SER A 56  ? VAL A 648 SER A 649 
C 2 TRP A 14  ? ASN A 18  ? TRP A 607 ASN A 611 
C 3 LEU A 85  ? LEU A 90  ? LEU A 678 LEU A 683 
C 4 SER A 113 ? LEU A 117 ? SER A 706 LEU A 710 
# 
loop_
_pdbx_struct_sheet_hbond.sheet_id 
_pdbx_struct_sheet_hbond.range_id_1 
_pdbx_struct_sheet_hbond.range_id_2 
_pdbx_struct_sheet_hbond.range_1_label_atom_id 
_pdbx_struct_sheet_hbond.range_1_label_comp_id 
_pdbx_struct_sheet_hbond.range_1_label_asym_id 
_pdbx_struct_sheet_hbond.range_1_label_seq_id 
_pdbx_struct_sheet_hbond.range_1_PDB_ins_code 
_pdbx_struct_sheet_hbond.range_1_auth_atom_id 
_pdbx_struct_sheet_hbond.range_1_auth_comp_id 
_pdbx_struct_sheet_hbond.range_1_auth_asym_id 
_pdbx_struct_sheet_hbond.range_1_auth_seq_id 
_pdbx_struct_sheet_hbond.range_2_label_atom_id 
_pdbx_struct_sheet_hbond.range_2_label_comp_id 
_pdbx_struct_sheet_hbond.range_2_label_asym_id 
_pdbx_struct_sheet_hbond.range_2_label_seq_id 
_pdbx_struct_sheet_hbond.range_2_PDB_ins_code 
_pdbx_struct_sheet_hbond.range_2_auth_atom_id 
_pdbx_struct_sheet_hbond.range_2_auth_comp_id 
_pdbx_struct_sheet_hbond.range_2_auth_asym_id 
_pdbx_struct_sheet_hbond.range_2_auth_seq_id 
A 1 2 N ILE A 6  ? N ILE A 599 O ARG A 143 ? O ARG A 736 
B 1 2 N VAL A 11 ? N VAL A 604 O ALA A 45  ? O ALA A 638 
C 1 2 O VAL A 55 ? O VAL A 648 N ASN A 18  ? N ASN A 611 
C 2 3 N ILE A 15 ? N ILE A 608 O ILE A 87  ? O ILE A 680 
C 3 4 N VAL A 88 ? N VAL A 681 O GLN A 114 ? O GLN A 707 
# 
_struct_site.id                   AC1 
_struct_site.pdbx_evidence_code   Software 
_struct_site.pdbx_auth_asym_id    A 
_struct_site.pdbx_auth_comp_id    5GP 
_struct_site.pdbx_auth_seq_id     801 
_struct_site.pdbx_auth_ins_code   ? 
_struct_site.pdbx_num_residues    14 
_struct_site.details              'BINDING SITE FOR RESIDUE 5GP A 801' 
# 
loop_
_struct_site_gen.id 
_struct_site_gen.site_id 
_struct_site_gen.pdbx_num_res 
_struct_site_gen.label_comp_id 
_struct_site_gen.label_asym_id 
_struct_site_gen.label_seq_id 
_struct_site_gen.pdbx_auth_ins_code 
_struct_site_gen.auth_comp_id 
_struct_site_gen.auth_asym_id 
_struct_site_gen.auth_seq_id 
_struct_site_gen.label_atom_id 
_struct_site_gen.label_alt_id 
_struct_site_gen.symmetry 
_struct_site_gen.details 
1  AC1 14 ASN A 94  ? ASN A 687  . ? 1_555 ? 
2  AC1 14 TYR A 98  ? TYR A 691  . ? 1_555 ? 
3  AC1 14 LYS A 102 ? LYS A 695  . ? 1_555 ? 
4  AC1 14 SER A 113 ? SER A 706  . ? 1_555 ? 
5  AC1 14 GLN A 114 ? GLN A 707  . ? 1_555 ? 
6  AC1 14 CYS A 115 ? CYS A 708  . ? 1_555 ? 
7  AC1 14 LEU A 117 ? LEU A 710  . ? 1_555 ? 
8  AC1 14 LYS A 135 ? LYS A 728  . ? 1_555 ? 
9  AC1 14 LYS A 139 ? LYS A 732  . ? 1_555 ? 
10 AC1 14 HOH C .   ? HOH A 934  . ? 1_555 ? 
11 AC1 14 HOH C .   ? HOH A 970  . ? 1_555 ? 
12 AC1 14 HOH C .   ? HOH A 1003 . ? 1_555 ? 
13 AC1 14 HOH C .   ? HOH A 1004 . ? 1_555 ? 
14 AC1 14 HOH C .   ? HOH A 1006 . ? 1_555 ? 
# 
loop_
_chem_comp_atom.comp_id 
_chem_comp_atom.atom_id 
_chem_comp_atom.type_symbol 
_chem_comp_atom.pdbx_aromatic_flag 
_chem_comp_atom.pdbx_stereo_config 
_chem_comp_atom.pdbx_ordinal 
5GP P      P N N 1   
5GP O1P    O N N 2   
5GP O2P    O N N 3   
5GP O3P    O N N 4   
5GP "O5'"  O N N 5   
5GP "C5'"  C N N 6   
5GP "C4'"  C N R 7   
5GP "O4'"  O N N 8   
5GP "C3'"  C N S 9   
5GP "O3'"  O N N 10  
5GP "C2'"  C N R 11  
5GP "O2'"  O N N 12  
5GP "C1'"  C N R 13  
5GP N9     N Y N 14  
5GP C8     C Y N 15  
5GP N7     N Y N 16  
5GP C5     C Y N 17  
5GP C6     C N N 18  
5GP O6     O N N 19  
5GP N1     N N N 20  
5GP C2     C N N 21  
5GP N2     N N N 22  
5GP N3     N N N 23  
5GP C4     C Y N 24  
5GP HOP2   H N N 25  
5GP HOP3   H N N 26  
5GP "H5'1" H N N 27  
5GP "H5'2" H N N 28  
5GP "H4'"  H N N 29  
5GP "H3'"  H N N 30  
5GP "HO3'" H N N 31  
5GP "H2'"  H N N 32  
5GP "HO2'" H N N 33  
5GP "H1'"  H N N 34  
5GP H8     H N N 35  
5GP HN1    H N N 36  
5GP HN21   H N N 37  
5GP HN22   H N N 38  
ALA N      N N N 39  
ALA CA     C N S 40  
ALA C      C N N 41  
ALA O      O N N 42  
ALA CB     C N N 43  
ALA OXT    O N N 44  
ALA H      H N N 45  
ALA H2     H N N 46  
ALA HA     H N N 47  
ALA HB1    H N N 48  
ALA HB2    H N N 49  
ALA HB3    H N N 50  
ALA HXT    H N N 51  
ARG N      N N N 52  
ARG CA     C N S 53  
ARG C      C N N 54  
ARG O      O N N 55  
ARG CB     C N N 56  
ARG CG     C N N 57  
ARG CD     C N N 58  
ARG NE     N N N 59  
ARG CZ     C N N 60  
ARG NH1    N N N 61  
ARG NH2    N N N 62  
ARG OXT    O N N 63  
ARG H      H N N 64  
ARG H2     H N N 65  
ARG HA     H N N 66  
ARG HB2    H N N 67  
ARG HB3    H N N 68  
ARG HG2    H N N 69  
ARG HG3    H N N 70  
ARG HD2    H N N 71  
ARG HD3    H N N 72  
ARG HE     H N N 73  
ARG HH11   H N N 74  
ARG HH12   H N N 75  
ARG HH21   H N N 76  
ARG HH22   H N N 77  
ARG HXT    H N N 78  
ASN N      N N N 79  
ASN CA     C N S 80  
ASN C      C N N 81  
ASN O      O N N 82  
ASN CB     C N N 83  
ASN CG     C N N 84  
ASN OD1    O N N 85  
ASN ND2    N N N 86  
ASN OXT    O N N 87  
ASN H      H N N 88  
ASN H2     H N N 89  
ASN HA     H N N 90  
ASN HB2    H N N 91  
ASN HB3    H N N 92  
ASN HD21   H N N 93  
ASN HD22   H N N 94  
ASN HXT    H N N 95  
ASP N      N N N 96  
ASP CA     C N S 97  
ASP C      C N N 98  
ASP O      O N N 99  
ASP CB     C N N 100 
ASP CG     C N N 101 
ASP OD1    O N N 102 
ASP OD2    O N N 103 
ASP OXT    O N N 104 
ASP H      H N N 105 
ASP H2     H N N 106 
ASP HA     H N N 107 
ASP HB2    H N N 108 
ASP HB3    H N N 109 
ASP HD2    H N N 110 
ASP HXT    H N N 111 
CYS N      N N N 112 
CYS CA     C N R 113 
CYS C      C N N 114 
CYS O      O N N 115 
CYS CB     C N N 116 
CYS SG     S N N 117 
CYS OXT    O N N 118 
CYS H      H N N 119 
CYS H2     H N N 120 
CYS HA     H N N 121 
CYS HB2    H N N 122 
CYS HB3    H N N 123 
CYS HG     H N N 124 
CYS HXT    H N N 125 
GLN N      N N N 126 
GLN CA     C N S 127 
GLN C      C N N 128 
GLN O      O N N 129 
GLN CB     C N N 130 
GLN CG     C N N 131 
GLN CD     C N N 132 
GLN OE1    O N N 133 
GLN NE2    N N N 134 
GLN OXT    O N N 135 
GLN H      H N N 136 
GLN H2     H N N 137 
GLN HA     H N N 138 
GLN HB2    H N N 139 
GLN HB3    H N N 140 
GLN HG2    H N N 141 
GLN HG3    H N N 142 
GLN HE21   H N N 143 
GLN HE22   H N N 144 
GLN HXT    H N N 145 
GLU N      N N N 146 
GLU CA     C N S 147 
GLU C      C N N 148 
GLU O      O N N 149 
GLU CB     C N N 150 
GLU CG     C N N 151 
GLU CD     C N N 152 
GLU OE1    O N N 153 
GLU OE2    O N N 154 
GLU OXT    O N N 155 
GLU H      H N N 156 
GLU H2     H N N 157 
GLU HA     H N N 158 
GLU HB2    H N N 159 
GLU HB3    H N N 160 
GLU HG2    H N N 161 
GLU HG3    H N N 162 
GLU HE2    H N N 163 
GLU HXT    H N N 164 
GLY N      N N N 165 
GLY CA     C N N 166 
GLY C      C N N 167 
GLY O      O N N 168 
GLY OXT    O N N 169 
GLY H      H N N 170 
GLY H2     H N N 171 
GLY HA2    H N N 172 
GLY HA3    H N N 173 
GLY HXT    H N N 174 
HIS N      N N N 175 
HIS CA     C N S 176 
HIS C      C N N 177 
HIS O      O N N 178 
HIS CB     C N N 179 
HIS CG     C Y N 180 
HIS ND1    N Y N 181 
HIS CD2    C Y N 182 
HIS CE1    C Y N 183 
HIS NE2    N Y N 184 
HIS OXT    O N N 185 
HIS H      H N N 186 
HIS H2     H N N 187 
HIS HA     H N N 188 
HIS HB2    H N N 189 
HIS HB3    H N N 190 
HIS HD1    H N N 191 
HIS HD2    H N N 192 
HIS HE1    H N N 193 
HIS HE2    H N N 194 
HIS HXT    H N N 195 
HOH O      O N N 196 
HOH H1     H N N 197 
HOH H2     H N N 198 
ILE N      N N N 199 
ILE CA     C N S 200 
ILE C      C N N 201 
ILE O      O N N 202 
ILE CB     C N S 203 
ILE CG1    C N N 204 
ILE CG2    C N N 205 
ILE CD1    C N N 206 
ILE OXT    O N N 207 
ILE H      H N N 208 
ILE H2     H N N 209 
ILE HA     H N N 210 
ILE HB     H N N 211 
ILE HG12   H N N 212 
ILE HG13   H N N 213 
ILE HG21   H N N 214 
ILE HG22   H N N 215 
ILE HG23   H N N 216 
ILE HD11   H N N 217 
ILE HD12   H N N 218 
ILE HD13   H N N 219 
ILE HXT    H N N 220 
LEU N      N N N 221 
LEU CA     C N S 222 
LEU C      C N N 223 
LEU O      O N N 224 
LEU CB     C N N 225 
LEU CG     C N N 226 
LEU CD1    C N N 227 
LEU CD2    C N N 228 
LEU OXT    O N N 229 
LEU H      H N N 230 
LEU H2     H N N 231 
LEU HA     H N N 232 
LEU HB2    H N N 233 
LEU HB3    H N N 234 
LEU HG     H N N 235 
LEU HD11   H N N 236 
LEU HD12   H N N 237 
LEU HD13   H N N 238 
LEU HD21   H N N 239 
LEU HD22   H N N 240 
LEU HD23   H N N 241 
LEU HXT    H N N 242 
LYS N      N N N 243 
LYS CA     C N S 244 
LYS C      C N N 245 
LYS O      O N N 246 
LYS CB     C N N 247 
LYS CG     C N N 248 
LYS CD     C N N 249 
LYS CE     C N N 250 
LYS NZ     N N N 251 
LYS OXT    O N N 252 
LYS H      H N N 253 
LYS H2     H N N 254 
LYS HA     H N N 255 
LYS HB2    H N N 256 
LYS HB3    H N N 257 
LYS HG2    H N N 258 
LYS HG3    H N N 259 
LYS HD2    H N N 260 
LYS HD3    H N N 261 
LYS HE2    H N N 262 
LYS HE3    H N N 263 
LYS HZ1    H N N 264 
LYS HZ2    H N N 265 
LYS HZ3    H N N 266 
LYS HXT    H N N 267 
MET N      N N N 268 
MET CA     C N S 269 
MET C      C N N 270 
MET O      O N N 271 
MET CB     C N N 272 
MET CG     C N N 273 
MET SD     S N N 274 
MET CE     C N N 275 
MET OXT    O N N 276 
MET H      H N N 277 
MET H2     H N N 278 
MET HA     H N N 279 
MET HB2    H N N 280 
MET HB3    H N N 281 
MET HG2    H N N 282 
MET HG3    H N N 283 
MET HE1    H N N 284 
MET HE2    H N N 285 
MET HE3    H N N 286 
MET HXT    H N N 287 
PHE N      N N N 288 
PHE CA     C N S 289 
PHE C      C N N 290 
PHE O      O N N 291 
PHE CB     C N N 292 
PHE CG     C Y N 293 
PHE CD1    C Y N 294 
PHE CD2    C Y N 295 
PHE CE1    C Y N 296 
PHE CE2    C Y N 297 
PHE CZ     C Y N 298 
PHE OXT    O N N 299 
PHE H      H N N 300 
PHE H2     H N N 301 
PHE HA     H N N 302 
PHE HB2    H N N 303 
PHE HB3    H N N 304 
PHE HD1    H N N 305 
PHE HD2    H N N 306 
PHE HE1    H N N 307 
PHE HE2    H N N 308 
PHE HZ     H N N 309 
PHE HXT    H N N 310 
PRO N      N N N 311 
PRO CA     C N S 312 
PRO C      C N N 313 
PRO O      O N N 314 
PRO CB     C N N 315 
PRO CG     C N N 316 
PRO CD     C N N 317 
PRO OXT    O N N 318 
PRO H      H N N 319 
PRO HA     H N N 320 
PRO HB2    H N N 321 
PRO HB3    H N N 322 
PRO HG2    H N N 323 
PRO HG3    H N N 324 
PRO HD2    H N N 325 
PRO HD3    H N N 326 
PRO HXT    H N N 327 
SER N      N N N 328 
SER CA     C N S 329 
SER C      C N N 330 
SER O      O N N 331 
SER CB     C N N 332 
SER OG     O N N 333 
SER OXT    O N N 334 
SER H      H N N 335 
SER H2     H N N 336 
SER HA     H N N 337 
SER HB2    H N N 338 
SER HB3    H N N 339 
SER HG     H N N 340 
SER HXT    H N N 341 
THR N      N N N 342 
THR CA     C N S 343 
THR C      C N N 344 
THR O      O N N 345 
THR CB     C N R 346 
THR OG1    O N N 347 
THR CG2    C N N 348 
THR OXT    O N N 349 
THR H      H N N 350 
THR H2     H N N 351 
THR HA     H N N 352 
THR HB     H N N 353 
THR HG1    H N N 354 
THR HG21   H N N 355 
THR HG22   H N N 356 
THR HG23   H N N 357 
THR HXT    H N N 358 
TRP N      N N N 359 
TRP CA     C N S 360 
TRP C      C N N 361 
TRP O      O N N 362 
TRP CB     C N N 363 
TRP CG     C Y N 364 
TRP CD1    C Y N 365 
TRP CD2    C Y N 366 
TRP NE1    N Y N 367 
TRP CE2    C Y N 368 
TRP CE3    C Y N 369 
TRP CZ2    C Y N 370 
TRP CZ3    C Y N 371 
TRP CH2    C Y N 372 
TRP OXT    O N N 373 
TRP H      H N N 374 
TRP H2     H N N 375 
TRP HA     H N N 376 
TRP HB2    H N N 377 
TRP HB3    H N N 378 
TRP HD1    H N N 379 
TRP HE1    H N N 380 
TRP HE3    H N N 381 
TRP HZ2    H N N 382 
TRP HZ3    H N N 383 
TRP HH2    H N N 384 
TRP HXT    H N N 385 
TYR N      N N N 386 
TYR CA     C N S 387 
TYR C      C N N 388 
TYR O      O N N 389 
TYR CB     C N N 390 
TYR CG     C Y N 391 
TYR CD1    C Y N 392 
TYR CD2    C Y N 393 
TYR CE1    C Y N 394 
TYR CE2    C Y N 395 
TYR CZ     C Y N 396 
TYR OH     O N N 397 
TYR OXT    O N N 398 
TYR H      H N N 399 
TYR H2     H N N 400 
TYR HA     H N N 401 
TYR HB2    H N N 402 
TYR HB3    H N N 403 
TYR HD1    H N N 404 
TYR HD2    H N N 405 
TYR HE1    H N N 406 
TYR HE2    H N N 407 
TYR HH     H N N 408 
TYR HXT    H N N 409 
VAL N      N N N 410 
VAL CA     C N S 411 
VAL C      C N N 412 
VAL O      O N N 413 
VAL CB     C N N 414 
VAL CG1    C N N 415 
VAL CG2    C N N 416 
VAL OXT    O N N 417 
VAL H      H N N 418 
VAL H2     H N N 419 
VAL HA     H N N 420 
VAL HB     H N N 421 
VAL HG11   H N N 422 
VAL HG12   H N N 423 
VAL HG13   H N N 424 
VAL HG21   H N N 425 
VAL HG22   H N N 426 
VAL HG23   H N N 427 
VAL HXT    H N N 428 
# 
loop_
_chem_comp_bond.comp_id 
_chem_comp_bond.atom_id_1 
_chem_comp_bond.atom_id_2 
_chem_comp_bond.value_order 
_chem_comp_bond.pdbx_aromatic_flag 
_chem_comp_bond.pdbx_stereo_config 
_chem_comp_bond.pdbx_ordinal 
5GP P     O1P    doub N N 1   
5GP P     O2P    sing N N 2   
5GP P     O3P    sing N N 3   
5GP P     "O5'"  sing N N 4   
5GP O2P   HOP2   sing N N 5   
5GP O3P   HOP3   sing N N 6   
5GP "O5'" "C5'"  sing N N 7   
5GP "C5'" "C4'"  sing N N 8   
5GP "C5'" "H5'1" sing N N 9   
5GP "C5'" "H5'2" sing N N 10  
5GP "C4'" "O4'"  sing N N 11  
5GP "C4'" "C3'"  sing N N 12  
5GP "C4'" "H4'"  sing N N 13  
5GP "O4'" "C1'"  sing N N 14  
5GP "C3'" "O3'"  sing N N 15  
5GP "C3'" "C2'"  sing N N 16  
5GP "C3'" "H3'"  sing N N 17  
5GP "O3'" "HO3'" sing N N 18  
5GP "C2'" "O2'"  sing N N 19  
5GP "C2'" "C1'"  sing N N 20  
5GP "C2'" "H2'"  sing N N 21  
5GP "O2'" "HO2'" sing N N 22  
5GP "C1'" N9     sing N N 23  
5GP "C1'" "H1'"  sing N N 24  
5GP N9    C8     sing Y N 25  
5GP N9    C4     sing Y N 26  
5GP C8    N7     doub Y N 27  
5GP C8    H8     sing N N 28  
5GP N7    C5     sing Y N 29  
5GP C5    C6     sing N N 30  
5GP C5    C4     doub Y N 31  
5GP C6    O6     doub N N 32  
5GP C6    N1     sing N N 33  
5GP N1    C2     sing N N 34  
5GP N1    HN1    sing N N 35  
5GP C2    N2     sing N N 36  
5GP C2    N3     doub N N 37  
5GP N2    HN21   sing N N 38  
5GP N2    HN22   sing N N 39  
5GP N3    C4     sing N N 40  
ALA N     CA     sing N N 41  
ALA N     H      sing N N 42  
ALA N     H2     sing N N 43  
ALA CA    C      sing N N 44  
ALA CA    CB     sing N N 45  
ALA CA    HA     sing N N 46  
ALA C     O      doub N N 47  
ALA C     OXT    sing N N 48  
ALA CB    HB1    sing N N 49  
ALA CB    HB2    sing N N 50  
ALA CB    HB3    sing N N 51  
ALA OXT   HXT    sing N N 52  
ARG N     CA     sing N N 53  
ARG N     H      sing N N 54  
ARG N     H2     sing N N 55  
ARG CA    C      sing N N 56  
ARG CA    CB     sing N N 57  
ARG CA    HA     sing N N 58  
ARG C     O      doub N N 59  
ARG C     OXT    sing N N 60  
ARG CB    CG     sing N N 61  
ARG CB    HB2    sing N N 62  
ARG CB    HB3    sing N N 63  
ARG CG    CD     sing N N 64  
ARG CG    HG2    sing N N 65  
ARG CG    HG3    sing N N 66  
ARG CD    NE     sing N N 67  
ARG CD    HD2    sing N N 68  
ARG CD    HD3    sing N N 69  
ARG NE    CZ     sing N N 70  
ARG NE    HE     sing N N 71  
ARG CZ    NH1    sing N N 72  
ARG CZ    NH2    doub N N 73  
ARG NH1   HH11   sing N N 74  
ARG NH1   HH12   sing N N 75  
ARG NH2   HH21   sing N N 76  
ARG NH2   HH22   sing N N 77  
ARG OXT   HXT    sing N N 78  
ASN N     CA     sing N N 79  
ASN N     H      sing N N 80  
ASN N     H2     sing N N 81  
ASN CA    C      sing N N 82  
ASN CA    CB     sing N N 83  
ASN CA    HA     sing N N 84  
ASN C     O      doub N N 85  
ASN C     OXT    sing N N 86  
ASN CB    CG     sing N N 87  
ASN CB    HB2    sing N N 88  
ASN CB    HB3    sing N N 89  
ASN CG    OD1    doub N N 90  
ASN CG    ND2    sing N N 91  
ASN ND2   HD21   sing N N 92  
ASN ND2   HD22   sing N N 93  
ASN OXT   HXT    sing N N 94  
ASP N     CA     sing N N 95  
ASP N     H      sing N N 96  
ASP N     H2     sing N N 97  
ASP CA    C      sing N N 98  
ASP CA    CB     sing N N 99  
ASP CA    HA     sing N N 100 
ASP C     O      doub N N 101 
ASP C     OXT    sing N N 102 
ASP CB    CG     sing N N 103 
ASP CB    HB2    sing N N 104 
ASP CB    HB3    sing N N 105 
ASP CG    OD1    doub N N 106 
ASP CG    OD2    sing N N 107 
ASP OD2   HD2    sing N N 108 
ASP OXT   HXT    sing N N 109 
CYS N     CA     sing N N 110 
CYS N     H      sing N N 111 
CYS N     H2     sing N N 112 
CYS CA    C      sing N N 113 
CYS CA    CB     sing N N 114 
CYS CA    HA     sing N N 115 
CYS C     O      doub N N 116 
CYS C     OXT    sing N N 117 
CYS CB    SG     sing N N 118 
CYS CB    HB2    sing N N 119 
CYS CB    HB3    sing N N 120 
CYS SG    HG     sing N N 121 
CYS OXT   HXT    sing N N 122 
GLN N     CA     sing N N 123 
GLN N     H      sing N N 124 
GLN N     H2     sing N N 125 
GLN CA    C      sing N N 126 
GLN CA    CB     sing N N 127 
GLN CA    HA     sing N N 128 
GLN C     O      doub N N 129 
GLN C     OXT    sing N N 130 
GLN CB    CG     sing N N 131 
GLN CB    HB2    sing N N 132 
GLN CB    HB3    sing N N 133 
GLN CG    CD     sing N N 134 
GLN CG    HG2    sing N N 135 
GLN CG    HG3    sing N N 136 
GLN CD    OE1    doub N N 137 
GLN CD    NE2    sing N N 138 
GLN NE2   HE21   sing N N 139 
GLN NE2   HE22   sing N N 140 
GLN OXT   HXT    sing N N 141 
GLU N     CA     sing N N 142 
GLU N     H      sing N N 143 
GLU N     H2     sing N N 144 
GLU CA    C      sing N N 145 
GLU CA    CB     sing N N 146 
GLU CA    HA     sing N N 147 
GLU C     O      doub N N 148 
GLU C     OXT    sing N N 149 
GLU CB    CG     sing N N 150 
GLU CB    HB2    sing N N 151 
GLU CB    HB3    sing N N 152 
GLU CG    CD     sing N N 153 
GLU CG    HG2    sing N N 154 
GLU CG    HG3    sing N N 155 
GLU CD    OE1    doub N N 156 
GLU CD    OE2    sing N N 157 
GLU OE2   HE2    sing N N 158 
GLU OXT   HXT    sing N N 159 
GLY N     CA     sing N N 160 
GLY N     H      sing N N 161 
GLY N     H2     sing N N 162 
GLY CA    C      sing N N 163 
GLY CA    HA2    sing N N 164 
GLY CA    HA3    sing N N 165 
GLY C     O      doub N N 166 
GLY C     OXT    sing N N 167 
GLY OXT   HXT    sing N N 168 
HIS N     CA     sing N N 169 
HIS N     H      sing N N 170 
HIS N     H2     sing N N 171 
HIS CA    C      sing N N 172 
HIS CA    CB     sing N N 173 
HIS CA    HA     sing N N 174 
HIS C     O      doub N N 175 
HIS C     OXT    sing N N 176 
HIS CB    CG     sing N N 177 
HIS CB    HB2    sing N N 178 
HIS CB    HB3    sing N N 179 
HIS CG    ND1    sing Y N 180 
HIS CG    CD2    doub Y N 181 
HIS ND1   CE1    doub Y N 182 
HIS ND1   HD1    sing N N 183 
HIS CD2   NE2    sing Y N 184 
HIS CD2   HD2    sing N N 185 
HIS CE1   NE2    sing Y N 186 
HIS CE1   HE1    sing N N 187 
HIS NE2   HE2    sing N N 188 
HIS OXT   HXT    sing N N 189 
HOH O     H1     sing N N 190 
HOH O     H2     sing N N 191 
ILE N     CA     sing N N 192 
ILE N     H      sing N N 193 
ILE N     H2     sing N N 194 
ILE CA    C      sing N N 195 
ILE CA    CB     sing N N 196 
ILE CA    HA     sing N N 197 
ILE C     O      doub N N 198 
ILE C     OXT    sing N N 199 
ILE CB    CG1    sing N N 200 
ILE CB    CG2    sing N N 201 
ILE CB    HB     sing N N 202 
ILE CG1   CD1    sing N N 203 
ILE CG1   HG12   sing N N 204 
ILE CG1   HG13   sing N N 205 
ILE CG2   HG21   sing N N 206 
ILE CG2   HG22   sing N N 207 
ILE CG2   HG23   sing N N 208 
ILE CD1   HD11   sing N N 209 
ILE CD1   HD12   sing N N 210 
ILE CD1   HD13   sing N N 211 
ILE OXT   HXT    sing N N 212 
LEU N     CA     sing N N 213 
LEU N     H      sing N N 214 
LEU N     H2     sing N N 215 
LEU CA    C      sing N N 216 
LEU CA    CB     sing N N 217 
LEU CA    HA     sing N N 218 
LEU C     O      doub N N 219 
LEU C     OXT    sing N N 220 
LEU CB    CG     sing N N 221 
LEU CB    HB2    sing N N 222 
LEU CB    HB3    sing N N 223 
LEU CG    CD1    sing N N 224 
LEU CG    CD2    sing N N 225 
LEU CG    HG     sing N N 226 
LEU CD1   HD11   sing N N 227 
LEU CD1   HD12   sing N N 228 
LEU CD1   HD13   sing N N 229 
LEU CD2   HD21   sing N N 230 
LEU CD2   HD22   sing N N 231 
LEU CD2   HD23   sing N N 232 
LEU OXT   HXT    sing N N 233 
LYS N     CA     sing N N 234 
LYS N     H      sing N N 235 
LYS N     H2     sing N N 236 
LYS CA    C      sing N N 237 
LYS CA    CB     sing N N 238 
LYS CA    HA     sing N N 239 
LYS C     O      doub N N 240 
LYS C     OXT    sing N N 241 
LYS CB    CG     sing N N 242 
LYS CB    HB2    sing N N 243 
LYS CB    HB3    sing N N 244 
LYS CG    CD     sing N N 245 
LYS CG    HG2    sing N N 246 
LYS CG    HG3    sing N N 247 
LYS CD    CE     sing N N 248 
LYS CD    HD2    sing N N 249 
LYS CD    HD3    sing N N 250 
LYS CE    NZ     sing N N 251 
LYS CE    HE2    sing N N 252 
LYS CE    HE3    sing N N 253 
LYS NZ    HZ1    sing N N 254 
LYS NZ    HZ2    sing N N 255 
LYS NZ    HZ3    sing N N 256 
LYS OXT   HXT    sing N N 257 
MET N     CA     sing N N 258 
MET N     H      sing N N 259 
MET N     H2     sing N N 260 
MET CA    C      sing N N 261 
MET CA    CB     sing N N 262 
MET CA    HA     sing N N 263 
MET C     O      doub N N 264 
MET C     OXT    sing N N 265 
MET CB    CG     sing N N 266 
MET CB    HB2    sing N N 267 
MET CB    HB3    sing N N 268 
MET CG    SD     sing N N 269 
MET CG    HG2    sing N N 270 
MET CG    HG3    sing N N 271 
MET SD    CE     sing N N 272 
MET CE    HE1    sing N N 273 
MET CE    HE2    sing N N 274 
MET CE    HE3    sing N N 275 
MET OXT   HXT    sing N N 276 
PHE N     CA     sing N N 277 
PHE N     H      sing N N 278 
PHE N     H2     sing N N 279 
PHE CA    C      sing N N 280 
PHE CA    CB     sing N N 281 
PHE CA    HA     sing N N 282 
PHE C     O      doub N N 283 
PHE C     OXT    sing N N 284 
PHE CB    CG     sing N N 285 
PHE CB    HB2    sing N N 286 
PHE CB    HB3    sing N N 287 
PHE CG    CD1    doub Y N 288 
PHE CG    CD2    sing Y N 289 
PHE CD1   CE1    sing Y N 290 
PHE CD1   HD1    sing N N 291 
PHE CD2   CE2    doub Y N 292 
PHE CD2   HD2    sing N N 293 
PHE CE1   CZ     doub Y N 294 
PHE CE1   HE1    sing N N 295 
PHE CE2   CZ     sing Y N 296 
PHE CE2   HE2    sing N N 297 
PHE CZ    HZ     sing N N 298 
PHE OXT   HXT    sing N N 299 
PRO N     CA     sing N N 300 
PRO N     CD     sing N N 301 
PRO N     H      sing N N 302 
PRO CA    C      sing N N 303 
PRO CA    CB     sing N N 304 
PRO CA    HA     sing N N 305 
PRO C     O      doub N N 306 
PRO C     OXT    sing N N 307 
PRO CB    CG     sing N N 308 
PRO CB    HB2    sing N N 309 
PRO CB    HB3    sing N N 310 
PRO CG    CD     sing N N 311 
PRO CG    HG2    sing N N 312 
PRO CG    HG3    sing N N 313 
PRO CD    HD2    sing N N 314 
PRO CD    HD3    sing N N 315 
PRO OXT   HXT    sing N N 316 
SER N     CA     sing N N 317 
SER N     H      sing N N 318 
SER N     H2     sing N N 319 
SER CA    C      sing N N 320 
SER CA    CB     sing N N 321 
SER CA    HA     sing N N 322 
SER C     O      doub N N 323 
SER C     OXT    sing N N 324 
SER CB    OG     sing N N 325 
SER CB    HB2    sing N N 326 
SER CB    HB3    sing N N 327 
SER OG    HG     sing N N 328 
SER OXT   HXT    sing N N 329 
THR N     CA     sing N N 330 
THR N     H      sing N N 331 
THR N     H2     sing N N 332 
THR CA    C      sing N N 333 
THR CA    CB     sing N N 334 
THR CA    HA     sing N N 335 
THR C     O      doub N N 336 
THR C     OXT    sing N N 337 
THR CB    OG1    sing N N 338 
THR CB    CG2    sing N N 339 
THR CB    HB     sing N N 340 
THR OG1   HG1    sing N N 341 
THR CG2   HG21   sing N N 342 
THR CG2   HG22   sing N N 343 
THR CG2   HG23   sing N N 344 
THR OXT   HXT    sing N N 345 
TRP N     CA     sing N N 346 
TRP N     H      sing N N 347 
TRP N     H2     sing N N 348 
TRP CA    C      sing N N 349 
TRP CA    CB     sing N N 350 
TRP CA    HA     sing N N 351 
TRP C     O      doub N N 352 
TRP C     OXT    sing N N 353 
TRP CB    CG     sing N N 354 
TRP CB    HB2    sing N N 355 
TRP CB    HB3    sing N N 356 
TRP CG    CD1    doub Y N 357 
TRP CG    CD2    sing Y N 358 
TRP CD1   NE1    sing Y N 359 
TRP CD1   HD1    sing N N 360 
TRP CD2   CE2    doub Y N 361 
TRP CD2   CE3    sing Y N 362 
TRP NE1   CE2    sing Y N 363 
TRP NE1   HE1    sing N N 364 
TRP CE2   CZ2    sing Y N 365 
TRP CE3   CZ3    doub Y N 366 
TRP CE3   HE3    sing N N 367 
TRP CZ2   CH2    doub Y N 368 
TRP CZ2   HZ2    sing N N 369 
TRP CZ3   CH2    sing Y N 370 
TRP CZ3   HZ3    sing N N 371 
TRP CH2   HH2    sing N N 372 
TRP OXT   HXT    sing N N 373 
TYR N     CA     sing N N 374 
TYR N     H      sing N N 375 
TYR N     H2     sing N N 376 
TYR CA    C      sing N N 377 
TYR CA    CB     sing N N 378 
TYR CA    HA     sing N N 379 
TYR C     O      doub N N 380 
TYR C     OXT    sing N N 381 
TYR CB    CG     sing N N 382 
TYR CB    HB2    sing N N 383 
TYR CB    HB3    sing N N 384 
TYR CG    CD1    doub Y N 385 
TYR CG    CD2    sing Y N 386 
TYR CD1   CE1    sing Y N 387 
TYR CD1   HD1    sing N N 388 
TYR CD2   CE2    doub Y N 389 
TYR CD2   HD2    sing N N 390 
TYR CE1   CZ     doub Y N 391 
TYR CE1   HE1    sing N N 392 
TYR CE2   CZ     sing Y N 393 
TYR CE2   HE2    sing N N 394 
TYR CZ    OH     sing N N 395 
TYR OH    HH     sing N N 396 
TYR OXT   HXT    sing N N 397 
VAL N     CA     sing N N 398 
VAL N     H      sing N N 399 
VAL N     H2     sing N N 400 
VAL CA    C      sing N N 401 
VAL CA    CB     sing N N 402 
VAL CA    HA     sing N N 403 
VAL C     O      doub N N 404 
VAL C     OXT    sing N N 405 
VAL CB    CG1    sing N N 406 
VAL CB    CG2    sing N N 407 
VAL CB    HB     sing N N 408 
VAL CG1   HG11   sing N N 409 
VAL CG1   HG12   sing N N 410 
VAL CG1   HG13   sing N N 411 
VAL CG2   HG21   sing N N 412 
VAL CG2   HG22   sing N N 413 
VAL CG2   HG23   sing N N 414 
VAL OXT   HXT    sing N N 415 
# 
_atom_sites.entry_id                    4G0Z 
_atom_sites.fract_transf_matrix[1][1]   -0.00484221 
_atom_sites.fract_transf_matrix[1][2]   -0.02582587 
_atom_sites.fract_transf_matrix[1][3]   0.00535492 
_atom_sites.fract_transf_matrix[2][1]   0.01344928 
_atom_sites.fract_transf_matrix[2][2]   -0.00056623 
_atom_sites.fract_transf_matrix[2][3]   0.00943071 
_atom_sites.fract_transf_matrix[3][1]   -0.00790037 
_atom_sites.fract_transf_matrix[3][2]   0.00386554 
_atom_sites.fract_transf_matrix[3][3]   0.01149893 
_atom_sites.fract_transf_vector[1]      0.512579 
_atom_sites.fract_transf_vector[2]      0.581926 
_atom_sites.fract_transf_vector[3]      0.644569 
# 
loop_
_atom_type.symbol 
C 
N 
O 
P 
S 
# 
loop_
_atom_site.group_PDB 
_atom_site.id 
_atom_site.type_symbol 
_atom_site.label_atom_id 
_atom_site.label_alt_id 
_atom_site.label_comp_id 
_atom_site.label_asym_id 
_atom_site.label_entity_id 
_atom_site.label_seq_id 
_atom_site.pdbx_PDB_ins_code 
_atom_site.Cartn_x 
_atom_site.Cartn_y 
_atom_site.Cartn_z 
_atom_site.occupancy 
_atom_site.B_iso_or_equiv 
_atom_site.pdbx_formal_charge 
_atom_site.auth_seq_id 
_atom_site.auth_comp_id 
_atom_site.auth_asym_id 
_atom_site.auth_atom_id 
_atom_site.pdbx_PDB_model_num 
ATOM   1    N N     . SER A 1 1   ? 9.081   -21.099 15.131  1.00 27.27 ? 594  SER A N     1 
ATOM   2    C CA    . SER A 1 1   ? 9.245   -19.668 14.915  1.00 22.85 ? 594  SER A CA    1 
ATOM   3    C C     . SER A 1 1   ? 8.572   -19.244 13.622  1.00 20.76 ? 594  SER A C     1 
ATOM   4    O O     . SER A 1 1   ? 8.748   -19.886 12.584  1.00 19.88 ? 594  SER A O     1 
ATOM   5    C CB    . SER A 1 1   ? 10.730  -19.294 14.849  1.00 27.70 ? 594  SER A CB    1 
ATOM   6    O OG    . SER A 1 1   ? 11.411  -19.596 16.061  1.00 31.20 ? 594  SER A OG    1 
ATOM   7    N N     . ASN A 1 2   ? 7.817   -18.151 13.687  1.00 18.24 ? 595  ASN A N     1 
ATOM   8    C CA    . ASN A 1 2   ? 7.328   -17.494 12.479  1.00 16.78 ? 595  ASN A CA    1 
ATOM   9    C C     . ASN A 1 2   ? 8.370   -16.499 12.000  1.00 14.39 ? 595  ASN A C     1 
ATOM   10   O O     . ASN A 1 2   ? 9.242   -16.106 12.768  1.00 14.58 ? 595  ASN A O     1 
ATOM   11   C CB    . ASN A 1 2   ? 6.010   -16.768 12.747  1.00 18.06 ? 595  ASN A CB    1 
ATOM   12   C CG    . ASN A 1 2   ? 4.870   -17.724 13.034  1.00 21.82 ? 595  ASN A CG    1 
ATOM   13   O OD1   . ASN A 1 2   ? 5.005   -18.939 12.859  1.00 20.05 ? 595  ASN A OD1   1 
ATOM   14   N ND2   . ASN A 1 2   ? 3.735   -17.180 13.466  1.00 24.59 ? 595  ASN A ND2   1 
ATOM   15   N N     . LYS A 1 3   ? 8.290   -16.091 10.739  1.00 15.93 ? 596  LYS A N     1 
ATOM   16   C CA    . LYS A 1 3   ? 9.201   -15.055 10.242  1.00 13.35 ? 596  LYS A CA    1 
ATOM   17   C C     . LYS A 1 3   ? 8.972   -13.761 10.996  1.00 14.50 ? 596  LYS A C     1 
ATOM   18   O O     . LYS A 1 3   ? 7.852   -13.461 11.418  1.00 13.79 ? 596  LYS A O     1 
ATOM   19   C CB    . LYS A 1 3   ? 8.986   -14.785 8.755   1.00 14.49 ? 596  LYS A CB    1 
ATOM   20   C CG    . LYS A 1 3   ? 9.486   -15.863 7.832   1.00 15.83 ? 596  LYS A CG    1 
ATOM   21   C CD    . LYS A 1 3   ? 9.325   -15.413 6.389   1.00 18.46 ? 596  LYS A CD    1 
ATOM   22   C CE    . LYS A 1 3   ? 9.744   -16.496 5.432   1.00 22.70 ? 596  LYS A CE    1 
ATOM   23   N NZ    . LYS A 1 3   ? 9.738   -16.004 4.030   1.00 18.15 ? 596  LYS A NZ    1 
ATOM   24   N N     . LYS A 1 4   ? 10.043  -12.989 11.133  1.00 14.04 ? 597  LYS A N     1 
ATOM   25   C CA    . LYS A 1 4   ? 10.015  -11.700 11.801  1.00 15.15 ? 597  LYS A CA    1 
ATOM   26   C C     . LYS A 1 4   ? 10.893  -10.728 11.032  1.00 12.63 ? 597  LYS A C     1 
ATOM   27   O O     . LYS A 1 4   ? 11.637  -11.115 10.127  1.00 11.63 ? 597  LYS A O     1 
ATOM   28   C CB    . LYS A 1 4   ? 10.573  -11.834 13.217  1.00 16.95 ? 597  LYS A CB    1 
ATOM   29   C CG    . LYS A 1 4   ? 9.833   -12.816 14.081  1.00 23.77 ? 597  LYS A CG    1 
ATOM   30   C CD    . LYS A 1 4   ? 8.392   -12.394 14.251  1.00 28.75 ? 597  LYS A CD    1 
ATOM   31   C CE    . LYS A 1 4   ? 7.728   -13.173 15.368  1.00 29.96 ? 597  LYS A CE    1 
ATOM   32   N NZ    . LYS A 1 4   ? 6.500   -12.465 15.825  1.00 35.32 ? 597  LYS A NZ    1 
ATOM   33   N N     . MET A 1 5   ? 10.829  -9.453  11.390  1.00 11.61 ? 598  MET A N     1 
ATOM   34   C CA    . MET A 1 5   ? 11.721  -8.486  10.760  1.00 10.76 ? 598  MET A CA    1 
ATOM   35   C C     . MET A 1 5   ? 13.086  -8.487  11.447  1.00 13.62 ? 598  MET A C     1 
ATOM   36   O O     . MET A 1 5   ? 13.170  -8.495  12.686  1.00 15.19 ? 598  MET A O     1 
ATOM   37   C CB    . MET A 1 5   ? 11.100  -7.093  10.808  1.00 10.60 ? 598  MET A CB    1 
ATOM   38   C CG    . MET A 1 5   ? 9.734   -7.038  10.172  1.00 10.61 ? 598  MET A CG    1 
ATOM   39   S SD    . MET A 1 5   ? 9.128   -5.356  9.975   1.00 10.66 ? 598  MET A SD    1 
ATOM   40   C CE    . MET A 1 5   ? 7.512   -5.679  9.287   1.00 10.38 ? 598  MET A CE    1 
ATOM   41   N N     . ILE A 1 6   ? 14.147  -8.502  10.644  1.00 8.85  ? 599  ILE A N     1 
ATOM   42   C CA    . ILE A 1 6   ? 15.508  -8.317  11.157  1.00 11.25 ? 599  ILE A CA    1 
ATOM   43   C C     . ILE A 1 6   ? 15.858  -6.826  11.199  1.00 13.66 ? 599  ILE A C     1 
ATOM   44   O O     . ILE A 1 6   ? 16.278  -6.297  12.237  1.00 13.40 ? 599  ILE A O     1 
ATOM   45   C CB    . ILE A 1 6   ? 16.544  -9.065  10.297  1.00 10.42 ? 599  ILE A CB    1 
ATOM   46   C CG1   . ILE A 1 6   ? 16.351  -10.578 10.442  1.00 11.93 ? 599  ILE A CG1   1 
ATOM   47   C CG2   . ILE A 1 6   ? 17.955  -8.688  10.728  1.00 12.50 ? 599  ILE A CG2   1 
ATOM   48   C CD1   . ILE A 1 6   ? 17.232  -11.412 9.513   1.00 10.34 ? 599  ILE A CD1   1 
ATOM   49   N N     . ASN A 1 7   ? 15.692  -6.171  10.049  1.00 13.86 ? 600  ASN A N     1 
ATOM   50   C CA    . ASN A 1 7   ? 15.851  -4.726  9.900   1.00 12.18 ? 600  ASN A CA    1 
ATOM   51   C C     . ASN A 1 7   ? 14.551  -4.150  9.376   1.00 14.01 ? 600  ASN A C     1 
ATOM   52   O O     . ASN A 1 7   ? 14.078  -4.554  8.311   1.00 10.43 ? 600  ASN A O     1 
ATOM   53   C CB    . ASN A 1 7   ? 16.955  -4.398  8.898   1.00 13.96 ? 600  ASN A CB    1 
ATOM   54   C CG    . ASN A 1 7   ? 18.297  -4.977  9.296   1.00 20.65 ? 600  ASN A CG    1 
ATOM   55   O OD1   . ASN A 1 7   ? 19.007  -5.550  8.465   1.00 27.88 ? 600  ASN A OD1   1 
ATOM   56   N ND2   . ASN A 1 7   ? 18.644  -4.850  10.569  1.00 16.18 ? 600  ASN A ND2   1 
ATOM   57   N N     . GLY A 1 8   ? 13.975  -3.203  10.108  1.00 12.19 ? 601  GLY A N     1 
ATOM   58   C CA    . GLY A 1 8   ? 12.746  -2.567  9.666   1.00 9.44  ? 601  GLY A CA    1 
ATOM   59   C C     . GLY A 1 8   ? 13.038  -1.423  8.719   1.00 11.11 ? 601  GLY A C     1 
ATOM   60   O O     . GLY A 1 8   ? 13.913  -0.593  8.974   1.00 10.91 ? 601  GLY A O     1 
ATOM   61   N N     . GLY A 1 9   ? 12.310  -1.376  7.610   1.00 10.93 ? 602  GLY A N     1 
ATOM   62   C CA    . GLY A 1 9   ? 12.466  -0.287  6.669   1.00 9.01  ? 602  GLY A CA    1 
ATOM   63   C C     . GLY A 1 9   ? 11.660  0.931   7.094   1.00 10.94 ? 602  GLY A C     1 
ATOM   64   O O     . GLY A 1 9   ? 11.081  0.964   8.190   1.00 10.30 ? 602  GLY A O     1 
ATOM   65   N N     . THR A 1 10  ? 11.610  1.926   6.215   1.00 12.47 ? 603  THR A N     1 
ATOM   66   C CA    . THR A 1 10  ? 10.971  3.199   6.543   1.00 9.68  ? 603  THR A CA    1 
ATOM   67   C C     . THR A 1 10  ? 9.927   3.577   5.515   1.00 10.69 ? 603  THR A C     1 
ATOM   68   O O     . THR A 1 10  ? 10.187  3.543   4.315   1.00 12.16 ? 603  THR A O     1 
ATOM   69   C CB    . THR A 1 10  ? 12.007  4.322   6.621   1.00 14.16 ? 603  THR A CB    1 
ATOM   70   O OG1   . THR A 1 10  ? 12.852  4.094   7.759   1.00 12.49 ? 603  THR A OG1   1 
ATOM   71   C CG2   . THR A 1 10  ? 11.314  5.670   6.763   1.00 14.77 ? 603  THR A CG2   1 
ATOM   72   N N     . VAL A 1 11  ? 8.733   3.910   5.994   1.00 10.50 ? 604  VAL A N     1 
ATOM   73   C CA    . VAL A 1 11  ? 7.671   4.409   5.132   1.00 9.49  ? 604  VAL A CA    1 
ATOM   74   C C     . VAL A 1 11  ? 7.154   5.698   5.738   1.00 9.27  ? 604  VAL A C     1 
ATOM   75   O O     . VAL A 1 11  ? 6.289   5.687   6.605   1.00 12.52 ? 604  VAL A O     1 
ATOM   76   C CB    . VAL A 1 11  ? 6.517   3.410   4.985   1.00 9.28  ? 604  VAL A CB    1 
ATOM   77   C CG1   . VAL A 1 11  ? 5.407   4.008   4.133   1.00 12.26 ? 604  VAL A CG1   1 
ATOM   78   C CG2   . VAL A 1 11  ? 7.032   2.102   4.371   1.00 9.79  ? 604  VAL A CG2   1 
ATOM   79   N N     . ASN A 1 12  ? 7.712   6.811   5.285   1.00 13.77 ? 605  ASN A N     1 
ATOM   80   C CA    . ASN A 1 12  ? 7.363   8.109   5.845   1.00 13.62 ? 605  ASN A CA    1 
ATOM   81   C C     . ASN A 1 12  ? 6.185   8.702   5.091   1.00 15.01 ? 605  ASN A C     1 
ATOM   82   O O     . ASN A 1 12  ? 5.389   9.459   5.645   1.00 16.18 ? 605  ASN A O     1 
ATOM   83   C CB    . ASN A 1 12  ? 8.566   9.055   5.773   1.00 15.13 ? 605  ASN A CB    1 
ATOM   84   C CG    . ASN A 1 12  ? 9.646   8.719   6.802   1.00 21.29 ? 605  ASN A CG    1 
ATOM   85   O OD1   . ASN A 1 12  ? 9.355   8.218   7.896   1.00 22.71 ? 605  ASN A OD1   1 
ATOM   86   N ND2   . ASN A 1 12  ? 10.900  8.995   6.453   1.00 20.23 ? 605  ASN A ND2   1 
ATOM   87   N N     . ASN A 1 13  ? 6.079   8.347   3.818   1.00 13.68 ? 606  ASN A N     1 
ATOM   88   C CA    . ASN A 1 13  ? 5.052   8.919   2.957   1.00 13.46 ? 606  ASN A CA    1 
ATOM   89   C C     . ASN A 1 13  ? 4.373   7.854   2.116   1.00 11.50 ? 606  ASN A C     1 
ATOM   90   O O     . ASN A 1 13  ? 5.004   7.176   1.312   1.00 11.77 ? 606  ASN A O     1 
ATOM   91   C CB    . ASN A 1 13  ? 5.655   9.996   2.071   1.00 13.00 ? 606  ASN A CB    1 
ATOM   92   C CG    . ASN A 1 13  ? 6.264   11.128  2.885   1.00 13.62 ? 606  ASN A CG    1 
ATOM   93   O OD1   . ASN A 1 13  ? 7.470   11.297  2.906   1.00 23.74 ? 606  ASN A OD1   1 
ATOM   94   N ND2   . ASN A 1 13  ? 5.421   11.888  3.573   1.00 15.79 ? 606  ASN A ND2   1 
ATOM   95   N N     . TRP A 1 14  ? 3.071   7.713   2.299   1.00 13.84 ? 607  TRP A N     1 
ATOM   96   C CA    . TRP A 1 14  ? 2.353   6.692   1.566   1.00 9.59  ? 607  TRP A CA    1 
ATOM   97   C C     . TRP A 1 14  ? 0.958   7.156   1.219   1.00 8.87  ? 607  TRP A C     1 
ATOM   98   O O     . TRP A 1 14  ? 0.414   8.063   1.842   1.00 9.60  ? 607  TRP A O     1 
ATOM   99   C CB    . TRP A 1 14  ? 2.288   5.403   2.393   1.00 11.22 ? 607  TRP A CB    1 
ATOM   100  C CG    . TRP A 1 14  ? 1.637   5.579   3.743   1.00 9.60  ? 607  TRP A CG    1 
ATOM   101  C CD1   . TRP A 1 14  ? 2.244   6.005   4.901   1.00 10.21 ? 607  TRP A CD1   1 
ATOM   102  C CD2   . TRP A 1 14  ? 0.263   5.320   4.082   1.00 9.10  ? 607  TRP A CD2   1 
ATOM   103  N NE1   . TRP A 1 14  ? 1.330   6.028   5.925   1.00 12.16 ? 607  TRP A NE1   1 
ATOM   104  C CE2   . TRP A 1 14  ? 0.111   5.625   5.452   1.00 10.49 ? 607  TRP A CE2   1 
ATOM   105  C CE3   . TRP A 1 14  ? -0.855  4.882   3.353   1.00 10.46 ? 607  TRP A CE3   1 
ATOM   106  C CZ2   . TRP A 1 14  ? -1.109  5.480   6.119   1.00 11.64 ? 607  TRP A CZ2   1 
ATOM   107  C CZ3   . TRP A 1 14  ? -2.065  4.742   4.019   1.00 9.82  ? 607  TRP A CZ3   1 
ATOM   108  C CH2   . TRP A 1 14  ? -2.183  5.054   5.390   1.00 11.81 ? 607  TRP A CH2   1 
ATOM   109  N N     . ILE A 1 15  ? 0.367   6.497   0.235   1.00 8.15  ? 608  ILE A N     1 
ATOM   110  C CA    . ILE A 1 15  ? -1.017  6.773   -0.135  1.00 7.31  ? 608  ILE A CA    1 
ATOM   111  C C     . ILE A 1 15  ? -1.759  5.476   -0.428  1.00 9.16  ? 608  ILE A C     1 
ATOM   112  O O     . ILE A 1 15  ? -1.145  4.429   -0.623  1.00 8.34  ? 608  ILE A O     1 
ATOM   113  C CB    . ILE A 1 15  ? -1.093  7.660   -1.381  1.00 9.00  ? 608  ILE A CB    1 
ATOM   114  C CG1   . ILE A 1 15  ? -0.172  7.110   -2.468  1.00 9.90  ? 608  ILE A CG1   1 
ATOM   115  C CG2   . ILE A 1 15  ? -0.719  9.105   -1.030  1.00 10.18 ? 608  ILE A CG2   1 
ATOM   116  C CD1   . ILE A 1 15  ? -0.349  7.784   -3.816  1.00 12.57 ? 608  ILE A CD1   1 
ATOM   117  N N     . CYS A 1 16  ? -3.086  5.557   -0.455  1.00 10.28 ? 609  CYS A N     1 
ATOM   118  C CA    . CYS A 1 16  ? -3.910  4.396   -0.762  1.00 9.10  ? 609  CYS A CA    1 
ATOM   119  C C     . CYS A 1 16  ? -4.842  4.726   -1.912  1.00 10.48 ? 609  CYS A C     1 
ATOM   120  O O     . CYS A 1 16  ? -5.444  5.802   -1.951  1.00 10.14 ? 609  CYS A O     1 
ATOM   121  C CB    . CYS A 1 16  ? -4.720  3.964   0.470   1.00 9.48  ? 609  CYS A CB    1 
ATOM   122  S SG    . CYS A 1 16  ? -5.949  2.655   0.142   1.00 10.64 ? 609  CYS A SG    1 
ATOM   123  N N     . ILE A 1 17  ? -4.936  3.811   -2.863  1.00 8.81  ? 610  ILE A N     1 
ATOM   124  C CA    . ILE A 1 17  ? -5.964  3.898   -3.888  1.00 10.13 ? 610  ILE A CA    1 
ATOM   125  C C     . ILE A 1 17  ? -6.812  2.633   -3.854  1.00 9.68  ? 610  ILE A C     1 
ATOM   126  O O     . ILE A 1 17  ? -6.293  1.509   -3.786  1.00 8.85  ? 610  ILE A O     1 
ATOM   127  C CB    . ILE A 1 17  ? -5.368  4.093   -5.289  1.00 9.64  ? 610  ILE A CB    1 
ATOM   128  C CG1   . ILE A 1 17  ? -4.583  5.406   -5.337  1.00 11.87 ? 610  ILE A CG1   1 
ATOM   129  C CG2   . ILE A 1 17  ? -6.485  4.065   -6.351  1.00 11.17 ? 610  ILE A CG2   1 
ATOM   130  C CD1   . ILE A 1 17  ? -3.730  5.551   -6.591  1.00 12.29 ? 610  ILE A CD1   1 
ATOM   131  N N     . ASN A 1 18  ? -8.126  2.832   -3.893  1.00 9.21  ? 611  ASN A N     1 
ATOM   132  C CA    . ASN A 1 18  ? -9.085  1.740   -3.824  1.00 8.33  ? 611  ASN A CA    1 
ATOM   133  C C     . ASN A 1 18  ? -9.807  1.531   -5.145  1.00 9.89  ? 611  ASN A C     1 
ATOM   134  O O     . ASN A 1 18  ? -10.273 2.497   -5.755  1.00 11.07 ? 611  ASN A O     1 
ATOM   135  C CB    . ASN A 1 18  ? -10.118 2.016   -2.727  1.00 10.23 ? 611  ASN A CB    1 
ATOM   136  C CG    . ASN A 1 18  ? -11.285 1.059   -2.782  1.00 9.31  ? 611  ASN A CG    1 
ATOM   137  O OD1   . ASN A 1 18  ? -11.097 -0.161  -2.868  1.00 8.15  ? 611  ASN A OD1   1 
ATOM   138  N ND2   . ASN A 1 18  ? -12.505 1.604   -2.774  1.00 8.31  ? 611  ASN A ND2   1 
ATOM   139  N N     . PHE A 1 19  ? -9.891  0.270   -5.573  1.00 9.77  ? 612  PHE A N     1 
ATOM   140  C CA    . PHE A 1 19  ? -10.553 -0.092  -6.830  1.00 9.76  ? 612  PHE A CA    1 
ATOM   141  C C     . PHE A 1 19  ? -11.776 -0.991  -6.615  1.00 9.58  ? 612  PHE A C     1 
ATOM   142  O O     . PHE A 1 19  ? -12.393 -1.443  -7.585  1.00 10.20 ? 612  PHE A O     1 
ATOM   143  C CB    . PHE A 1 19  ? -9.569  -0.797  -7.781  1.00 9.92  ? 612  PHE A CB    1 
ATOM   144  C CG    . PHE A 1 19  ? -8.573  0.126   -8.416  1.00 12.48 ? 612  PHE A CG    1 
ATOM   145  C CD1   . PHE A 1 19  ? -7.276  0.203   -7.935  1.00 12.60 ? 612  PHE A CD1   1 
ATOM   146  C CD2   . PHE A 1 19  ? -8.927  0.919   -9.493  1.00 13.51 ? 612  PHE A CD2   1 
ATOM   147  C CE1   . PHE A 1 19  ? -6.351  1.051   -8.518  1.00 12.30 ? 612  PHE A CE1   1 
ATOM   148  C CE2   . PHE A 1 19  ? -7.999  1.778   -10.083 1.00 12.93 ? 612  PHE A CE2   1 
ATOM   149  C CZ    . PHE A 1 19  ? -6.717  1.844   -9.593  1.00 12.27 ? 612  PHE A CZ    1 
ATOM   150  N N     . SER A 1 20  ? -12.122 -1.259  -5.358  1.00 9.94  ? 613  SER A N     1 
ATOM   151  C CA    . SER A 1 20  ? -13.271 -2.111  -5.052  1.00 8.66  ? 613  SER A CA    1 
ATOM   152  C C     . SER A 1 20  ? -14.528 -1.317  -4.716  1.00 7.91  ? 613  SER A C     1 
ATOM   153  O O     . SER A 1 20  ? -14.519 -0.513  -3.787  1.00 9.15  ? 613  SER A O     1 
ATOM   154  C CB    . SER A 1 20  ? -12.961 -3.024  -3.872  1.00 12.86 ? 613  SER A CB    1 
ATOM   155  O OG    . SER A 1 20  ? -14.116 -3.764  -3.523  1.00 14.90 ? 613  SER A OG    1 
ATOM   156  N N     . ARG A 1 21  ? -15.623 -1.583  -5.424  1.00 10.26 ? 614  ARG A N     1 
ATOM   157  C CA    . ARG A 1 21  ? -16.879 -0.875  -5.161  1.00 11.20 ? 614  ARG A CA    1 
ATOM   158  C C     . ARG A 1 21  ? -17.573 -1.345  -3.883  1.00 11.39 ? 614  ARG A C     1 
ATOM   159  O O     . ARG A 1 21  ? -18.581 -0.765  -3.471  1.00 9.34  ? 614  ARG A O     1 
ATOM   160  C CB    . ARG A 1 21  ? -17.829 -0.974  -6.363  1.00 13.58 ? 614  ARG A CB    1 
ATOM   161  C CG    . ARG A 1 21  ? -17.194 -0.476  -7.662  1.00 15.97 ? 614  ARG A CG    1 
ATOM   162  C CD    . ARG A 1 21  ? -18.151 0.344   -8.494  1.00 21.56 ? 614  ARG A CD    1 
ATOM   163  N NE    . ARG A 1 21  ? -17.723 0.387   -9.888  1.00 25.35 ? 614  ARG A NE    1 
ATOM   164  C CZ    . ARG A 1 21  ? -18.376 1.019   -10.861 1.00 27.19 ? 614  ARG A CZ    1 
ATOM   165  N NH1   . ARG A 1 21  ? -17.906 0.980   -12.099 1.00 32.59 ? 614  ARG A NH1   1 
ATOM   166  N NH2   . ARG A 1 21  ? -19.498 1.685   -10.608 1.00 20.47 ? 614  ARG A NH2   1 
ATOM   167  N N     . GLN A 1 22  ? -17.028 -2.388  -3.261  1.00 10.71 ? 615  GLN A N     1 
ATOM   168  C CA    . GLN A 1 22  ? -17.552 -2.874  -1.989  1.00 13.32 ? 615  GLN A CA    1 
ATOM   169  C C     . GLN A 1 22  ? -16.913 -2.164  -0.798  1.00 11.61 ? 615  GLN A C     1 
ATOM   170  O O     . GLN A 1 22  ? -17.308 -2.386  0.337   1.00 12.09 ? 615  GLN A O     1 
ATOM   171  C CB    . GLN A 1 22  ? -17.347 -4.389  -1.866  1.00 13.46 ? 615  GLN A CB    1 
ATOM   172  C CG    . GLN A 1 22  ? -18.198 -5.209  -2.830  1.00 15.97 ? 615  GLN A CG    1 
ATOM   173  C CD    . GLN A 1 22  ? -17.757 -6.671  -2.899  1.00 31.37 ? 615  GLN A CD    1 
ATOM   174  O OE1   . GLN A 1 22  ? -18.585 -7.575  -2.998  1.00 39.51 ? 615  GLN A OE1   1 
ATOM   175  N NE2   . GLN A 1 22  ? -16.449 -6.903  -2.853  1.00 25.63 ? 615  GLN A NE2   1 
ATOM   176  N N     . VAL A 1 23  ? -15.940 -1.299  -1.067  1.00 10.86 ? 616  VAL A N     1 
ATOM   177  C CA    . VAL A 1 23  ? -15.155 -0.653  -0.016  1.00 8.44  ? 616  VAL A CA    1 
ATOM   178  C C     . VAL A 1 23  ? -15.385 0.861   -0.036  1.00 9.33  ? 616  VAL A C     1 
ATOM   179  O O     . VAL A 1 23  ? -15.085 1.528   -1.025  1.00 11.75 ? 616  VAL A O     1 
ATOM   180  C CB    . VAL A 1 23  ? -13.653 -1.003  -0.167  1.00 10.13 ? 616  VAL A CB    1 
ATOM   181  C CG1   . VAL A 1 23  ? -12.777 -0.198  0.804   1.00 11.49 ? 616  VAL A CG1   1 
ATOM   182  C CG2   . VAL A 1 23  ? -13.450 -2.517  0.027   1.00 11.11 ? 616  VAL A CG2   1 
ATOM   183  N N     . GLN A 1 24  ? -15.979 1.382   1.033   1.00 10.56 ? 617  GLN A N     1 
ATOM   184  C CA    . GLN A 1 24  ? -16.153 2.829   1.190   1.00 9.74  ? 617  GLN A CA    1 
ATOM   185  C C     . GLN A 1 24  ? -14.857 3.452   1.700   1.00 13.58 ? 617  GLN A C     1 
ATOM   186  O O     . GLN A 1 24  ? -14.010 2.759   2.263   1.00 12.32 ? 617  GLN A O     1 
ATOM   187  C CB    . GLN A 1 24  ? -17.283 3.147   2.174   1.00 12.77 ? 617  GLN A CB    1 
ATOM   188  C CG    . GLN A 1 24  ? -16.974 2.835   3.637   1.00 12.29 ? 617  GLN A CG    1 
ATOM   189  C CD    . GLN A 1 24  ? -17.299 1.404   4.036   1.00 17.98 ? 617  GLN A CD    1 
ATOM   190  O OE1   . GLN A 1 24  ? -17.199 0.485   3.228   1.00 15.12 ? 617  GLN A OE1   1 
ATOM   191  N NE2   . GLN A 1 24  ? -17.689 1.211   5.304   1.00 21.24 ? 617  GLN A NE2   1 
ATOM   192  N N     . ASP A 1 25  ? -14.726 4.763   1.515   1.00 14.78 ? 618  ASP A N     1 
ATOM   193  C CA    . ASP A 1 25  ? -13.524 5.496   1.922   1.00 17.89 ? 618  ASP A CA    1 
ATOM   194  C C     . ASP A 1 25  ? -13.075 5.162   3.343   1.00 15.13 ? 618  ASP A C     1 
ATOM   195  O O     . ASP A 1 25  ? -11.904 4.855   3.578   1.00 14.57 ? 618  ASP A O     1 
ATOM   196  C CB    . ASP A 1 25  ? -13.701 7.025   1.722   1.00 17.54 ? 618  ASP A CB    1 
ATOM   197  C CG    . ASP A 1 25  ? -14.925 7.611   2.464   1.00 19.46 ? 618  ASP A CG    1 
ATOM   198  O OD1   . ASP A 1 25  ? -15.622 6.895   3.223   1.00 14.59 ? 618  ASP A OD1   1 
ATOM   199  O OD2   . ASP A 1 25  ? -15.186 8.824   2.289   1.00 20.88 ? 618  ASP A OD2   1 
ATOM   200  N N     . ASN A 1 26  ? -14.009 5.178   4.286   1.00 17.70 ? 619  ASN A N     1 
ATOM   201  C CA    . ASN A 1 26  ? -13.657 4.999   5.687   1.00 18.78 ? 619  ASN A CA    1 
ATOM   202  C C     . ASN A 1 26  ? -13.075 3.621   5.982   1.00 16.55 ? 619  ASN A C     1 
ATOM   203  O O     . ASN A 1 26  ? -12.249 3.467   6.879   1.00 14.22 ? 619  ASN A O     1 
ATOM   204  C CB    . ASN A 1 26  ? -14.862 5.268   6.587   1.00 20.35 ? 619  ASN A CB    1 
ATOM   205  C CG    . ASN A 1 26  ? -14.476 5.405   8.044   1.00 29.81 ? 619  ASN A CG    1 
ATOM   206  O OD1   . ASN A 1 26  ? -13.807 6.367   8.432   1.00 32.83 ? 619  ASN A OD1   1 
ATOM   207  N ND2   . ASN A 1 26  ? -14.885 4.436   8.863   1.00 32.22 ? 619  ASN A ND2   1 
ATOM   208  N N     . LEU A 1 27  ? -13.512 2.618   5.229   1.00 14.11 ? 620  LEU A N     1 
ATOM   209  C CA    . LEU A 1 27  ? -13.027 1.265   5.435   1.00 13.07 ? 620  LEU A CA    1 
ATOM   210  C C     . LEU A 1 27  ? -11.598 1.145   4.900   1.00 12.68 ? 620  LEU A C     1 
ATOM   211  O O     . LEU A 1 27  ? -10.748 0.511   5.526   1.00 12.08 ? 620  LEU A O     1 
ATOM   212  C CB    . LEU A 1 27  ? -13.947 0.249   4.754   1.00 14.00 ? 620  LEU A CB    1 
ATOM   213  C CG    . LEU A 1 27  ? -13.429 -1.187  4.745   1.00 14.42 ? 620  LEU A CG    1 
ATOM   214  C CD1   . LEU A 1 27  ? -13.193 -1.685  6.172   1.00 20.60 ? 620  LEU A CD1   1 
ATOM   215  C CD2   . LEU A 1 27  ? -14.387 -2.114  3.997   1.00 10.31 ? 620  LEU A CD2   1 
ATOM   216  N N     . ALA A 1 28  ? -11.337 1.751   3.748   1.00 10.95 ? 621  ALA A N     1 
ATOM   217  C CA    . ALA A 1 28  ? -9.970  1.802   3.226   1.00 12.99 ? 621  ALA A CA    1 
ATOM   218  C C     . ALA A 1 28  ? -9.084  2.510   4.245   1.00 12.00 ? 621  ALA A C     1 
ATOM   219  O O     . ALA A 1 28  ? -7.971  2.073   4.542   1.00 12.55 ? 621  ALA A O     1 
ATOM   220  C CB    . ALA A 1 28  ? -9.924  2.539   1.903   1.00 12.85 ? 621  ALA A CB    1 
ATOM   221  N N     . ARG A 1 29  ? -9.602  3.612   4.778   1.00 10.58 ? 622  ARG A N     1 
ATOM   222  C CA    . ARG A 1 29  ? -8.910  4.386   5.801   1.00 14.32 ? 622  ARG A CA    1 
ATOM   223  C C     . ARG A 1 29  ? -8.585  3.503   7.004   1.00 13.92 ? 622  ARG A C     1 
ATOM   224  O O     . ARG A 1 29  ? -7.433  3.444   7.469   1.00 13.44 ? 622  ARG A O     1 
ATOM   225  C CB    . ARG A 1 29  ? -9.811  5.559   6.214   1.00 17.07 ? 622  ARG A CB    1 
ATOM   226  C CG    . ARG A 1 29  ? -9.126  6.734   6.879   1.00 27.85 ? 622  ARG A CG    1 
ATOM   227  C CD    . ARG A 1 29  ? -9.730  8.063   6.384   1.00 29.76 ? 622  ARG A CD    1 
ATOM   228  N NE    . ARG A 1 29  ? -11.182 8.166   6.573   1.00 30.83 ? 622  ARG A NE    1 
ATOM   229  C CZ    . ARG A 1 29  ? -12.067 8.365   5.594   1.00 31.36 ? 622  ARG A CZ    1 
ATOM   230  N NH1   . ARG A 1 29  ? -13.365 8.449   5.877   1.00 27.09 ? 622  ARG A NH1   1 
ATOM   231  N NH2   . ARG A 1 29  ? -11.665 8.483   4.334   1.00 29.27 ? 622  ARG A NH2   1 
ATOM   232  N N     . THR A 1 30  ? -9.597  2.813   7.516   1.00 12.03 ? 623  THR A N     1 
ATOM   233  C CA    . THR A 1 30  ? -9.411  1.974   8.702   1.00 11.09 ? 623  THR A CA    1 
ATOM   234  C C     . THR A 1 30  ? -8.465  0.798   8.428   1.00 14.73 ? 623  THR A C     1 
ATOM   235  O O     . THR A 1 30  ? -7.627  0.458   9.252   1.00 14.74 ? 623  THR A O     1 
ATOM   236  C CB    . THR A 1 30  ? -10.748 1.452   9.236   1.00 16.65 ? 623  THR A CB    1 
ATOM   237  O OG1   . THR A 1 30  ? -11.523 2.562   9.700   1.00 18.87 ? 623  THR A OG1   1 
ATOM   238  C CG2   . THR A 1 30  ? -10.516 0.484   10.403  1.00 25.73 ? 623  THR A CG2   1 
ATOM   239  N N     . PHE A 1 31  ? -8.586  0.191   7.257   1.00 12.72 ? 624  PHE A N     1 
ATOM   240  C CA    . PHE A 1 31  ? -7.696  -0.906  6.890   1.00 12.07 ? 624  PHE A CA    1 
ATOM   241  C C     . PHE A 1 31  ? -6.228  -0.471  6.880   1.00 13.35 ? 624  PHE A C     1 
ATOM   242  O O     . PHE A 1 31  ? -5.342  -1.157  7.435   1.00 10.09 ? 624  PHE A O     1 
ATOM   243  C CB    . PHE A 1 31  ? -8.093  -1.470  5.521   1.00 13.45 ? 624  PHE A CB    1 
ATOM   244  C CG    . PHE A 1 31  ? -7.101  -2.451  4.971   1.00 13.19 ? 624  PHE A CG    1 
ATOM   245  C CD1   . PHE A 1 31  ? -6.175  -2.057  4.021   1.00 12.15 ? 624  PHE A CD1   1 
ATOM   246  C CD2   . PHE A 1 31  ? -7.084  -3.762  5.420   1.00 14.94 ? 624  PHE A CD2   1 
ATOM   247  C CE1   . PHE A 1 31  ? -5.250  -2.952  3.521   1.00 14.37 ? 624  PHE A CE1   1 
ATOM   248  C CE2   . PHE A 1 31  ? -6.162  -4.665  4.924   1.00 14.33 ? 624  PHE A CE2   1 
ATOM   249  C CZ    . PHE A 1 31  ? -5.248  -4.264  3.971   1.00 15.15 ? 624  PHE A CZ    1 
ATOM   250  N N     . CYS A 1 32  ? -5.966  0.669   6.246   1.00 10.77 ? 625  CYS A N     1 
ATOM   251  C CA    . CYS A 1 32  ? -4.602  1.175   6.136   1.00 11.60 ? 625  CYS A CA    1 
ATOM   252  C C     . CYS A 1 32  ? -4.031  1.546   7.503   1.00 12.45 ? 625  CYS A C     1 
ATOM   253  O O     . CYS A 1 32  ? -2.832  1.399   7.748   1.00 11.61 ? 625  CYS A O     1 
ATOM   254  C CB    . CYS A 1 32  ? -4.544  2.396   5.217   1.00 12.34 ? 625  CYS A CB    1 
ATOM   255  S SG    . CYS A 1 32  ? -4.857  2.006   3.476   1.00 11.52 ? 625  CYS A SG    1 
ATOM   256  N N     . GLN A 1 33  ? -4.883  2.055   8.385   1.00 11.96 ? 626  GLN A N     1 
ATOM   257  C CA    . GLN A 1 33  ? -4.437  2.385   9.730   1.00 13.99 ? 626  GLN A CA    1 
ATOM   258  C C     . GLN A 1 33  ? -4.006  1.131   10.482  1.00 13.83 ? 626  GLN A C     1 
ATOM   259  O O     . GLN A 1 33  ? -2.990  1.136   11.172  1.00 14.01 ? 626  GLN A O     1 
ATOM   260  C CB    . GLN A 1 33  ? -5.535  3.123   10.490  1.00 16.12 ? 626  GLN A CB    1 
ATOM   261  C CG    . GLN A 1 33  ? -5.798  4.498   9.945   1.00 21.45 ? 626  GLN A CG    1 
ATOM   262  C CD    . GLN A 1 33  ? -6.953  5.197   10.635  1.00 30.56 ? 626  GLN A CD    1 
ATOM   263  O OE1   . GLN A 1 33  ? -7.117  6.414   10.513  1.00 36.64 ? 626  GLN A OE1   1 
ATOM   264  N NE2   . GLN A 1 33  ? -7.760  4.433   11.360  1.00 26.36 ? 626  GLN A NE2   1 
ATOM   265  N N     . GLU A 1 34  ? -4.767  0.052   10.353  1.00 11.57 ? 627  GLU A N     1 
ATOM   266  C CA    . GLU A 1 34  ? -4.380  -1.192  11.018  1.00 14.83 ? 627  GLU A CA    1 
ATOM   267  C C     . GLU A 1 34  ? -3.082  -1.766  10.432  1.00 13.48 ? 627  GLU A C     1 
ATOM   268  O O     . GLU A 1 34  ? -2.230  -2.309  11.157  1.00 12.16 ? 627  GLU A O     1 
ATOM   269  C CB    . GLU A 1 34  ? -5.510  -2.219  10.947  1.00 15.43 ? 627  GLU A CB    1 
ATOM   270  C CG    . GLU A 1 34  ? -6.734  -1.819  11.744  1.00 18.67 ? 627  GLU A CG    1 
ATOM   271  C CD    . GLU A 1 34  ? -6.425  -1.665  13.218  1.00 24.41 ? 627  GLU A CD    1 
ATOM   272  O OE1   . GLU A 1 34  ? -5.772  -2.566  13.779  1.00 24.68 ? 627  GLU A OE1   1 
ATOM   273  O OE2   . GLU A 1 34  ? -6.824  -0.642  13.811  1.00 26.24 ? 627  GLU A OE2   1 
ATOM   274  N N     . LEU A 1 35  ? -2.925  -1.637  9.121   1.00 10.28 ? 628  LEU A N     1 
ATOM   275  C CA    . LEU A 1 35  ? -1.716  -2.122  8.457   1.00 12.28 ? 628  LEU A CA    1 
ATOM   276  C C     . LEU A 1 35  ? -0.492  -1.298  8.850   1.00 11.74 ? 628  LEU A C     1 
ATOM   277  O O     . LEU A 1 35  ? 0.585   -1.848  9.139   1.00 11.13 ? 628  LEU A O     1 
ATOM   278  C CB    . LEU A 1 35  ? -1.909  -2.093  6.939   1.00 12.17 ? 628  LEU A CB    1 
ATOM   279  C CG    . LEU A 1 35  ? -0.742  -2.604  6.083   1.00 12.52 ? 628  LEU A CG    1 
ATOM   280  C CD1   . LEU A 1 35  ? -0.288  -3.991  6.512   1.00 11.56 ? 628  LEU A CD1   1 
ATOM   281  C CD2   . LEU A 1 35  ? -1.169  -2.615  4.617   1.00 11.57 ? 628  LEU A CD2   1 
ATOM   282  N N     . ALA A 1 36  ? -0.663  0.024   8.875   1.00 10.66 ? 629  ALA A N     1 
ATOM   283  C CA    . ALA A 1 36  ? 0.398   0.930   9.310   1.00 10.27 ? 629  ALA A CA    1 
ATOM   284  C C     . ALA A 1 36  ? 0.842   0.596   10.730  1.00 10.23 ? 629  ALA A C     1 
ATOM   285  O O     . ALA A 1 36  ? 2.026   0.616   11.046  1.00 10.78 ? 629  ALA A O     1 
ATOM   286  C CB    . ALA A 1 36  ? -0.080  2.388   9.231   1.00 11.43 ? 629  ALA A CB    1 
ATOM   287  N N     . GLN A 1 37  ? -0.127  0.328   11.592  1.00 11.34 ? 630  GLN A N     1 
ATOM   288  C CA    . GLN A 1 37  ? 0.152   -0.025  12.975  1.00 12.48 ? 630  GLN A CA    1 
ATOM   289  C C     . GLN A 1 37  ? 0.940   -1.330  13.064  1.00 11.08 ? 630  GLN A C     1 
ATOM   290  O O     . GLN A 1 37  ? 1.914   -1.434  13.810  1.00 10.61 ? 630  GLN A O     1 
ATOM   291  C CB    . GLN A 1 37  ? -1.157  -0.151  13.744  1.00 13.08 ? 630  GLN A CB    1 
ATOM   292  C CG    . GLN A 1 37  ? -1.014  -0.719  15.129  1.00 19.69 ? 630  GLN A CG    1 
ATOM   293  C CD    . GLN A 1 37  ? -2.360  -0.901  15.800  1.00 27.02 ? 630  GLN A CD    1 
ATOM   294  O OE1   . GLN A 1 37  ? -3.108  0.060   15.983  1.00 29.21 ? 630  GLN A OE1   1 
ATOM   295  N NE2   . GLN A 1 37  ? -2.689  -2.142  16.147  1.00 33.36 ? 630  GLN A NE2   1 
ATOM   296  N N     . MET A 1 38  ? 0.517   -2.338  12.311  1.00 9.40  ? 631  MET A N     1 
ATOM   297  C CA    . MET A 1 38  ? 1.234   -3.611  12.327  1.00 11.12 ? 631  MET A CA    1 
ATOM   298  C C     . MET A 1 38  ? 2.682   -3.460  11.834  1.00 9.40  ? 631  MET A C     1 
ATOM   299  O O     . MET A 1 38  ? 3.617   -4.027  12.418  1.00 8.29  ? 631  MET A O     1 
ATOM   300  C CB    . MET A 1 38  ? 0.477   -4.667  11.505  1.00 11.70 ? 631  MET A CB    1 
ATOM   301  C CG    . MET A 1 38  ? 1.214   -5.983  11.359  1.00 12.07 ? 631  MET A CG    1 
ATOM   302  S SD    . MET A 1 38  ? 1.467   -6.884  12.910  1.00 13.83 ? 631  MET A SD    1 
ATOM   303  C CE    . MET A 1 38  ? -0.198  -7.434  13.285  1.00 19.75 ? 631  MET A CE    1 
ATOM   304  N N     . CYS A 1 39  ? 2.866   -2.679  10.773  1.00 8.98  ? 632  CYS A N     1 
ATOM   305  C CA    . CYS A 1 39  ? 4.183   -2.475  10.198  1.00 8.66  ? 632  CYS A CA    1 
ATOM   306  C C     . CYS A 1 39  ? 5.094   -1.852  11.236  1.00 9.06  ? 632  CYS A C     1 
ATOM   307  O O     . CYS A 1 39  ? 6.226   -2.292  11.437  1.00 8.40  ? 632  CYS A O     1 
ATOM   308  C CB    . CYS A 1 39  ? 4.110   -1.550  8.993   1.00 9.28  ? 632  CYS A CB    1 
ATOM   309  S SG    . CYS A 1 39  ? 3.522   -2.324  7.495   1.00 10.26 ? 632  CYS A SG    1 
ATOM   310  N N     . TYR A 1 40  ? 4.574   -0.827  11.899  1.00 8.64  ? 633  TYR A N     1 
ATOM   311  C CA    . TYR A 1 40  ? 5.311   -0.147  12.962  1.00 9.67  ? 633  TYR A CA    1 
ATOM   312  C C     . TYR A 1 40  ? 5.719   -1.081  14.117  1.00 9.04  ? 633  TYR A C     1 
ATOM   313  O O     . TYR A 1 40  ? 6.905   -1.176  14.466  1.00 9.70  ? 633  TYR A O     1 
ATOM   314  C CB    . TYR A 1 40  ? 4.482   1.035   13.491  1.00 8.47  ? 633  TYR A CB    1 
ATOM   315  C CG    . TYR A 1 40  ? 4.967   1.572   14.825  1.00 9.92  ? 633  TYR A CG    1 
ATOM   316  C CD1   . TYR A 1 40  ? 6.256   2.058   14.970  1.00 10.71 ? 633  TYR A CD1   1 
ATOM   317  C CD2   . TYR A 1 40  ? 4.134   1.583   15.936  1.00 11.35 ? 633  TYR A CD2   1 
ATOM   318  C CE1   . TYR A 1 40  ? 6.709   2.543   16.201  1.00 9.20  ? 633  TYR A CE1   1 
ATOM   319  C CE2   . TYR A 1 40  ? 4.571   2.062   17.162  1.00 12.56 ? 633  TYR A CE2   1 
ATOM   320  C CZ    . TYR A 1 40  ? 5.854   2.551   17.284  1.00 10.36 ? 633  TYR A CZ    1 
ATOM   321  O OH    . TYR A 1 40  ? 6.297   3.021   18.508  1.00 11.47 ? 633  TYR A OH    1 
ATOM   322  N N     . VAL A 1 41  ? 4.749   -1.764  14.725  1.00 9.20  ? 634  VAL A N     1 
ATOM   323  C CA    . VAL A 1 41  ? 5.057   -2.568  15.903  1.00 8.76  ? 634  VAL A CA    1 
ATOM   324  C C     . VAL A 1 41  ? 5.901   -3.790  15.555  1.00 11.80 ? 634  VAL A C     1 
ATOM   325  O O     . VAL A 1 41  ? 6.508   -4.398  16.439  1.00 10.71 ? 634  VAL A O     1 
ATOM   326  C CB    . VAL A 1 41  ? 3.807   -2.980  16.731  1.00 8.70  ? 634  VAL A CB    1 
ATOM   327  C CG1   . VAL A 1 41  ? 3.092   -1.748  17.256  1.00 9.06  ? 634  VAL A CG1   1 
ATOM   328  C CG2   . VAL A 1 41  ? 2.867   -3.887  15.934  1.00 12.89 ? 634  VAL A CG2   1 
ATOM   329  N N     . SER A 1 42  ? 5.955   -4.130  14.271  1.00 8.59  ? 635  SER A N     1 
ATOM   330  C CA    . SER A 1 42  ? 6.832   -5.206  13.798  1.00 7.54  ? 635  SER A CA    1 
ATOM   331  C C     . SER A 1 42  ? 8.283   -4.736  13.682  1.00 11.28 ? 635  SER A C     1 
ATOM   332  O O     . SER A 1 42  ? 9.199   -5.549  13.591  1.00 12.45 ? 635  SER A O     1 
ATOM   333  C CB    . SER A 1 42  ? 6.356   -5.734  12.444  1.00 12.00 ? 635  SER A CB    1 
ATOM   334  O OG    . SER A 1 42  ? 5.110   -6.395  12.577  1.00 10.53 ? 635  SER A OG    1 
ATOM   335  N N     . GLY A 1 43  ? 8.491   -3.424  13.665  1.00 9.88  ? 636  GLY A N     1 
ATOM   336  C CA    . GLY A 1 43  ? 9.843   -2.886  13.643  1.00 11.69 ? 636  GLY A CA    1 
ATOM   337  C C     . GLY A 1 43  ? 10.137  -1.847  12.575  1.00 12.87 ? 636  GLY A C     1 
ATOM   338  O O     . GLY A 1 43  ? 11.273  -1.423  12.434  1.00 12.91 ? 636  GLY A O     1 
ATOM   339  N N     . MET A 1 44  ? 9.129   -1.432  11.814  1.00 8.29  ? 637  MET A N     1 
ATOM   340  C CA    . MET A 1 44  ? 9.364   -0.409  10.797  1.00 8.19  ? 637  MET A CA    1 
ATOM   341  C C     . MET A 1 44  ? 9.129   0.985   11.354  1.00 10.15 ? 637  MET A C     1 
ATOM   342  O O     . MET A 1 44  ? 8.400   1.158   12.328  1.00 10.54 ? 637  MET A O     1 
ATOM   343  C CB    . MET A 1 44  ? 8.433   -0.611  9.594   1.00 9.95  ? 637  MET A CB    1 
ATOM   344  C CG    . MET A 1 44  ? 8.568   -1.962  8.906   1.00 9.85  ? 637  MET A CG    1 
ATOM   345  S SD    . MET A 1 44  ? 7.514   -2.036  7.438   1.00 9.71  ? 637  MET A SD    1 
ATOM   346  C CE    . MET A 1 44  ? 8.377   -0.948  6.293   1.00 7.29  ? 637  MET A CE    1 
ATOM   347  N N     . ALA A 1 45  ? 9.749   1.980   10.730  1.00 7.77  ? 638  ALA A N     1 
ATOM   348  C CA    . ALA A 1 45  ? 9.280   3.351   10.877  1.00 9.83  ? 638  ALA A CA    1 
ATOM   349  C C     . ALA A 1 45  ? 8.147   3.488   9.863   1.00 9.99  ? 638  ALA A C     1 
ATOM   350  O O     . ALA A 1 45  ? 8.364   3.280   8.673   1.00 12.43 ? 638  ALA A O     1 
ATOM   351  C CB    . ALA A 1 45  ? 10.395  4.336   10.554  1.00 10.78 ? 638  ALA A CB    1 
ATOM   352  N N     . PHE A 1 46  ? 6.946   3.823   10.321  1.00 10.28 ? 639  PHE A N     1 
ATOM   353  C CA    . PHE A 1 46  ? 5.797   3.889   9.418   1.00 9.72  ? 639  PHE A CA    1 
ATOM   354  C C     . PHE A 1 46  ? 4.838   4.998   9.850   1.00 9.54  ? 639  PHE A C     1 
ATOM   355  O O     . PHE A 1 46  ? 4.254   4.943   10.931  1.00 10.39 ? 639  PHE A O     1 
ATOM   356  C CB    . PHE A 1 46  ? 5.066   2.539   9.406   1.00 9.93  ? 639  PHE A CB    1 
ATOM   357  C CG    . PHE A 1 46  ? 4.245   2.297   8.160   1.00 11.55 ? 639  PHE A CG    1 
ATOM   358  C CD1   . PHE A 1 46  ? 3.102   3.038   7.913   1.00 10.78 ? 639  PHE A CD1   1 
ATOM   359  C CD2   . PHE A 1 46  ? 4.610   1.310   7.250   1.00 9.52  ? 639  PHE A CD2   1 
ATOM   360  C CE1   . PHE A 1 46  ? 2.339   2.810   6.770   1.00 12.67 ? 639  PHE A CE1   1 
ATOM   361  C CE2   . PHE A 1 46  ? 3.851   1.083   6.108   1.00 9.50  ? 639  PHE A CE2   1 
ATOM   362  C CZ    . PHE A 1 46  ? 2.713   1.828   5.872   1.00 12.50 ? 639  PHE A CZ    1 
ATOM   363  N N     . ASN A 1 47  ? 4.693   6.010   9.008   1.00 10.52 ? 640  ASN A N     1 
ATOM   364  C CA    . ASN A 1 47  ? 3.808   7.136   9.307   1.00 13.10 ? 640  ASN A CA    1 
ATOM   365  C C     . ASN A 1 47  ? 2.361   6.653   9.491   1.00 13.18 ? 640  ASN A C     1 
ATOM   366  O O     . ASN A 1 47  ? 1.801   5.993   8.619   1.00 13.99 ? 640  ASN A O     1 
ATOM   367  C CB    . ASN A 1 47  ? 3.923   8.177   8.183   1.00 11.78 ? 640  ASN A CB    1 
ATOM   368  C CG    . ASN A 1 47  ? 3.228   9.497   8.509   1.00 15.14 ? 640  ASN A CG    1 
ATOM   369  O OD1   . ASN A 1 47  ? 2.381   9.577   9.402   1.00 12.01 ? 640  ASN A OD1   1 
ATOM   370  N ND2   . ASN A 1 47  ? 3.598   10.544  7.780   1.00 15.74 ? 640  ASN A ND2   1 
ATOM   371  N N     . PRO A 1 48  ? 1.741   6.970   10.639  1.00 12.37 ? 641  PRO A N     1 
ATOM   372  C CA    . PRO A 1 48  ? 0.376   6.474   10.837  1.00 14.99 ? 641  PRO A CA    1 
ATOM   373  C C     . PRO A 1 48  ? -0.644  7.141   9.908   1.00 16.10 ? 641  PRO A C     1 
ATOM   374  O O     . PRO A 1 48  ? -1.770  6.655   9.812   1.00 16.36 ? 641  PRO A O     1 
ATOM   375  C CB    . PRO A 1 48  ? 0.087   6.836   12.297  1.00 15.78 ? 641  PRO A CB    1 
ATOM   376  C CG    . PRO A 1 48  ? 0.951   8.024   12.560  1.00 18.45 ? 641  PRO A CG    1 
ATOM   377  C CD    . PRO A 1 48  ? 2.225   7.740   11.801  1.00 14.38 ? 641  PRO A CD    1 
ATOM   378  N N     . GLU A 1 49  ? -0.255  8.228   9.243   1.00 15.07 ? 642  GLU A N     1 
ATOM   379  C CA    . GLU A 1 49  ? -1.161  8.976   8.363   1.00 17.44 ? 642  GLU A CA    1 
ATOM   380  C C     . GLU A 1 49  ? -0.618  9.047   6.933   1.00 11.77 ? 642  GLU A C     1 
ATOM   381  O O     . GLU A 1 49  ? 0.585   9.189   6.727   1.00 15.42 ? 642  GLU A O     1 
ATOM   382  C CB    . GLU A 1 49  ? -1.354  10.406  8.878   1.00 19.32 ? 642  GLU A CB    1 
ATOM   383  C CG    . GLU A 1 49  ? -1.802  10.518  10.328  1.00 19.62 ? 642  GLU A CG    1 
ATOM   384  C CD    . GLU A 1 49  ? -3.232  10.086  10.537  1.00 25.66 ? 642  GLU A CD    1 
ATOM   385  O OE1   . GLU A 1 49  ? -3.983  9.981   9.536   1.00 31.63 ? 642  GLU A OE1   1 
ATOM   386  O OE2   . GLU A 1 49  ? -3.615  9.845   11.706  1.00 33.26 ? 642  GLU A OE2   1 
ATOM   387  N N     . PRO A 1 50  ? -1.510  8.964   5.942   1.00 13.38 ? 643  PRO A N     1 
ATOM   388  C CA    . PRO A 1 50  ? -1.114  9.061   4.532   1.00 12.18 ? 643  PRO A CA    1 
ATOM   389  C C     . PRO A 1 50  ? -0.916  10.498  4.074   1.00 11.92 ? 643  PRO A C     1 
ATOM   390  O O     . PRO A 1 50  ? -1.345  11.444  4.743   1.00 15.17 ? 643  PRO A O     1 
ATOM   391  C CB    . PRO A 1 50  ? -2.306  8.433   3.799   1.00 11.73 ? 643  PRO A CB    1 
ATOM   392  C CG    . PRO A 1 50  ? -3.483  8.754   4.690   1.00 13.11 ? 643  PRO A CG    1 
ATOM   393  C CD    . PRO A 1 50  ? -2.936  8.630   6.104   1.00 14.48 ? 643  PRO A CD    1 
ATOM   394  N N     . VAL A 1 51  ? -0.271  10.665  2.927   1.00 12.05 ? 644  VAL A N     1 
ATOM   395  C CA    . VAL A 1 51  ? -0.030  11.993  2.392   1.00 12.50 ? 644  VAL A CA    1 
ATOM   396  C C     . VAL A 1 51  ? -1.372  12.621  2.032   1.00 17.43 ? 644  VAL A C     1 
ATOM   397  O O     . VAL A 1 51  ? -1.600  13.815  2.256   1.00 16.45 ? 644  VAL A O     1 
ATOM   398  C CB    . VAL A 1 51  ? 0.832   11.946  1.120   1.00 13.77 ? 644  VAL A CB    1 
ATOM   399  C CG1   . VAL A 1 51  ? 1.063   13.370  0.602   1.00 13.16 ? 644  VAL A CG1   1 
ATOM   400  C CG2   . VAL A 1 51  ? 2.170   11.255  1.400   1.00 13.70 ? 644  VAL A CG2   1 
ATOM   401  N N     . LEU A 1 52  ? -2.246  11.789  1.475   1.00 12.00 ? 645  LEU A N     1 
ATOM   402  C CA    . LEU A 1 52  ? -3.582  12.188  1.044   1.00 12.44 ? 645  LEU A CA    1 
ATOM   403  C C     . LEU A 1 52  ? -4.505  11.063  1.468   1.00 13.33 ? 645  LEU A C     1 
ATOM   404  O O     . LEU A 1 52  ? -4.057  9.920   1.617   1.00 14.08 ? 645  LEU A O     1 
ATOM   405  C CB    . LEU A 1 52  ? -3.629  12.362  -0.474  1.00 14.77 ? 645  LEU A CB    1 
ATOM   406  C CG    . LEU A 1 52  ? -2.849  13.520  -1.104  1.00 19.54 ? 645  LEU A CG    1 
ATOM   407  C CD1   . LEU A 1 52  ? -2.909  13.460  -2.647  1.00 18.57 ? 645  LEU A CD1   1 
ATOM   408  C CD2   . LEU A 1 52  ? -3.370  14.863  -0.588  1.00 20.55 ? 645  LEU A CD2   1 
ATOM   409  N N     . PRO A 1 53  ? -5.790  11.377  1.697   1.00 13.63 ? 646  PRO A N     1 
ATOM   410  C CA    . PRO A 1 53  ? -6.774  10.349  2.056   1.00 11.63 ? 646  PRO A CA    1 
ATOM   411  C C     . PRO A 1 53  ? -6.942  9.335   0.923   1.00 12.80 ? 646  PRO A C     1 
ATOM   412  O O     . PRO A 1 53  ? -6.493  9.596   -0.192  1.00 13.86 ? 646  PRO A O     1 
ATOM   413  C CB    . PRO A 1 53  ? -8.071  11.143  2.233   1.00 14.74 ? 646  PRO A CB    1 
ATOM   414  C CG    . PRO A 1 53  ? -7.638  12.542  2.498   1.00 20.59 ? 646  PRO A CG    1 
ATOM   415  C CD    . PRO A 1 53  ? -6.347  12.739  1.763   1.00 16.30 ? 646  PRO A CD    1 
ATOM   416  N N     . PRO A 1 54  ? -7.587  8.194   1.195   1.00 13.54 ? 647  PRO A N     1 
ATOM   417  C CA    . PRO A 1 54  ? -7.755  7.232   0.100   1.00 12.87 ? 647  PRO A CA    1 
ATOM   418  C C     . PRO A 1 54  ? -8.671  7.796   -0.974  1.00 17.13 ? 647  PRO A C     1 
ATOM   419  O O     . PRO A 1 54  ? -9.573  8.594   -0.684  1.00 16.88 ? 647  PRO A O     1 
ATOM   420  C CB    . PRO A 1 54  ? -8.439  6.029   0.766   1.00 13.98 ? 647  PRO A CB    1 
ATOM   421  C CG    . PRO A 1 54  ? -8.356  6.258   2.227   1.00 14.99 ? 647  PRO A CG    1 
ATOM   422  C CD    . PRO A 1 54  ? -8.216  7.737   2.443   1.00 16.97 ? 647  PRO A CD    1 
ATOM   423  N N     . VAL A 1 55  ? -8.430  7.391   -2.213  1.00 12.33 ? 648  VAL A N     1 
ATOM   424  C CA    . VAL A 1 55  ? -9.324  7.743   -3.303  1.00 12.52 ? 648  VAL A CA    1 
ATOM   425  C C     . VAL A 1 55  ? -9.859  6.455   -3.909  1.00 14.51 ? 648  VAL A C     1 
ATOM   426  O O     . VAL A 1 55  ? -9.156  5.443   -3.937  1.00 11.76 ? 648  VAL A O     1 
ATOM   427  C CB    . VAL A 1 55  ? -8.622  8.608   -4.381  1.00 13.39 ? 648  VAL A CB    1 
ATOM   428  C CG1   . VAL A 1 55  ? -7.398  7.901   -4.944  1.00 13.25 ? 648  VAL A CG1   1 
ATOM   429  C CG2   . VAL A 1 55  ? -9.598  8.960   -5.499  1.00 16.15 ? 648  VAL A CG2   1 
ATOM   430  N N     . SER A 1 56  ? -11.113 6.493   -4.361  1.00 11.53 ? 649  SER A N     1 
ATOM   431  C CA    . SER A 1 56  ? -11.731 5.346   -5.002  1.00 11.33 ? 649  SER A CA    1 
ATOM   432  C C     . SER A 1 56  ? -11.809 5.565   -6.509  1.00 11.18 ? 649  SER A C     1 
ATOM   433  O O     . SER A 1 56  ? -12.193 6.634   -6.974  1.00 11.02 ? 649  SER A O     1 
ATOM   434  C CB    . SER A 1 56  ? -13.130 5.093   -4.434  1.00 10.92 ? 649  SER A CB    1 
ATOM   435  O OG    . SER A 1 56  ? -13.052 4.617   -3.100  1.00 10.18 ? 649  SER A OG    1 
ATOM   436  N N     . ALA A 1 57  ? -11.445 4.540   -7.268  1.00 11.34 ? 650  ALA A N     1 
ATOM   437  C CA    . ALA A 1 57  ? -11.389 4.674   -8.712  1.00 13.09 ? 650  ALA A CA    1 
ATOM   438  C C     . ALA A 1 57  ? -11.923 3.436   -9.404  1.00 14.46 ? 650  ALA A C     1 
ATOM   439  O O     . ALA A 1 57  ? -11.993 2.351   -8.824  1.00 10.49 ? 650  ALA A O     1 
ATOM   440  C CB    . ALA A 1 57  ? -9.963  4.960   -9.155  1.00 16.54 ? 650  ALA A CB    1 
ATOM   441  N N     . ARG A 1 58  ? -12.307 3.603   -10.662 1.00 16.51 ? 651  ARG A N     1 
ATOM   442  C CA    . ARG A 1 58  ? -12.696 2.470   -11.474 1.00 17.63 ? 651  ARG A CA    1 
ATOM   443  C C     . ARG A 1 58  ? -11.450 1.865   -12.117 1.00 14.80 ? 651  ARG A C     1 
ATOM   444  O O     . ARG A 1 58  ? -10.544 2.589   -12.523 1.00 16.64 ? 651  ARG A O     1 
ATOM   445  C CB    . ARG A 1 58  ? -13.698 2.909   -12.547 1.00 21.20 ? 651  ARG A CB    1 
ATOM   446  C CG    . ARG A 1 58  ? -15.027 3.389   -11.986 1.00 23.94 ? 651  ARG A CG    1 
ATOM   447  C CD    . ARG A 1 58  ? -15.868 4.021   -13.081 1.00 29.91 ? 651  ARG A CD    1 
ATOM   448  N NE    . ARG A 1 58  ? -15.821 3.226   -14.301 1.00 31.40 ? 651  ARG A NE    1 
ATOM   449  C CZ    . ARG A 1 58  ? -15.753 3.742   -15.522 1.00 41.06 ? 651  ARG A CZ    1 
ATOM   450  N NH1   . ARG A 1 58  ? -15.710 2.942   -16.581 1.00 42.80 ? 651  ARG A NH1   1 
ATOM   451  N NH2   . ARG A 1 58  ? -15.730 5.059   -15.683 1.00 39.66 ? 651  ARG A NH2   1 
ATOM   452  N N     . PRO A 1 59  ? -11.405 0.534   -12.194 1.00 14.89 ? 652  PRO A N     1 
ATOM   453  C CA    . PRO A 1 59  ? -10.295 -0.185  -12.823 1.00 17.35 ? 652  PRO A CA    1 
ATOM   454  C C     . PRO A 1 59  ? -9.984  0.378   -14.205 1.00 19.80 ? 652  PRO A C     1 
ATOM   455  O O     . PRO A 1 59  ? -8.814  0.431   -14.593 1.00 21.49 ? 652  PRO A O     1 
ATOM   456  C CB    . PRO A 1 59  ? -10.827 -1.611  -12.922 1.00 21.25 ? 652  PRO A CB    1 
ATOM   457  C CG    . PRO A 1 59  ? -11.756 -1.729  -11.756 1.00 22.09 ? 652  PRO A CG    1 
ATOM   458  C CD    . PRO A 1 59  ? -12.416 -0.384  -11.637 1.00 18.79 ? 652  PRO A CD    1 
ATOM   459  N N     . GLU A 1 60  ? -11.023 0.805   -14.925 1.00 19.62 ? 653  GLU A N     1 
ATOM   460  C CA    . GLU A 1 60  ? -10.869 1.389   -16.255 1.00 22.58 ? 653  GLU A CA    1 
ATOM   461  C C     . GLU A 1 60  ? -10.039 2.677   -16.248 1.00 23.28 ? 653  GLU A C     1 
ATOM   462  O O     . GLU A 1 60  ? -9.523  3.094   -17.283 1.00 25.44 ? 653  GLU A O     1 
ATOM   463  C CB    . GLU A 1 60  ? -12.246 1.671   -16.879 1.00 27.74 ? 653  GLU A CB    1 
ATOM   464  C CG    . GLU A 1 60  ? -13.080 0.434   -17.180 1.00 29.59 ? 653  GLU A CG    1 
ATOM   465  C CD    . GLU A 1 60  ? -13.768 -0.136  -15.949 1.00 33.25 ? 653  GLU A CD    1 
ATOM   466  O OE1   . GLU A 1 60  ? -14.439 -1.183  -16.076 1.00 41.89 ? 653  GLU A OE1   1 
ATOM   467  O OE2   . GLU A 1 60  ? -13.644 0.464   -14.860 1.00 28.23 ? 653  GLU A OE2   1 
ATOM   468  N N     . GLN A 1 61  ? -9.919  3.311   -15.085 1.00 21.81 ? 654  GLN A N     1 
ATOM   469  C CA    . GLN A 1 61  ? -9.172  4.555   -14.977 1.00 20.05 ? 654  GLN A CA    1 
ATOM   470  C C     . GLN A 1 61  ? -7.832  4.367   -14.260 1.00 19.69 ? 654  GLN A C     1 
ATOM   471  O O     . GLN A 1 61  ? -7.242  5.341   -13.806 1.00 18.17 ? 654  GLN A O     1 
ATOM   472  C CB    . GLN A 1 61  ? -9.989  5.634   -14.256 1.00 23.91 ? 654  GLN A CB    1 
ATOM   473  C CG    . GLN A 1 61  ? -10.996 6.357   -15.141 1.00 33.94 ? 654  GLN A CG    1 
ATOM   474  C CD    . GLN A 1 61  ? -12.125 5.459   -15.599 1.00 35.85 ? 654  GLN A CD    1 
ATOM   475  O OE1   . GLN A 1 61  ? -12.913 4.963   -14.790 1.00 35.18 ? 654  GLN A OE1   1 
ATOM   476  N NE2   . GLN A 1 61  ? -12.214 5.247   -16.906 1.00 42.70 ? 654  GLN A NE2   1 
ATOM   477  N N     . VAL A 1 62  ? -7.357  3.126   -14.179 1.00 16.20 ? 655  VAL A N     1 
ATOM   478  C CA    . VAL A 1 62  ? -6.119  2.816   -13.453 1.00 16.04 ? 655  VAL A CA    1 
ATOM   479  C C     . VAL A 1 62  ? -4.954  3.748   -13.813 1.00 16.54 ? 655  VAL A C     1 
ATOM   480  O O     . VAL A 1 62  ? -4.263  4.255   -12.929 1.00 16.68 ? 655  VAL A O     1 
ATOM   481  C CB    . VAL A 1 62  ? -5.696  1.323   -13.624 1.00 15.81 ? 655  VAL A CB    1 
ATOM   482  C CG1   . VAL A 1 62  ? -5.383  0.988   -15.080 1.00 16.38 ? 655  VAL A CG1   1 
ATOM   483  C CG2   . VAL A 1 62  ? -4.491  0.993   -12.730 1.00 14.65 ? 655  VAL A CG2   1 
ATOM   484  N N     . GLU A 1 63  ? -4.736  3.983   -15.103 1.00 16.86 ? 656  GLU A N     1 
ATOM   485  C CA    . GLU A 1 63  ? -3.602  4.798   -15.528 1.00 18.72 ? 656  GLU A CA    1 
ATOM   486  C C     . GLU A 1 63  ? -3.757  6.232   -15.047 1.00 19.13 ? 656  GLU A C     1 
ATOM   487  O O     . GLU A 1 63  ? -2.831  6.838   -14.503 1.00 18.75 ? 656  GLU A O     1 
ATOM   488  C CB    . GLU A 1 63  ? -3.470  4.786   -17.048 1.00 21.53 ? 656  GLU A CB    1 
ATOM   489  C CG    . GLU A 1 63  ? -2.222  5.503   -17.532 1.00 29.30 ? 656  GLU A CG    1 
ATOM   490  C CD    . GLU A 1 63  ? -2.216  5.740   -19.033 1.00 35.76 ? 656  GLU A CD    1 
ATOM   491  O OE1   . GLU A 1 63  ? -3.191  5.340   -19.712 1.00 33.91 ? 656  GLU A OE1   1 
ATOM   492  O OE2   . GLU A 1 63  ? -1.233  6.337   -19.527 1.00 36.99 ? 656  GLU A OE2   1 
ATOM   493  N N     . LYS A 1 64  ? -4.946  6.772   -15.260 1.00 21.63 ? 657  LYS A N     1 
ATOM   494  C CA    . LYS A 1 64  ? -5.245  8.146   -14.912 1.00 19.67 ? 657  LYS A CA    1 
ATOM   495  C C     . LYS A 1 64  ? -5.189  8.377   -13.413 1.00 16.66 ? 657  LYS A C     1 
ATOM   496  O O     . LYS A 1 64  ? -4.585  9.349   -12.955 1.00 19.01 ? 657  LYS A O     1 
ATOM   497  C CB    . LYS A 1 64  ? -6.639  8.507   -15.433 1.00 25.38 ? 657  LYS A CB    1 
ATOM   498  C CG    . LYS A 1 64  ? -6.681  9.796   -16.226 1.00 38.24 ? 657  LYS A CG    1 
ATOM   499  C CD    . LYS A 1 64  ? -6.527  10.995  -15.320 1.00 33.89 ? 657  LYS A CD    1 
ATOM   500  C CE    . LYS A 1 64  ? -7.653  11.989  -15.559 1.00 43.11 ? 657  LYS A CE    1 
ATOM   501  N NZ    . LYS A 1 64  ? -8.988  11.331  -15.478 1.00 52.30 ? 657  LYS A NZ    1 
ATOM   502  N N     . VAL A 1 65  ? -5.828  7.496   -12.648 1.00 16.20 ? 658  VAL A N     1 
ATOM   503  C CA    . VAL A 1 65  ? -5.885  7.666   -11.194 1.00 16.68 ? 658  VAL A CA    1 
ATOM   504  C C     . VAL A 1 65  ? -4.501  7.586   -10.574 1.00 16.28 ? 658  VAL A C     1 
ATOM   505  O O     . VAL A 1 65  ? -4.152  8.403   -9.729  1.00 14.97 ? 658  VAL A O     1 
ATOM   506  C CB    . VAL A 1 65  ? -6.830  6.646   -10.500 1.00 15.39 ? 658  VAL A CB    1 
ATOM   507  C CG1   . VAL A 1 65  ? -6.388  5.210   -10.763 1.00 21.81 ? 658  VAL A CG1   1 
ATOM   508  C CG2   . VAL A 1 65  ? -6.911  6.920   -9.005  1.00 18.57 ? 658  VAL A CG2   1 
ATOM   509  N N     . LEU A 1 66  ? -3.717  6.602   -10.997 1.00 13.64 ? 659  LEU A N     1 
ATOM   510  C CA    . LEU A 1 66  ? -2.388  6.411   -10.434 1.00 14.26 ? 659  LEU A CA    1 
ATOM   511  C C     . LEU A 1 66  ? -1.487  7.605   -10.705 1.00 15.54 ? 659  LEU A C     1 
ATOM   512  O O     . LEU A 1 66  ? -0.829  8.105   -9.799  1.00 15.02 ? 659  LEU A O     1 
ATOM   513  C CB    . LEU A 1 66  ? -1.735  5.131   -10.961 1.00 16.24 ? 659  LEU A CB    1 
ATOM   514  C CG    . LEU A 1 66  ? -1.816  3.881   -10.086 1.00 19.72 ? 659  LEU A CG    1 
ATOM   515  C CD1   . LEU A 1 66  ? -3.269  3.453   -9.885  1.00 17.66 ? 659  LEU A CD1   1 
ATOM   516  C CD2   . LEU A 1 66  ? -0.999  2.756   -10.709 1.00 18.28 ? 659  LEU A CD2   1 
ATOM   517  N N     . LYS A 1 67  ? -1.441  8.052   -11.955 1.00 14.13 ? 660  LYS A N     1 
ATOM   518  C CA    . LYS A 1 67  ? -0.565  9.151   -12.315 1.00 16.10 ? 660  LYS A CA    1 
ATOM   519  C C     . LYS A 1 67  ? -0.985  10.445  -11.626 1.00 15.47 ? 660  LYS A C     1 
ATOM   520  O O     . LYS A 1 67  ? -0.143  11.175  -11.090 1.00 15.37 ? 660  LYS A O     1 
ATOM   521  C CB    . LYS A 1 67  ? -0.481  9.312   -13.836 1.00 18.18 ? 660  LYS A CB    1 
ATOM   522  C CG    . LYS A 1 67  ? 0.282   8.161   -14.479 1.00 21.01 ? 660  LYS A CG    1 
ATOM   523  C CD    . LYS A 1 67  ? 0.326   8.253   -15.997 1.00 23.89 ? 660  LYS A CD    1 
ATOM   524  C CE    . LYS A 1 67  ? 1.173   7.120   -16.588 1.00 27.60 ? 660  LYS A CE    1 
ATOM   525  N NZ    . LYS A 1 67  ? 1.120   7.094   -18.082 1.00 30.81 ? 660  LYS A NZ    1 
ATOM   526  N N     . THR A 1 68  ? -2.287  10.713  -11.602 1.00 14.86 ? 661  THR A N     1 
ATOM   527  C CA    . THR A 1 68  ? -2.777  11.921  -10.946 1.00 13.36 ? 661  THR A CA    1 
ATOM   528  C C     . THR A 1 68  ? -2.518  11.910  -9.439  1.00 15.41 ? 661  THR A C     1 
ATOM   529  O O     . THR A 1 68  ? -2.064  12.906  -8.872  1.00 14.35 ? 661  THR A O     1 
ATOM   530  C CB    . THR A 1 68  ? -4.283  12.143  -11.218 1.00 17.72 ? 661  THR A CB    1 
ATOM   531  O OG1   . THR A 1 68  ? -4.487  12.327  -12.627 1.00 20.51 ? 661  THR A OG1   1 
ATOM   532  C CG2   . THR A 1 68  ? -4.776  13.376  -10.491 1.00 22.12 ? 661  THR A CG2   1 
ATOM   533  N N     . ARG A 1 69  ? -2.818  10.789  -8.789  1.00 12.78 ? 662  ARG A N     1 
ATOM   534  C CA    . ARG A 1 69  ? -2.658  10.696  -7.344  1.00 14.43 ? 662  ARG A CA    1 
ATOM   535  C C     . ARG A 1 69  ? -1.183  10.762  -6.969  1.00 14.04 ? 662  ARG A C     1 
ATOM   536  O O     . ARG A 1 69  ? -0.817  11.332  -5.932  1.00 14.04 ? 662  ARG A O     1 
ATOM   537  C CB    . ARG A 1 69  ? -3.271  9.406   -6.797  1.00 15.08 ? 662  ARG A CB    1 
ATOM   538  C CG    . ARG A 1 69  ? -3.590  9.482   -5.316  1.00 13.79 ? 662  ARG A CG    1 
ATOM   539  C CD    . ARG A 1 69  ? -4.442  10.726  -5.041  1.00 19.34 ? 662  ARG A CD    1 
ATOM   540  N NE    . ARG A 1 69  ? -5.165  10.658  -3.771  1.00 17.16 ? 662  ARG A NE    1 
ATOM   541  C CZ    . ARG A 1 69  ? -6.100  11.525  -3.398  1.00 19.07 ? 662  ARG A CZ    1 
ATOM   542  N NH1   . ARG A 1 69  ? -6.713  11.376  -2.234  1.00 18.13 ? 662  ARG A NH1   1 
ATOM   543  N NH2   . ARG A 1 69  ? -6.436  12.538  -4.193  1.00 21.53 ? 662  ARG A NH2   1 
ATOM   544  N N     . TYR A 1 70  ? -0.349  10.158  -7.810  1.00 13.13 ? 663  TYR A N     1 
ATOM   545  C CA    . TYR A 1 70  ? 1.096   10.198  -7.618  1.00 13.60 ? 663  TYR A CA    1 
ATOM   546  C C     . TYR A 1 70  ? 1.586   11.640  -7.697  1.00 14.18 ? 663  TYR A C     1 
ATOM   547  O O     . TYR A 1 70  ? 2.363   12.097  -6.858  1.00 14.12 ? 663  TYR A O     1 
ATOM   548  C CB    . TYR A 1 70  ? 1.789   9.346   -8.680  1.00 14.58 ? 663  TYR A CB    1 
ATOM   549  C CG    . TYR A 1 70  ? 3.303   9.432   -8.652  1.00 14.90 ? 663  TYR A CG    1 
ATOM   550  C CD1   . TYR A 1 70  ? 3.979   10.375  -9.418  1.00 17.09 ? 663  TYR A CD1   1 
ATOM   551  C CD2   . TYR A 1 70  ? 4.054   8.571   -7.865  1.00 16.01 ? 663  TYR A CD2   1 
ATOM   552  C CE1   . TYR A 1 70  ? 5.357   10.454  -9.402  1.00 19.30 ? 663  TYR A CE1   1 
ATOM   553  C CE2   . TYR A 1 70  ? 5.432   8.649   -7.831  1.00 15.75 ? 663  TYR A CE2   1 
ATOM   554  C CZ    . TYR A 1 70  ? 6.077   9.591   -8.611  1.00 17.68 ? 663  TYR A CZ    1 
ATOM   555  O OH    . TYR A 1 70  ? 7.447   9.680   -8.598  1.00 16.80 ? 663  TYR A OH    1 
ATOM   556  N N     . HIS A 1 71  ? 1.131   12.357  -8.718  1.00 14.97 ? 664  HIS A N     1 
ATOM   557  C CA    . HIS A 1 71  ? 1.514   13.752  -8.886  1.00 16.87 ? 664  HIS A CA    1 
ATOM   558  C C     . HIS A 1 71  ? 1.045   14.617  -7.723  1.00 17.06 ? 664  HIS A C     1 
ATOM   559  O O     . HIS A 1 71  ? 1.801   15.408  -7.183  1.00 16.16 ? 664  HIS A O     1 
ATOM   560  C CB    . HIS A 1 71  ? 0.950   14.329  -10.191 1.00 19.80 ? 664  HIS A CB    1 
ATOM   561  C CG    . HIS A 1 71  ? 1.243   15.788  -10.362 1.00 25.75 ? 664  HIS A CG    1 
ATOM   562  N ND1   . HIS A 1 71  ? 2.334   16.252  -11.067 1.00 30.33 ? 664  HIS A ND1   1 
ATOM   563  C CD2   . HIS A 1 71  ? 0.617   16.887  -9.874  1.00 27.51 ? 664  HIS A CD2   1 
ATOM   564  C CE1   . HIS A 1 71  ? 2.350   17.574  -11.030 1.00 35.07 ? 664  HIS A CE1   1 
ATOM   565  N NE2   . HIS A 1 71  ? 1.321   17.984  -10.308 1.00 30.22 ? 664  HIS A NE2   1 
ATOM   566  N N     . ASP A 1 72  ? -0.217  14.481  -7.344  1.00 16.97 ? 665  ASP A N     1 
ATOM   567  C CA    . ASP A 1 72  ? -0.776  15.343  -6.313  1.00 12.64 ? 665  ASP A CA    1 
ATOM   568  C C     . ASP A 1 72  ? -0.128  15.084  -4.950  1.00 17.87 ? 665  ASP A C     1 
ATOM   569  O O     . ASP A 1 72  ? 0.137   16.014  -4.186  1.00 17.59 ? 665  ASP A O     1 
ATOM   570  C CB    . ASP A 1 72  ? -2.294  15.167  -6.232  1.00 15.50 ? 665  ASP A CB    1 
ATOM   571  C CG    . ASP A 1 72  ? -3.012  15.733  -7.446  1.00 19.73 ? 665  ASP A CG    1 
ATOM   572  O OD1   . ASP A 1 72  ? -4.221  15.469  -7.584  1.00 22.66 ? 665  ASP A OD1   1 
ATOM   573  O OD2   . ASP A 1 72  ? -2.364  16.422  -8.265  1.00 21.33 ? 665  ASP A OD2   1 
ATOM   574  N N     . ALA A 1 73  ? 0.136   13.818  -4.644  1.00 11.86 ? 666  ALA A N     1 
ATOM   575  C CA    . ALA A 1 73  ? 0.728   13.481  -3.358  1.00 14.26 ? 666  ALA A CA    1 
ATOM   576  C C     . ALA A 1 73  ? 2.184   13.930  -3.303  1.00 15.27 ? 666  ALA A C     1 
ATOM   577  O O     . ALA A 1 73  ? 2.628   14.517  -2.311  1.00 14.60 ? 666  ALA A O     1 
ATOM   578  C CB    . ALA A 1 73  ? 0.596   11.982  -3.075  1.00 13.46 ? 666  ALA A CB    1 
ATOM   579  N N     . THR A 1 74  ? 2.925   13.682  -4.375  1.00 14.24 ? 667  THR A N     1 
ATOM   580  C CA    . THR A 1 74  ? 4.327   14.072  -4.407  1.00 16.83 ? 667  THR A CA    1 
ATOM   581  C C     . THR A 1 74  ? 4.483   15.591  -4.249  1.00 19.11 ? 667  THR A C     1 
ATOM   582  O O     . THR A 1 74  ? 5.347   16.063  -3.502  1.00 18.92 ? 667  THR A O     1 
ATOM   583  C CB    . THR A 1 74  ? 5.025   13.589  -5.698  1.00 17.32 ? 667  THR A CB    1 
ATOM   584  O OG1   . THR A 1 74  ? 4.890   12.165  -5.818  1.00 14.17 ? 667  THR A OG1   1 
ATOM   585  C CG2   . THR A 1 74  ? 6.502   13.960  -5.685  1.00 18.71 ? 667  THR A CG2   1 
ATOM   586  N N     . SER A 1 75  ? 3.633   16.353  -4.934  1.00 20.15 ? 668  SER A N     1 
ATOM   587  C CA    . SER A 1 75  ? 3.704   17.816  -4.885  1.00 20.10 ? 668  SER A CA    1 
ATOM   588  C C     . SER A 1 75  ? 3.417   18.358  -3.482  1.00 21.37 ? 668  SER A C     1 
ATOM   589  O O     . SER A 1 75  ? 3.734   19.505  -3.167  1.00 27.83 ? 668  SER A O     1 
ATOM   590  C CB    . SER A 1 75  ? 2.737   18.427  -5.909  1.00 23.01 ? 668  SER A CB    1 
ATOM   591  O OG    . SER A 1 75  ? 1.390   18.209  -5.516  1.00 25.89 ? 668  SER A OG    1 
ATOM   592  N N     . LYS A 1 76  ? 2.822   17.520  -2.640  1.00 17.29 ? 669  LYS A N     1 
ATOM   593  C CA    . LYS A 1 76  ? 2.515   17.880  -1.267  1.00 16.42 ? 669  LYS A CA    1 
ATOM   594  C C     . LYS A 1 76  ? 3.723   17.721  -0.331  1.00 19.61 ? 669  LYS A C     1 
ATOM   595  O O     . LYS A 1 76  ? 3.732   18.239  0.779   1.00 23.73 ? 669  LYS A O     1 
ATOM   596  C CB    . LYS A 1 76  ? 1.369   17.017  -0.756  1.00 22.86 ? 669  LYS A CB    1 
ATOM   597  C CG    . LYS A 1 76  ? 0.344   17.775  0.029   1.00 29.93 ? 669  LYS A CG    1 
ATOM   598  C CD    . LYS A 1 76  ? -0.329  16.867  1.025   1.00 31.13 ? 669  LYS A CD    1 
ATOM   599  C CE    . LYS A 1 76  ? -1.408  17.593  1.782   1.00 31.21 ? 669  LYS A CE    1 
ATOM   600  N NZ    . LYS A 1 76  ? -2.184  16.627  2.604   1.00 35.66 ? 669  LYS A NZ    1 
ATOM   601  N N     . LEU A 1 77  ? 4.741   17.003  -0.783  1.00 16.55 ? 670  LEU A N     1 
ATOM   602  C CA    . LEU A 1 77  ? 5.868   16.663  0.076   1.00 14.59 ? 670  LEU A CA    1 
ATOM   603  C C     . LEU A 1 77  ? 6.905   17.787  0.131   1.00 16.63 ? 670  LEU A C     1 
ATOM   604  O O     . LEU A 1 77  ? 6.964   18.630  -0.767  1.00 16.51 ? 670  LEU A O     1 
ATOM   605  C CB    . LEU A 1 77  ? 6.525   15.380  -0.434  1.00 12.99 ? 670  LEU A CB    1 
ATOM   606  C CG    . LEU A 1 77  ? 5.616   14.151  -0.491  1.00 12.83 ? 670  LEU A CG    1 
ATOM   607  C CD1   . LEU A 1 77  ? 6.415   12.945  -0.964  1.00 14.58 ? 670  LEU A CD1   1 
ATOM   608  C CD2   . LEU A 1 77  ? 4.997   13.889  0.869   1.00 15.11 ? 670  LEU A CD2   1 
ATOM   609  N N     . SER A 1 78  ? 7.722   17.785  1.178   1.00 14.27 ? 671  SER A N     1 
ATOM   610  C CA    . SER A 1 78  ? 8.881   18.673  1.228   1.00 15.14 ? 671  SER A CA    1 
ATOM   611  C C     . SER A 1 78  ? 9.749   18.393  0.007   1.00 13.87 ? 671  SER A C     1 
ATOM   612  O O     . SER A 1 78  ? 9.991   17.244  -0.318  1.00 14.33 ? 671  SER A O     1 
ATOM   613  C CB    . SER A 1 78  ? 9.677   18.448  2.514   1.00 15.56 ? 671  SER A CB    1 
ATOM   614  O OG    . SER A 1 78  ? 10.756  19.369  2.624   1.00 16.55 ? 671  SER A OG    1 
ATOM   615  N N     . GLN A 1 79  ? 10.203  19.452  -0.663  1.00 16.83 ? 672  GLN A N     1 
ATOM   616  C CA    . GLN A 1 79  ? 10.959  19.350  -1.913  1.00 14.10 ? 672  GLN A CA    1 
ATOM   617  C C     . GLN A 1 79  ? 12.050  18.277  -1.880  1.00 14.53 ? 672  GLN A C     1 
ATOM   618  O O     . GLN A 1 79  ? 12.954  18.324  -1.044  1.00 13.61 ? 672  GLN A O     1 
ATOM   619  C CB    . GLN A 1 79  ? 11.559  20.719  -2.250  1.00 21.06 ? 672  GLN A CB    1 
ATOM   620  C CG    . GLN A 1 79  ? 12.232  20.830  -3.616  1.00 25.46 ? 672  GLN A CG    1 
ATOM   621  C CD    . GLN A 1 79  ? 12.984  22.156  -3.771  1.00 26.48 ? 672  GLN A CD    1 
ATOM   622  O OE1   . GLN A 1 79  ? 14.210  22.210  -3.631  1.00 24.97 ? 672  GLN A OE1   1 
ATOM   623  N NE2   . GLN A 1 79  ? 12.241  23.234  -4.031  1.00 26.07 ? 672  GLN A NE2   1 
ATOM   624  N N     . GLY A 1 80  ? 11.969  17.309  -2.788  1.00 14.78 ? 673  GLY A N     1 
ATOM   625  C CA    . GLY A 1 80  ? 12.970  16.260  -2.862  1.00 14.21 ? 673  GLY A CA    1 
ATOM   626  C C     . GLY A 1 80  ? 12.613  14.973  -2.124  1.00 16.90 ? 673  GLY A C     1 
ATOM   627  O O     . GLY A 1 80  ? 13.292  13.952  -2.273  1.00 12.64 ? 673  GLY A O     1 
ATOM   628  N N     . LYS A 1 81  ? 11.565  15.020  -1.307  1.00 12.36 ? 674  LYS A N     1 
ATOM   629  C CA    . LYS A 1 81  ? 11.044  13.807  -0.673  1.00 14.81 ? 674  LYS A CA    1 
ATOM   630  C C     . LYS A 1 81  ? 10.115  13.101  -1.651  1.00 13.47 ? 674  LYS A C     1 
ATOM   631  O O     . LYS A 1 81  ? 9.522   13.741  -2.522  1.00 18.02 ? 674  LYS A O     1 
ATOM   632  C CB    . LYS A 1 81  ? 10.300  14.149  0.623   1.00 13.12 ? 674  LYS A CB    1 
ATOM   633  C CG    . LYS A 1 81  ? 11.152  14.900  1.637   1.00 16.28 ? 674  LYS A CG    1 
ATOM   634  C CD    . LYS A 1 81  ? 12.345  14.055  2.084   1.00 12.73 ? 674  LYS A CD    1 
ATOM   635  C CE    . LYS A 1 81  ? 13.180  14.797  3.136   1.00 15.70 ? 674  LYS A CE    1 
ATOM   636  N NZ    . LYS A 1 81  ? 14.312  13.971  3.648   1.00 21.54 ? 674  LYS A NZ    1 
ATOM   637  N N     . GLU A 1 82  ? 9.985   11.780  -1.522  1.00 14.79 ? 675  GLU A N     1 
ATOM   638  C CA    . GLU A 1 82  ? 9.203   10.989  -2.476  1.00 12.21 ? 675  GLU A CA    1 
ATOM   639  C C     . GLU A 1 82  ? 8.256   10.035  -1.757  1.00 13.13 ? 675  GLU A C     1 
ATOM   640  O O     . GLU A 1 82  ? 8.444   9.743   -0.573  1.00 14.00 ? 675  GLU A O     1 
ATOM   641  C CB    . GLU A 1 82  ? 10.117  10.170  -3.392  1.00 16.78 ? 675  GLU A CB    1 
ATOM   642  C CG    . GLU A 1 82  ? 11.146  10.977  -4.177  1.00 21.89 ? 675  GLU A CG    1 
ATOM   643  C CD    . GLU A 1 82  ? 10.527  11.848  -5.266  1.00 21.32 ? 675  GLU A CD    1 
ATOM   644  O OE1   . GLU A 1 82  ? 9.347   11.637  -5.626  1.00 20.17 ? 675  GLU A OE1   1 
ATOM   645  O OE2   . GLU A 1 82  ? 11.233  12.742  -5.775  1.00 21.87 ? 675  GLU A OE2   1 
ATOM   646  N N     . ILE A 1 83  ? 7.234   9.557   -2.467  1.00 12.76 ? 676  ILE A N     1 
ATOM   647  C CA    . ILE A 1 83  ? 6.293   8.594   -1.881  1.00 12.28 ? 676  ILE A CA    1 
ATOM   648  C C     . ILE A 1 83  ? 6.944   7.221   -1.733  1.00 11.31 ? 676  ILE A C     1 
ATOM   649  O O     . ILE A 1 83  ? 7.493   6.669   -2.698  1.00 13.45 ? 676  ILE A O     1 
ATOM   650  C CB    . ILE A 1 83  ? 5.014   8.429   -2.728  1.00 13.27 ? 676  ILE A CB    1 
ATOM   651  C CG1   . ILE A 1 83  ? 4.319   9.771   -2.925  1.00 13.13 ? 676  ILE A CG1   1 
ATOM   652  C CG2   . ILE A 1 83  ? 4.040   7.462   -2.043  1.00 13.26 ? 676  ILE A CG2   1 
ATOM   653  C CD1   . ILE A 1 83  ? 3.229   9.715   -3.953  1.00 13.76 ? 676  ILE A CD1   1 
ATOM   654  N N     . ASP A 1 84  ? 6.864   6.666   -0.524  1.00 10.45 ? 677  ASP A N     1 
ATOM   655  C CA    . ASP A 1 84  ? 7.526   5.402   -0.209  1.00 9.92  ? 677  ASP A CA    1 
ATOM   656  C C     . ASP A 1 84  ? 6.701   4.167   -0.562  1.00 11.93 ? 677  ASP A C     1 
ATOM   657  O O     . ASP A 1 84  ? 7.248   3.077   -0.771  1.00 11.58 ? 677  ASP A O     1 
ATOM   658  C CB    . ASP A 1 84  ? 7.886   5.358   1.281   1.00 11.41 ? 677  ASP A CB    1 
ATOM   659  C CG    . ASP A 1 84  ? 8.856   6.446   1.668   1.00 17.14 ? 677  ASP A CG    1 
ATOM   660  O OD1   . ASP A 1 84  ? 9.930   6.507   1.044   1.00 15.03 ? 677  ASP A OD1   1 
ATOM   661  O OD2   . ASP A 1 84  ? 8.548   7.233   2.588   1.00 11.52 ? 677  ASP A OD2   1 
ATOM   662  N N     . LEU A 1 85  ? 5.385   4.325   -0.612  1.00 10.49 ? 678  LEU A N     1 
ATOM   663  C CA    . LEU A 1 85  ? 4.514   3.165   -0.745  1.00 8.17  ? 678  LEU A CA    1 
ATOM   664  C C     . LEU A 1 85  ? 3.140   3.565   -1.252  1.00 9.17  ? 678  LEU A C     1 
ATOM   665  O O     . LEU A 1 85  ? 2.571   4.551   -0.788  1.00 8.83  ? 678  LEU A O     1 
ATOM   666  C CB    . LEU A 1 85  ? 4.367   2.474   0.612   1.00 9.61  ? 678  LEU A CB    1 
ATOM   667  C CG    . LEU A 1 85  ? 3.349   1.335   0.704   1.00 9.56  ? 678  LEU A CG    1 
ATOM   668  C CD1   . LEU A 1 85  ? 3.828   0.123   -0.108  1.00 9.48  ? 678  LEU A CD1   1 
ATOM   669  C CD2   . LEU A 1 85  ? 3.128   0.952   2.166   1.00 7.66  ? 678  LEU A CD2   1 
ATOM   670  N N     . LEU A 1 86  ? 2.617   2.781   -2.191  1.00 8.32  ? 679  LEU A N     1 
ATOM   671  C CA    . LEU A 1 86  ? 1.208   2.859   -2.587  1.00 8.70  ? 679  LEU A CA    1 
ATOM   672  C C     . LEU A 1 86  ? 0.537   1.567   -2.135  1.00 8.37  ? 679  LEU A C     1 
ATOM   673  O O     . LEU A 1 86  ? 0.981   0.476   -2.501  1.00 9.58  ? 679  LEU A O     1 
ATOM   674  C CB    . LEU A 1 86  ? 1.064   3.015   -4.113  1.00 7.89  ? 679  LEU A CB    1 
ATOM   675  C CG    . LEU A 1 86  ? -0.317  2.731   -4.721  1.00 9.18  ? 679  LEU A CG    1 
ATOM   676  C CD1   . LEU A 1 86  ? -1.335  3.783   -4.291  1.00 7.95  ? 679  LEU A CD1   1 
ATOM   677  C CD2   . LEU A 1 86  ? -0.258  2.661   -6.252  1.00 13.10 ? 679  LEU A CD2   1 
ATOM   678  N N     . ILE A 1 87  ? -0.501  1.694   -1.312  1.00 8.21  ? 680  ILE A N     1 
ATOM   679  C CA    . ILE A 1 87  ? -1.320  0.552   -0.919  1.00 7.64  ? 680  ILE A CA    1 
ATOM   680  C C     . ILE A 1 87  ? -2.531  0.523   -1.843  1.00 9.93  ? 680  ILE A C     1 
ATOM   681  O O     . ILE A 1 87  ? -3.215  1.536   -2.004  1.00 10.38 ? 680  ILE A O     1 
ATOM   682  C CB    . ILE A 1 87  ? -1.795  0.658   0.547   1.00 8.25  ? 680  ILE A CB    1 
ATOM   683  C CG1   . ILE A 1 87  ? -0.577  0.693   1.491   1.00 9.89  ? 680  ILE A CG1   1 
ATOM   684  C CG2   . ILE A 1 87  ? -2.741  -0.510  0.891   1.00 7.34  ? 680  ILE A CG2   1 
ATOM   685  C CD1   . ILE A 1 87  ? -0.913  0.928   2.950   1.00 11.01 ? 680  ILE A CD1   1 
ATOM   686  N N     . VAL A 1 88  ? -2.773  -0.614  -2.486  1.00 7.98  ? 681  VAL A N     1 
ATOM   687  C CA    . VAL A 1 88  ? -3.913  -0.720  -3.400  1.00 9.37  ? 681  VAL A CA    1 
ATOM   688  C C     . VAL A 1 88  ? -4.890  -1.765  -2.919  1.00 9.22  ? 681  VAL A C     1 
ATOM   689  O O     . VAL A 1 88  ? -4.524  -2.921  -2.700  1.00 10.88 ? 681  VAL A O     1 
ATOM   690  C CB    . VAL A 1 88  ? -3.488  -1.093  -4.835  1.00 9.46  ? 681  VAL A CB    1 
ATOM   691  C CG1   . VAL A 1 88  ? -4.722  -1.117  -5.760  1.00 10.92 ? 681  VAL A CG1   1 
ATOM   692  C CG2   . VAL A 1 88  ? -2.461  -0.093  -5.371  1.00 10.68 ? 681  VAL A CG2   1 
ATOM   693  N N     . ILE A 1 89  ? -6.141  -1.356  -2.758  1.00 9.39  ? 682  ILE A N     1 
ATOM   694  C CA    . ILE A 1 89  ? -7.214  -2.291  -2.465  1.00 9.12  ? 682  ILE A CA    1 
ATOM   695  C C     . ILE A 1 89  ? -7.876  -2.669  -3.790  1.00 9.38  ? 682  ILE A C     1 
ATOM   696  O O     . ILE A 1 89  ? -8.288  -1.802  -4.572  1.00 10.35 ? 682  ILE A O     1 
ATOM   697  C CB    . ILE A 1 89  ? -8.234  -1.666  -1.486  1.00 10.83 ? 682  ILE A CB    1 
ATOM   698  C CG1   . ILE A 1 89  ? -7.574  -1.444  -0.119  1.00 9.66  ? 682  ILE A CG1   1 
ATOM   699  C CG2   . ILE A 1 89  ? -9.467  -2.546  -1.350  1.00 10.63 ? 682  ILE A CG2   1 
ATOM   700  C CD1   . ILE A 1 89  ? -8.374  -0.572  0.836   1.00 13.40 ? 682  ILE A CD1   1 
ATOM   701  N N     . LEU A 1 90  ? -7.950  -3.962  -4.078  1.00 11.42 ? 683  LEU A N     1 
ATOM   702  C CA    . LEU A 1 90  ? -8.559  -4.355  -5.345  1.00 12.96 ? 683  LEU A CA    1 
ATOM   703  C C     . LEU A 1 90  ? -9.568  -5.484  -5.197  1.00 17.23 ? 683  LEU A C     1 
ATOM   704  O O     . LEU A 1 90  ? -9.497  -6.276  -4.250  1.00 14.83 ? 683  LEU A O     1 
ATOM   705  C CB    . LEU A 1 90  ? -7.493  -4.676  -6.410  1.00 16.73 ? 683  LEU A CB    1 
ATOM   706  C CG    . LEU A 1 90  ? -6.445  -5.757  -6.195  1.00 21.09 ? 683  LEU A CG    1 
ATOM   707  C CD1   . LEU A 1 90  ? -7.092  -7.105  -6.295  1.00 28.97 ? 683  LEU A CD1   1 
ATOM   708  C CD2   . LEU A 1 90  ? -5.359  -5.638  -7.255  1.00 24.01 ? 683  LEU A CD2   1 
ATOM   709  N N     . PRO A 1 91  ? -10.515 -5.554  -6.140  1.00 14.93 ? 684  PRO A N     1 
ATOM   710  C CA    . PRO A 1 91  ? -11.546 -6.591  -6.107  1.00 24.82 ? 684  PRO A CA    1 
ATOM   711  C C     . PRO A 1 91  ? -10.915 -7.970  -6.144  1.00 22.87 ? 684  PRO A C     1 
ATOM   712  O O     . PRO A 1 91  ? -9.843  -8.164  -6.733  1.00 20.28 ? 684  PRO A O     1 
ATOM   713  C CB    . PRO A 1 91  ? -12.344 -6.334  -7.382  1.00 22.71 ? 684  PRO A CB    1 
ATOM   714  C CG    . PRO A 1 91  ? -12.069 -4.913  -7.734  1.00 20.87 ? 684  PRO A CG    1 
ATOM   715  C CD    . PRO A 1 91  ? -10.666 -4.650  -7.293  1.00 15.44 ? 684  PRO A CD    1 
ATOM   716  N N     . ASP A 1 92  ? -11.592 -8.921  -5.516  1.00 32.28 ? 685  ASP A N     1 
ATOM   717  C CA    . ASP A 1 92  ? -11.112 -10.291 -5.443  1.00 28.69 ? 685  ASP A CA    1 
ATOM   718  C C     . ASP A 1 92  ? -10.750 -10.846 -6.819  1.00 30.85 ? 685  ASP A C     1 
ATOM   719  O O     . ASP A 1 92  ? -9.705  -11.467 -6.974  1.00 35.58 ? 685  ASP A O     1 
ATOM   720  C CB    . ASP A 1 92  ? -12.139 -11.179 -4.733  1.00 33.75 ? 685  ASP A CB    1 
ATOM   721  C CG    . ASP A 1 92  ? -12.388 -10.747 -3.287  1.00 35.80 ? 685  ASP A CG    1 
ATOM   722  O OD1   . ASP A 1 92  ? -11.424 -10.314 -2.602  1.00 22.37 ? 685  ASP A OD1   1 
ATOM   723  O OD2   . ASP A 1 92  ? -13.551 -10.849 -2.831  1.00 39.56 ? 685  ASP A OD2   1 
ATOM   724  N N     . ASN A 1 93  ? -11.614 -10.622 -7.809  1.00 32.98 ? 686  ASN A N     1 
ATOM   725  C CA    . ASN A 1 93  ? -11.328 -10.989 -9.198  1.00 36.08 ? 686  ASN A CA    1 
ATOM   726  C C     . ASN A 1 93  ? -11.191 -9.720  -10.028 1.00 34.73 ? 686  ASN A C     1 
ATOM   727  O O     . ASN A 1 93  ? -12.161 -8.977  -10.193 1.00 35.85 ? 686  ASN A O     1 
ATOM   728  C CB    . ASN A 1 93  ? -12.447 -11.863 -9.783  1.00 40.52 ? 686  ASN A CB    1 
ATOM   729  C CG    . ASN A 1 93  ? -12.325 -13.330 -9.388  1.00 45.63 ? 686  ASN A CG    1 
ATOM   730  O OD1   . ASN A 1 93  ? -11.497 -14.067 -9.928  1.00 44.82 ? 686  ASN A OD1   1 
ATOM   731  N ND2   . ASN A 1 93  ? -13.165 -13.762 -8.453  1.00 46.67 ? 686  ASN A ND2   1 
ATOM   732  N N     . ASN A 1 94  ? -10.000 -9.468  -10.564 1.00 28.01 ? 687  ASN A N     1 
ATOM   733  C CA    . ASN A 1 94  ? -9.735  -8.163  -11.159 1.00 26.86 ? 687  ASN A CA    1 
ATOM   734  C C     . ASN A 1 94  ? -9.216  -8.166  -12.596 1.00 25.10 ? 687  ASN A C     1 
ATOM   735  O O     . ASN A 1 94  ? -8.904  -7.110  -13.145 1.00 20.84 ? 687  ASN A O     1 
ATOM   736  C CB    . ASN A 1 94  ? -8.786  -7.369  -10.265 1.00 22.04 ? 687  ASN A CB    1 
ATOM   737  C CG    . ASN A 1 94  ? -7.414  -7.994  -10.188 1.00 22.84 ? 687  ASN A CG    1 
ATOM   738  O OD1   . ASN A 1 94  ? -6.601  -7.849  -11.102 1.00 22.01 ? 687  ASN A OD1   1 
ATOM   739  N ND2   . ASN A 1 94  ? -7.151  -8.710  -9.103  1.00 20.31 ? 687  ASN A ND2   1 
ATOM   740  N N     . GLY A 1 95  ? -9.122  -9.341  -13.210 1.00 25.87 ? 688  GLY A N     1 
ATOM   741  C CA    . GLY A 1 95  ? -8.682  -9.408  -14.592 1.00 21.52 ? 688  GLY A CA    1 
ATOM   742  C C     . GLY A 1 95  ? -7.303  -8.803  -14.796 1.00 21.06 ? 688  GLY A C     1 
ATOM   743  O O     . GLY A 1 95  ? -6.331  -9.276  -14.208 1.00 22.54 ? 688  GLY A O     1 
ATOM   744  N N     . SER A 1 96  ? -7.214  -7.759  -15.622 1.00 17.83 ? 689  SER A N     1 
ATOM   745  C CA    . SER A 1 96  ? -5.916  -7.182  -15.990 1.00 20.42 ? 689  SER A CA    1 
ATOM   746  C C     . SER A 1 96  ? -5.449  -6.076  -15.034 1.00 17.84 ? 689  SER A C     1 
ATOM   747  O O     . SER A 1 96  ? -4.368  -5.508  -15.212 1.00 16.25 ? 689  SER A O     1 
ATOM   748  C CB    . SER A 1 96  ? -5.953  -6.635  -17.418 1.00 21.88 ? 689  SER A CB    1 
ATOM   749  O OG    . SER A 1 96  ? -6.736  -5.459  -17.489 1.00 21.34 ? 689  SER A OG    1 
ATOM   750  N N     . LEU A 1 97  ? -6.259  -5.767  -14.028 1.00 14.13 ? 690  LEU A N     1 
ATOM   751  C CA    . LEU A 1 97  ? -5.942  -4.666  -13.119 1.00 14.68 ? 690  LEU A CA    1 
ATOM   752  C C     . LEU A 1 97  ? -4.620  -4.869  -12.372 1.00 13.70 ? 690  LEU A C     1 
ATOM   753  O O     . LEU A 1 97  ? -3.790  -3.965  -12.319 1.00 15.42 ? 690  LEU A O     1 
ATOM   754  C CB    . LEU A 1 97  ? -7.079  -4.447  -12.124 1.00 15.44 ? 690  LEU A CB    1 
ATOM   755  C CG    . LEU A 1 97  ? -6.872  -3.365  -11.066 1.00 15.59 ? 690  LEU A CG    1 
ATOM   756  C CD1   . LEU A 1 97  ? -6.648  -1.992  -11.709 1.00 13.81 ? 690  LEU A CD1   1 
ATOM   757  C CD2   . LEU A 1 97  ? -8.073  -3.337  -10.105 1.00 16.13 ? 690  LEU A CD2   1 
ATOM   758  N N     . TYR A 1 98  ? -4.422  -6.043  -11.783 1.00 13.89 ? 691  TYR A N     1 
ATOM   759  C CA    . TYR A 1 98  ? -3.174  -6.291  -11.059 1.00 13.36 ? 691  TYR A CA    1 
ATOM   760  C C     . TYR A 1 98  ? -1.954  -6.018  -11.956 1.00 17.12 ? 691  TYR A C     1 
ATOM   761  O O     . TYR A 1 98  ? -1.031  -5.293  -11.571 1.00 15.51 ? 691  TYR A O     1 
ATOM   762  C CB    . TYR A 1 98  ? -3.130  -7.715  -10.495 1.00 15.07 ? 691  TYR A CB    1 
ATOM   763  C CG    . TYR A 1 98  ? -1.848  -8.035  -9.746  1.00 17.87 ? 691  TYR A CG    1 
ATOM   764  C CD1   . TYR A 1 98  ? -0.753  -8.565  -10.412 1.00 17.35 ? 691  TYR A CD1   1 
ATOM   765  C CD2   . TYR A 1 98  ? -1.738  -7.808  -8.380  1.00 15.85 ? 691  TYR A CD2   1 
ATOM   766  C CE1   . TYR A 1 98  ? 0.419   -8.857  -9.749  1.00 18.46 ? 691  TYR A CE1   1 
ATOM   767  C CE2   . TYR A 1 98  ? -0.559  -8.097  -7.698  1.00 15.96 ? 691  TYR A CE2   1 
ATOM   768  C CZ    . TYR A 1 98  ? 0.514   -8.624  -8.396  1.00 16.61 ? 691  TYR A CZ    1 
ATOM   769  O OH    . TYR A 1 98  ? 1.691   -8.925  -7.755  1.00 14.18 ? 691  TYR A OH    1 
ATOM   770  N N     . GLY A 1 99  ? -1.956  -6.600  -13.150 1.00 16.39 ? 692  GLY A N     1 
ATOM   771  C CA    . GLY A 1 99  ? -0.854  -6.421  -14.084 1.00 17.01 ? 692  GLY A CA    1 
ATOM   772  C C     . GLY A 1 99  ? -0.651  -4.985  -14.527 1.00 17.01 ? 692  GLY A C     1 
ATOM   773  O O     . GLY A 1 99  ? 0.488   -4.506  -14.617 1.00 15.18 ? 692  GLY A O     1 
ATOM   774  N N     . ASP A 1 100 ? -1.750  -4.296  -14.822 1.00 15.72 ? 693  ASP A N     1 
ATOM   775  C CA    . ASP A 1 100 ? -1.695  -2.877  -15.197 1.00 16.97 ? 693  ASP A CA    1 
ATOM   776  C C     . ASP A 1 100 ? -1.061  -2.057  -14.076 1.00 16.02 ? 693  ASP A C     1 
ATOM   777  O O     . ASP A 1 100 ? -0.168  -1.242  -14.294 1.00 15.72 ? 693  ASP A O     1 
ATOM   778  C CB    . ASP A 1 100 ? -3.103  -2.344  -15.480 1.00 17.03 ? 693  ASP A CB    1 
ATOM   779  C CG    . ASP A 1 100 ? -3.718  -2.946  -16.732 1.00 24.18 ? 693  ASP A CG    1 
ATOM   780  O OD1   . ASP A 1 100 ? -2.964  -3.531  -17.545 1.00 24.40 ? 693  ASP A OD1   1 
ATOM   781  O OD2   . ASP A 1 100 ? -4.956  -2.823  -16.897 1.00 24.00 ? 693  ASP A OD2   1 
ATOM   782  N N     . LEU A 1 101 ? -1.551  -2.297  -12.870 1.00 14.08 ? 694  LEU A N     1 
ATOM   783  C CA    A LEU A 1 101 ? -1.054  -1.644  -11.664 0.50 15.61 ? 694  LEU A CA    1 
ATOM   784  C CA    B LEU A 1 101 ? -1.055  -1.644  -11.671 0.50 15.55 ? 694  LEU A CA    1 
ATOM   785  C C     . LEU A 1 101 ? 0.457   -1.779  -11.553 1.00 15.08 ? 694  LEU A C     1 
ATOM   786  O O     . LEU A 1 101 ? 1.183   -0.787  -11.390 1.00 13.61 ? 694  LEU A O     1 
ATOM   787  C CB    A LEU A 1 101 ? -1.696  -2.297  -10.439 0.50 17.09 ? 694  LEU A CB    1 
ATOM   788  C CB    B LEU A 1 101 ? -1.710  -2.312  -10.471 0.50 17.18 ? 694  LEU A CB    1 
ATOM   789  C CG    A LEU A 1 101 ? -2.564  -1.507  -9.461  0.50 20.14 ? 694  LEU A CG    1 
ATOM   790  C CG    B LEU A 1 101 ? -2.194  -1.471  -9.310  0.50 20.35 ? 694  LEU A CG    1 
ATOM   791  C CD1   A LEU A 1 101 ? -2.874  -0.099  -9.923  0.50 16.16 ? 694  LEU A CD1   1 
ATOM   792  C CD1   B LEU A 1 101 ? -3.356  -2.207  -8.631  0.50 16.13 ? 694  LEU A CD1   1 
ATOM   793  C CD2   A LEU A 1 101 ? -3.841  -2.294  -9.151  0.50 14.42 ? 694  LEU A CD2   1 
ATOM   794  C CD2   B LEU A 1 101 ? -1.044  -1.223  -8.352  0.50 17.54 ? 694  LEU A CD2   1 
ATOM   795  N N     . LYS A 1 102 ? 0.927   -3.015  -11.618 1.00 12.54 ? 695  LYS A N     1 
ATOM   796  C CA    . LYS A 1 102 ? 2.348   -3.282  -11.430 1.00 13.63 ? 695  LYS A CA    1 
ATOM   797  C C     . LYS A 1 102 ? 3.200   -2.684  -12.545 1.00 13.92 ? 695  LYS A C     1 
ATOM   798  O O     . LYS A 1 102 ? 4.294   -2.187  -12.295 1.00 13.02 ? 695  LYS A O     1 
ATOM   799  C CB    . LYS A 1 102 ? 2.596   -4.788  -11.302 1.00 13.86 ? 695  LYS A CB    1 
ATOM   800  C CG    . LYS A 1 102 ? 2.016   -5.378  -10.026 1.00 14.69 ? 695  LYS A CG    1 
ATOM   801  C CD    . LYS A 1 102 ? 2.656   -4.749  -8.784  1.00 14.84 ? 695  LYS A CD    1 
ATOM   802  C CE    . LYS A 1 102 ? 1.990   -5.258  -7.511  1.00 15.26 ? 695  LYS A CE    1 
ATOM   803  N NZ    . LYS A 1 102 ? 2.681   -4.806  -6.270  1.00 13.17 ? 695  LYS A NZ    1 
ATOM   804  N N     . ARG A 1 103 ? 2.703   -2.719  -13.775 1.00 12.75 ? 696  ARG A N     1 
ATOM   805  C CA    . ARG A 1 103 ? 3.482   -2.180  -14.888 1.00 13.24 ? 696  ARG A CA    1 
ATOM   806  C C     . ARG A 1 103 ? 3.656   -0.668  -14.741 1.00 12.56 ? 696  ARG A C     1 
ATOM   807  O O     . ARG A 1 103 ? 4.749   -0.128  -14.926 1.00 14.28 ? 696  ARG A O     1 
ATOM   808  C CB    . ARG A 1 103 ? 2.818   -2.514  -16.231 1.00 16.87 ? 696  ARG A CB    1 
ATOM   809  C CG    . ARG A 1 103 ? 3.631   -2.040  -17.431 1.00 19.73 ? 696  ARG A CG    1 
ATOM   810  C CD    . ARG A 1 103 ? 2.864   -2.209  -18.731 1.00 27.79 ? 696  ARG A CD    1 
ATOM   811  N NE    . ARG A 1 103 ? 1.594   -1.491  -18.680 1.00 28.05 ? 696  ARG A NE    1 
ATOM   812  C CZ    . ARG A 1 103 ? 0.421   -2.076  -18.489 1.00 27.60 ? 696  ARG A CZ    1 
ATOM   813  N NH1   . ARG A 1 103 ? -0.684  -1.342  -18.450 1.00 28.46 ? 696  ARG A NH1   1 
ATOM   814  N NH2   . ARG A 1 103 ? 0.364   -3.397  -18.347 1.00 32.15 ? 696  ARG A NH2   1 
ATOM   815  N N     . ILE A 1 104 ? 2.569   0.015   -14.399 1.00 14.95 ? 697  ILE A N     1 
ATOM   816  C CA    . ILE A 1 104 ? 2.603   1.449   -14.153 1.00 13.72 ? 697  ILE A CA    1 
ATOM   817  C C     . ILE A 1 104 ? 3.528   1.829   -12.987 1.00 13.05 ? 697  ILE A C     1 
ATOM   818  O O     . ILE A 1 104 ? 4.367   2.715   -13.118 1.00 12.75 ? 697  ILE A O     1 
ATOM   819  C CB    . ILE A 1 104 ? 1.173   2.005   -13.927 1.00 16.51 ? 697  ILE A CB    1 
ATOM   820  C CG1   . ILE A 1 104 ? 0.345   1.850   -15.206 1.00 16.12 ? 697  ILE A CG1   1 
ATOM   821  C CG2   . ILE A 1 104 ? 1.222   3.465   -13.498 1.00 16.54 ? 697  ILE A CG2   1 
ATOM   822  C CD1   . ILE A 1 104 ? -1.131  2.170   -15.031 1.00 18.35 ? 697  ILE A CD1   1 
ATOM   823  N N     . CYS A 1 105 ? 3.379   1.158   -11.853 1.00 12.21 ? 698  CYS A N     1 
ATOM   824  C CA    . CYS A 1 105 ? 4.205   1.465   -10.684 1.00 10.98 ? 698  CYS A CA    1 
ATOM   825  C C     . CYS A 1 105 ? 5.671   1.112   -10.905 1.00 12.09 ? 698  CYS A C     1 
ATOM   826  O O     . CYS A 1 105 ? 6.559   1.874   -10.537 1.00 10.67 ? 698  CYS A O     1 
ATOM   827  C CB    . CYS A 1 105 ? 3.666   0.750   -9.444  1.00 13.08 ? 698  CYS A CB    1 
ATOM   828  S SG    . CYS A 1 105 ? 2.043   1.391   -8.936  1.00 11.95 ? 698  CYS A SG    1 
ATOM   829  N N     . GLU A 1 106 ? 5.923   -0.037  -11.526 1.00 11.70 ? 699  GLU A N     1 
ATOM   830  C CA    . GLU A 1 106 ? 7.302   -0.469  -11.736 1.00 12.52 ? 699  GLU A CA    1 
ATOM   831  C C     . GLU A 1 106 ? 8.027   0.374   -12.789 1.00 12.87 ? 699  GLU A C     1 
ATOM   832  O O     . GLU A 1 106 ? 9.156   0.799   -12.568 1.00 14.61 ? 699  GLU A O     1 
ATOM   833  C CB    . GLU A 1 106 ? 7.366   -1.957  -12.092 1.00 12.46 ? 699  GLU A CB    1 
ATOM   834  C CG    . GLU A 1 106 ? 7.063   -2.866  -10.913 1.00 16.08 ? 699  GLU A CG    1 
ATOM   835  C CD    . GLU A 1 106 ? 6.731   -4.292  -11.319 1.00 19.01 ? 699  GLU A CD    1 
ATOM   836  O OE1   . GLU A 1 106 ? 6.991   -4.663  -12.485 1.00 19.66 ? 699  GLU A OE1   1 
ATOM   837  O OE2   . GLU A 1 106 ? 6.202   -5.034  -10.465 1.00 16.06 ? 699  GLU A OE2   1 
ATOM   838  N N     . THR A 1 107 ? 7.377   0.630   -13.923 1.00 13.63 ? 700  THR A N     1 
ATOM   839  C CA    . THR A 1 107 ? 8.097   1.160   -15.087 1.00 13.64 ? 700  THR A CA    1 
ATOM   840  C C     . THR A 1 107 ? 7.778   2.595   -15.482 1.00 13.98 ? 700  THR A C     1 
ATOM   841  O O     . THR A 1 107 ? 8.478   3.171   -16.319 1.00 13.70 ? 700  THR A O     1 
ATOM   842  C CB    . THR A 1 107 ? 7.901   0.270   -16.323 1.00 15.38 ? 700  THR A CB    1 
ATOM   843  O OG1   . THR A 1 107 ? 6.574   0.455   -16.838 1.00 15.63 ? 700  THR A OG1   1 
ATOM   844  C CG2   . THR A 1 107 ? 8.117   -1.192  -15.961 1.00 21.13 ? 700  THR A CG2   1 
ATOM   845  N N     . GLU A 1 108 ? 6.727   3.177   -14.911 1.00 12.98 ? 701  GLU A N     1 
ATOM   846  C CA    . GLU A 1 108 ? 6.424   4.578   -15.200 1.00 14.71 ? 701  GLU A CA    1 
ATOM   847  C C     . GLU A 1 108 ? 6.555   5.484   -13.985 1.00 14.06 ? 701  GLU A C     1 
ATOM   848  O O     . GLU A 1 108 ? 7.100   6.588   -14.073 1.00 14.33 ? 701  GLU A O     1 
ATOM   849  C CB    . GLU A 1 108 ? 5.028   4.723   -15.808 1.00 14.69 ? 701  GLU A CB    1 
ATOM   850  C CG    . GLU A 1 108 ? 4.857   4.030   -17.126 1.00 20.04 ? 701  GLU A CG    1 
ATOM   851  C CD    . GLU A 1 108 ? 3.508   4.340   -17.741 1.00 25.95 ? 701  GLU A CD    1 
ATOM   852  O OE1   . GLU A 1 108 ? 2.533   3.640   -17.406 1.00 24.61 ? 701  GLU A OE1   1 
ATOM   853  O OE2   . GLU A 1 108 ? 3.415   5.297   -18.536 1.00 33.58 ? 701  GLU A OE2   1 
ATOM   854  N N     . LEU A 1 109 ? 6.046   5.033   -12.845 1.00 13.81 ? 702  LEU A N     1 
ATOM   855  C CA    . LEU A 1 109 ? 6.085   5.861   -11.647 1.00 11.66 ? 702  LEU A CA    1 
ATOM   856  C C     . LEU A 1 109 ? 7.293   5.554   -10.770 1.00 13.22 ? 702  LEU A C     1 
ATOM   857  O O     . LEU A 1 109 ? 7.765   6.420   -10.036 1.00 14.13 ? 702  LEU A O     1 
ATOM   858  C CB    . LEU A 1 109 ? 4.808   5.674   -10.831 1.00 12.79 ? 702  LEU A CB    1 
ATOM   859  C CG    . LEU A 1 109 ? 3.534   6.107   -11.539 1.00 15.89 ? 702  LEU A CG    1 
ATOM   860  C CD1   . LEU A 1 109 ? 2.340   5.930   -10.614 1.00 15.03 ? 702  LEU A CD1   1 
ATOM   861  C CD2   . LEU A 1 109 ? 3.668   7.554   -12.001 1.00 15.83 ? 702  LEU A CD2   1 
ATOM   862  N N     . GLY A 1 110 ? 7.782   4.316   -10.824 1.00 11.41 ? 703  GLY A N     1 
ATOM   863  C CA    . GLY A 1 110 ? 8.886   3.933   -9.963  1.00 12.94 ? 703  GLY A CA    1 
ATOM   864  C C     . GLY A 1 110 ? 8.488   4.027   -8.499  1.00 11.38 ? 703  GLY A C     1 
ATOM   865  O O     . GLY A 1 110 ? 9.190   4.642   -7.682  1.00 14.05 ? 703  GLY A O     1 
ATOM   866  N N     . ILE A 1 111 ? 7.352   3.422   -8.163  1.00 12.23 ? 704  ILE A N     1 
ATOM   867  C CA    . ILE A 1 111 ? 6.875   3.425   -6.783  1.00 13.79 ? 704  ILE A CA    1 
ATOM   868  C C     . ILE A 1 111 ? 6.602   2.004   -6.291  1.00 12.27 ? 704  ILE A C     1 
ATOM   869  O O     . ILE A 1 111 ? 6.061   1.170   -7.021  1.00 10.60 ? 704  ILE A O     1 
ATOM   870  C CB    . ILE A 1 111 ? 5.609   4.300   -6.617  1.00 12.67 ? 704  ILE A CB    1 
ATOM   871  C CG1   . ILE A 1 111 ? 5.187   4.399   -5.147  1.00 14.72 ? 704  ILE A CG1   1 
ATOM   872  C CG2   . ILE A 1 111 ? 4.469   3.770   -7.469  1.00 11.34 ? 704  ILE A CG2   1 
ATOM   873  C CD1   . ILE A 1 111 ? 4.211   5.540   -4.883  1.00 17.34 ? 704  ILE A CD1   1 
ATOM   874  N N     . VAL A 1 112 ? 6.999   1.731   -5.054  1.00 11.46 ? 705  VAL A N     1 
ATOM   875  C CA    . VAL A 1 112 ? 6.671   0.465   -4.410  1.00 9.72  ? 705  VAL A CA    1 
ATOM   876  C C     . VAL A 1 112 ? 5.158   0.381   -4.177  1.00 9.36  ? 705  VAL A C     1 
ATOM   877  O O     . VAL A 1 112 ? 4.531   1.361   -3.781  1.00 8.71  ? 705  VAL A O     1 
ATOM   878  C CB    . VAL A 1 112 ? 7.437   0.319   -3.075  1.00 10.98 ? 705  VAL A CB    1 
ATOM   879  C CG1   . VAL A 1 112 ? 6.884   -0.843  -2.250  1.00 11.34 ? 705  VAL A CG1   1 
ATOM   880  C CG2   . VAL A 1 112 ? 8.941   0.139   -3.334  1.00 11.71 ? 705  VAL A CG2   1 
ATOM   881  N N     . SER A 1 113 ? 4.570   -0.783  -4.450  1.00 10.72 ? 706  SER A N     1 
ATOM   882  C CA    . SER A 1 113 ? 3.118   -0.963  -4.293  1.00 8.74  ? 706  SER A CA    1 
ATOM   883  C C     . SER A 1 113 ? 2.797   -2.273  -3.572  1.00 10.14 ? 706  SER A C     1 
ATOM   884  O O     . SER A 1 113 ? 3.521   -3.259  -3.714  1.00 9.95  ? 706  SER A O     1 
ATOM   885  C CB    . SER A 1 113 ? 2.404   -0.905  -5.655  1.00 9.80  ? 706  SER A CB    1 
ATOM   886  O OG    . SER A 1 113 ? 2.845   -1.951  -6.518  1.00 10.26 ? 706  SER A OG    1 
ATOM   887  N N     . GLN A 1 114 ? 1.721   -2.270  -2.784  1.00 7.89  ? 707  GLN A N     1 
ATOM   888  C CA    . GLN A 1 114 ? 1.263   -3.469  -2.084  1.00 9.32  ? 707  GLN A CA    1 
ATOM   889  C C     . GLN A 1 114 ? -0.209  -3.640  -2.353  1.00 8.31  ? 707  GLN A C     1 
ATOM   890  O O     . GLN A 1 114 ? -1.011  -2.785  -1.970  1.00 9.31  ? 707  GLN A O     1 
ATOM   891  C CB    . GLN A 1 114 ? 1.461   -3.329  -0.576  1.00 9.31  ? 707  GLN A CB    1 
ATOM   892  C CG    . GLN A 1 114 ? 1.020   -4.564  0.226   1.00 10.15 ? 707  GLN A CG    1 
ATOM   893  C CD    . GLN A 1 114 ? 1.701   -5.834  -0.249  1.00 11.50 ? 707  GLN A CD    1 
ATOM   894  O OE1   . GLN A 1 114 ? 2.921   -5.935  -0.229  1.00 12.33 ? 707  GLN A OE1   1 
ATOM   895  N NE2   . GLN A 1 114 ? 0.914   -6.812  -0.671  1.00 13.62 ? 707  GLN A NE2   1 
ATOM   896  N N     . CYS A 1 115 ? -0.573  -4.740  -3.002  1.00 8.89  ? 708  CYS A N     1 
ATOM   897  C CA    . CYS A 1 115 ? -1.977  -4.984  -3.314  1.00 10.98 ? 708  CYS A CA    1 
ATOM   898  C C     . CYS A 1 115 ? -2.651  -5.805  -2.228  1.00 11.70 ? 708  CYS A C     1 
ATOM   899  O O     . CYS A 1 115 ? -2.060  -6.729  -1.685  1.00 13.84 ? 708  CYS A O     1 
ATOM   900  C CB    . CYS A 1 115 ? -2.111  -5.704  -4.650  1.00 11.05 ? 708  CYS A CB    1 
ATOM   901  S SG    . CYS A 1 115 ? -1.705  -4.666  -6.045  1.00 12.98 ? 708  CYS A SG    1 
ATOM   902  N N     . CYS A 1 116 ? -3.910  -5.480  -1.943  1.00 11.13 ? 709  CYS A N     1 
ATOM   903  C CA    . CYS A 1 116 ? -4.667  -6.151  -0.890  1.00 9.70  ? 709  CYS A CA    1 
ATOM   904  C C     . CYS A 1 116 ? -6.075  -6.439  -1.387  1.00 13.85 ? 709  CYS A C     1 
ATOM   905  O O     . CYS A 1 116 ? -6.781  -5.516  -1.796  1.00 11.46 ? 709  CYS A O     1 
ATOM   906  C CB    . CYS A 1 116 ? -4.736  -5.254  0.347   1.00 10.68 ? 709  CYS A CB    1 
ATOM   907  S SG    . CYS A 1 116 ? -3.119  -4.725  1.009   1.00 13.37 ? 709  CYS A SG    1 
ATOM   908  N N     . LEU A 1 117 ? -6.482  -7.711  -1.354  1.00 12.98 ? 710  LEU A N     1 
ATOM   909  C CA    . LEU A 1 117 ? -7.805  -8.108  -1.834  1.00 16.43 ? 710  LEU A CA    1 
ATOM   910  C C     . LEU A 1 117 ? -8.918  -7.681  -0.879  1.00 12.93 ? 710  LEU A C     1 
ATOM   911  O O     . LEU A 1 117 ? -8.754  -7.692  0.332   1.00 12.72 ? 710  LEU A O     1 
ATOM   912  C CB    . LEU A 1 117 ? -7.881  -9.625  -2.041  1.00 15.56 ? 710  LEU A CB    1 
ATOM   913  C CG    . LEU A 1 117 ? -7.044  -10.211 -3.176  1.00 20.32 ? 710  LEU A CG    1 
ATOM   914  C CD1   . LEU A 1 117 ? -7.123  -11.730 -3.143  1.00 26.96 ? 710  LEU A CD1   1 
ATOM   915  C CD2   . LEU A 1 117 ? -7.531  -9.682  -4.499  1.00 22.36 ? 710  LEU A CD2   1 
ATOM   916  N N     . THR A 1 118 ? -10.060 -7.321  -1.454  1.00 12.55 ? 711  THR A N     1 
ATOM   917  C CA    . THR A 1 118 ? -11.238 -6.919  -0.687  1.00 13.42 ? 711  THR A CA    1 
ATOM   918  C C     . THR A 1 118 ? -11.567 -7.879  0.457   1.00 16.50 ? 711  THR A C     1 
ATOM   919  O O     . THR A 1 118 ? -11.913 -7.449  1.550   1.00 17.46 ? 711  THR A O     1 
ATOM   920  C CB    . THR A 1 118 ? -12.471 -6.791  -1.609  1.00 18.21 ? 711  THR A CB    1 
ATOM   921  O OG1   . THR A 1 118 ? -12.219 -5.784  -2.596  1.00 18.32 ? 711  THR A OG1   1 
ATOM   922  C CG2   . THR A 1 118 ? -13.703 -6.396  -0.814  1.00 20.50 ? 711  THR A CG2   1 
ATOM   923  N N     . LYS A 1 119 ? -11.460 -9.180  0.207   1.00 15.29 ? 712  LYS A N     1 
ATOM   924  C CA    . LYS A 1 119 ? -11.818 -10.161 1.228   1.00 18.31 ? 712  LYS A CA    1 
ATOM   925  C C     . LYS A 1 119 ? -11.017 -9.910  2.502   1.00 20.20 ? 712  LYS A C     1 
ATOM   926  O O     . LYS A 1 119 ? -11.548 -10.008 3.610   1.00 19.03 ? 712  LYS A O     1 
ATOM   927  C CB    . LYS A 1 119 ? -11.613 -11.598 0.714   1.00 20.95 ? 712  LYS A CB    1 
ATOM   928  C CG    . LYS A 1 119 ? -10.166 -11.926 0.346   1.00 22.52 ? 712  LYS A CG    1 
ATOM   929  C CD    . LYS A 1 119 ? -9.973  -13.398 0.008   1.00 27.56 ? 712  LYS A CD    1 
ATOM   930  C CE    . LYS A 1 119 ? -10.607 -13.745 -1.327  1.00 37.86 ? 712  LYS A CE    1 
ATOM   931  N NZ    . LYS A 1 119 ? -10.225 -15.124 -1.768  1.00 44.29 ? 712  LYS A NZ    1 
ATOM   932  N N     . HIS A 1 120 ? -9.745  -9.541  2.343   1.00 15.89 ? 713  HIS A N     1 
ATOM   933  C CA    . HIS A 1 120 ? -8.862  -9.339  3.486   1.00 18.73 ? 713  HIS A CA    1 
ATOM   934  C C     . HIS A 1 120 ? -9.109  -8.003  4.168   1.00 18.66 ? 713  HIS A C     1 
ATOM   935  O O     . HIS A 1 120 ? -8.870  -7.851  5.362   1.00 20.27 ? 713  HIS A O     1 
ATOM   936  C CB    . HIS A 1 120 ? -7.392  -9.445  3.058   1.00 18.47 ? 713  HIS A CB    1 
ATOM   937  C CG    . HIS A 1 120 ? -7.029  -10.771 2.462   1.00 23.58 ? 713  HIS A CG    1 
ATOM   938  N ND1   . HIS A 1 120 ? -6.482  -10.894 1.206   1.00 24.88 ? 713  HIS A ND1   1 
ATOM   939  C CD2   . HIS A 1 120 ? -7.149  -12.027 2.952   1.00 27.26 ? 713  HIS A CD2   1 
ATOM   940  C CE1   . HIS A 1 120 ? -6.272  -12.176 0.945   1.00 25.49 ? 713  HIS A CE1   1 
ATOM   941  N NE2   . HIS A 1 120 ? -6.670  -12.881 1.984   1.00 29.55 ? 713  HIS A NE2   1 
ATOM   942  N N     . VAL A 1 121 ? -9.585  -7.029  3.401   1.00 17.43 ? 714  VAL A N     1 
ATOM   943  C CA    . VAL A 1 121 ? -9.929  -5.728  3.959   1.00 19.02 ? 714  VAL A CA    1 
ATOM   944  C C     . VAL A 1 121 ? -11.110 -5.824  4.916   1.00 21.59 ? 714  VAL A C     1 
ATOM   945  O O     . VAL A 1 121 ? -11.160 -5.129  5.928   1.00 22.74 ? 714  VAL A O     1 
ATOM   946  C CB    . VAL A 1 121 ? -10.232 -4.711  2.849   1.00 19.25 ? 714  VAL A CB    1 
ATOM   947  C CG1   . VAL A 1 121 ? -10.894 -3.455  3.423   1.00 17.43 ? 714  VAL A CG1   1 
ATOM   948  C CG2   . VAL A 1 121 ? -8.951  -4.374  2.120   1.00 18.45 ? 714  VAL A CG2   1 
ATOM   949  N N     . PHE A 1 122 ? -12.057 -6.696  4.599   1.00 22.15 ? 715  PHE A N     1 
ATOM   950  C CA    . PHE A 1 122 ? -13.198 -6.897  5.475   1.00 22.56 ? 715  PHE A CA    1 
ATOM   951  C C     . PHE A 1 122 ? -12.853 -7.701  6.725   1.00 27.81 ? 715  PHE A C     1 
ATOM   952  O O     . PHE A 1 122 ? -13.375 -7.422  7.803   1.00 28.72 ? 715  PHE A O     1 
ATOM   953  C CB    . PHE A 1 122 ? -14.360 -7.526  4.712   1.00 21.68 ? 715  PHE A CB    1 
ATOM   954  C CG    . PHE A 1 122 ? -15.168 -6.525  3.934   1.00 23.45 ? 715  PHE A CG    1 
ATOM   955  C CD1   . PHE A 1 122 ? -16.130 -5.761  4.571   1.00 19.29 ? 715  PHE A CD1   1 
ATOM   956  C CD2   . PHE A 1 122 ? -14.943 -6.328  2.583   1.00 23.93 ? 715  PHE A CD2   1 
ATOM   957  C CE1   . PHE A 1 122 ? -16.873 -4.827  3.867   1.00 23.26 ? 715  PHE A CE1   1 
ATOM   958  C CE2   . PHE A 1 122 ? -15.683 -5.397  1.870   1.00 19.96 ? 715  PHE A CE2   1 
ATOM   959  C CZ    . PHE A 1 122 ? -16.644 -4.649  2.514   1.00 19.91 ? 715  PHE A CZ    1 
ATOM   960  N N     . LYS A 1 123 ? -11.973 -8.688  6.584   1.00 23.73 ? 716  LYS A N     1 
ATOM   961  C CA    . LYS A 1 123 ? -11.614 -9.534  7.719   1.00 30.43 ? 716  LYS A CA    1 
ATOM   962  C C     . LYS A 1 123 ? -10.593 -8.860  8.632   1.00 30.09 ? 716  LYS A C     1 
ATOM   963  O O     . LYS A 1 123 ? -10.727 -8.883  9.852   1.00 35.66 ? 716  LYS A O     1 
ATOM   964  C CB    . LYS A 1 123 ? -11.090 -10.894 7.256   1.00 32.20 ? 716  LYS A CB    1 
ATOM   965  C CG    . LYS A 1 123 ? -11.048 -11.916 8.384   1.00 41.44 ? 716  LYS A CG    1 
ATOM   966  C CD    . LYS A 1 123 ? -10.770 -13.327 7.883   1.00 50.20 ? 716  LYS A CD    1 
ATOM   967  C CE    . LYS A 1 123 ? -9.279  -13.580 7.717   1.00 45.78 ? 716  LYS A CE    1 
ATOM   968  N NZ    . LYS A 1 123 ? -8.938  -15.004 7.992   1.00 38.87 ? 716  LYS A NZ    1 
ATOM   969  N N     . MET A 1 124 ? -9.569  -8.267  8.029   1.00 28.00 ? 717  MET A N     1 
ATOM   970  C CA    . MET A 1 124 ? -8.540  -7.555  8.777   1.00 27.09 ? 717  MET A CA    1 
ATOM   971  C C     . MET A 1 124 ? -7.957  -8.365  9.923   1.00 27.45 ? 717  MET A C     1 
ATOM   972  O O     . MET A 1 124 ? -7.819  -7.865  11.040  1.00 32.15 ? 717  MET A O     1 
ATOM   973  C CB    . MET A 1 124 ? -9.076  -6.224  9.302   1.00 27.92 ? 717  MET A CB    1 
ATOM   974  C CG    . MET A 1 124 ? -8.543  -5.044  8.538   1.00 24.92 ? 717  MET A CG    1 
ATOM   975  S SD    . MET A 1 124 ? -9.155  -3.470  9.096   1.00 30.52 ? 717  MET A SD    1 
ATOM   976  C CE    . MET A 1 124 ? -10.777 -3.461  8.345   1.00 32.01 ? 717  MET A CE    1 
ATOM   977  N N     . SER A 1 125 ? -7.598  -9.612  9.646   1.00 23.43 ? 718  SER A N     1 
ATOM   978  C CA    . SER A 1 125 ? -7.016  -10.459 10.674  1.00 20.62 ? 718  SER A CA    1 
ATOM   979  C C     . SER A 1 125 ? -5.582  -10.039 10.974  1.00 22.29 ? 718  SER A C     1 
ATOM   980  O O     . SER A 1 125 ? -4.870  -9.526  10.103  1.00 16.82 ? 718  SER A O     1 
ATOM   981  C CB    . SER A 1 125 ? -7.049  -11.927 10.252  1.00 24.67 ? 718  SER A CB    1 
ATOM   982  O OG    . SER A 1 125 ? -6.092  -12.173 9.242   1.00 25.30 ? 718  SER A OG    1 
ATOM   983  N N     . LYS A 1 126 ? -5.160  -10.265 12.212  1.00 21.42 ? 719  LYS A N     1 
ATOM   984  C CA    . LYS A 1 126 ? -3.815  -9.905  12.628  1.00 20.18 ? 719  LYS A CA    1 
ATOM   985  C C     . LYS A 1 126 ? -2.767  -10.720 11.863  1.00 19.68 ? 719  LYS A C     1 
ATOM   986  O O     . LYS A 1 126 ? -1.693  -10.210 11.534  1.00 16.98 ? 719  LYS A O     1 
ATOM   987  C CB    . LYS A 1 126 ? -3.645  -10.100 14.141  1.00 27.14 ? 719  LYS A CB    1 
ATOM   988  C CG    . LYS A 1 126 ? -4.240  -8.985  15.013  1.00 34.23 ? 719  LYS A CG    1 
ATOM   989  C CD    . LYS A 1 126 ? -3.285  -7.793  15.126  1.00 33.52 ? 719  LYS A CD    1 
ATOM   990  C CE    . LYS A 1 126 ? -3.448  -7.047  16.453  1.00 42.50 ? 719  LYS A CE    1 
ATOM   991  N NZ    . LYS A 1 126 ? -4.634  -6.127  16.486  1.00 40.78 ? 719  LYS A NZ    1 
ATOM   992  N N     . GLN A 1 127 ? -3.066  -11.988 11.590  1.00 15.19 ? 720  GLN A N     1 
ATOM   993  C CA    . GLN A 1 127 ? -2.125  -12.824 10.848  1.00 17.91 ? 720  GLN A CA    1 
ATOM   994  C C     . GLN A 1 127 ? -1.911  -12.303 9.432   1.00 16.26 ? 720  GLN A C     1 
ATOM   995  O O     . GLN A 1 127 ? -0.784  -12.257 8.943   1.00 15.49 ? 720  GLN A O     1 
ATOM   996  C CB    . GLN A 1 127 ? -2.572  -14.283 10.802  1.00 21.52 ? 720  GLN A CB    1 
ATOM   997  C CG    . GLN A 1 127 ? -1.551  -15.199 10.106  1.00 20.79 ? 720  GLN A CG    1 
ATOM   998  C CD    . GLN A 1 127 ? -0.184  -15.160 10.782  1.00 25.10 ? 720  GLN A CD    1 
ATOM   999  O OE1   . GLN A 1 127 ? 0.048   -15.845 11.780  1.00 24.11 ? 720  GLN A OE1   1 
ATOM   1000 N NE2   . GLN A 1 127 ? 0.725   -14.346 10.242  1.00 18.48 ? 720  GLN A NE2   1 
ATOM   1001 N N     . TYR A 1 128 ? -2.999  -11.913 8.776   1.00 14.72 ? 721  TYR A N     1 
ATOM   1002 C CA    . TYR A 1 128 ? -2.896  -11.330 7.445   1.00 15.30 ? 721  TYR A CA    1 
ATOM   1003 C C     . TYR A 1 128 ? -2.030  -10.082 7.492   1.00 13.93 ? 721  TYR A C     1 
ATOM   1004 O O     . TYR A 1 128 ? -1.105  -9.921  6.698   1.00 12.52 ? 721  TYR A O     1 
ATOM   1005 C CB    . TYR A 1 128 ? -4.276  -10.972 6.896   1.00 14.89 ? 721  TYR A CB    1 
ATOM   1006 C CG    . TYR A 1 128 ? -4.211  -10.187 5.599   1.00 12.61 ? 721  TYR A CG    1 
ATOM   1007 C CD1   . TYR A 1 128 ? -3.920  -10.821 4.393   1.00 15.72 ? 721  TYR A CD1   1 
ATOM   1008 C CD2   . TYR A 1 128 ? -4.410  -8.809  5.587   1.00 13.67 ? 721  TYR A CD2   1 
ATOM   1009 C CE1   . TYR A 1 128 ? -3.847  -10.104 3.210   1.00 16.01 ? 721  TYR A CE1   1 
ATOM   1010 C CE2   . TYR A 1 128 ? -4.340  -8.087  4.407   1.00 15.10 ? 721  TYR A CE2   1 
ATOM   1011 C CZ    . TYR A 1 128 ? -4.058  -8.744  3.226   1.00 14.10 ? 721  TYR A CZ    1 
ATOM   1012 O OH    . TYR A 1 128 ? -3.990  -8.031  2.052   1.00 16.46 ? 721  TYR A OH    1 
ATOM   1013 N N     . MET A 1 129 ? -2.340  -9.197  8.432   1.00 12.61 ? 722  MET A N     1 
ATOM   1014 C CA    . MET A 1 129 ? -1.624  -7.937  8.550   1.00 12.24 ? 722  MET A CA    1 
ATOM   1015 C C     . MET A 1 129 ? -0.136  -8.167  8.745   1.00 12.36 ? 722  MET A C     1 
ATOM   1016 O O     . MET A 1 129 ? 0.690   -7.459  8.173   1.00 10.47 ? 722  MET A O     1 
ATOM   1017 C CB    . MET A 1 129 ? -2.181  -7.118  9.716   1.00 13.81 ? 722  MET A CB    1 
ATOM   1018 C CG    . MET A 1 129 ? -3.622  -6.681  9.524   1.00 21.53 ? 722  MET A CG    1 
ATOM   1019 S SD    . MET A 1 129 ? -3.728  -5.426  8.236   1.00 24.78 ? 722  MET A SD    1 
ATOM   1020 C CE    . MET A 1 129 ? -5.497  -5.247  8.087   1.00 19.73 ? 722  MET A CE    1 
ATOM   1021 N N     . ALA A 1 130 ? 0.202   -9.145  9.571   1.00 11.20 ? 723  ALA A N     1 
ATOM   1022 C CA    . ALA A 1 130 ? 1.605   -9.423  9.856   1.00 12.92 ? 723  ALA A CA    1 
ATOM   1023 C C     . ALA A 1 130 ? 2.311   -9.876  8.582   1.00 11.86 ? 723  ALA A C     1 
ATOM   1024 O O     . ALA A 1 130 ? 3.439   -9.469  8.315   1.00 11.18 ? 723  ALA A O     1 
ATOM   1025 C CB    . ALA A 1 130 ? 1.744   -10.480 10.947  1.00 14.42 ? 723  ALA A CB    1 
ATOM   1026 N N     . ASN A 1 131 ? 1.648   -10.728 7.803   1.00 10.58 ? 724  ASN A N     1 
ATOM   1027 C CA    . ASN A 1 131 ? 2.212   -11.174 6.533   1.00 9.59  ? 724  ASN A CA    1 
ATOM   1028 C C     . ASN A 1 131 ? 2.426   -10.016 5.562   1.00 11.34 ? 724  ASN A C     1 
ATOM   1029 O O     . ASN A 1 131 ? 3.457   -9.943  4.876   1.00 9.75  ? 724  ASN A O     1 
ATOM   1030 C CB    . ASN A 1 131 ? 1.300   -12.215 5.882   1.00 11.74 ? 724  ASN A CB    1 
ATOM   1031 C CG    . ASN A 1 131 ? 1.397   -13.572 6.553   1.00 14.62 ? 724  ASN A CG    1 
ATOM   1032 O OD1   . ASN A 1 131 ? 2.318   -13.821 7.333   1.00 13.10 ? 724  ASN A OD1   1 
ATOM   1033 N ND2   . ASN A 1 131 ? 0.434   -14.454 6.263   1.00 14.90 ? 724  ASN A ND2   1 
ATOM   1034 N N     . VAL A 1 132 ? 1.440   -9.125  5.469   1.00 9.43  ? 725  VAL A N     1 
ATOM   1035 C CA    . VAL A 1 132 ? 1.565   -8.021  4.518   1.00 10.42 ? 725  VAL A CA    1 
ATOM   1036 C C     . VAL A 1 132 ? 2.665   -7.047  4.951   1.00 11.56 ? 725  VAL A C     1 
ATOM   1037 O O     . VAL A 1 132 ? 3.407   -6.522  4.117   1.00 10.11 ? 725  VAL A O     1 
ATOM   1038 C CB    . VAL A 1 132 ? 0.237   -7.278  4.313   1.00 10.73 ? 725  VAL A CB    1 
ATOM   1039 C CG1   . VAL A 1 132 ? 0.441   -6.098  3.370   1.00 12.70 ? 725  VAL A CG1   1 
ATOM   1040 C CG2   . VAL A 1 132 ? -0.804  -8.240  3.750   1.00 14.59 ? 725  VAL A CG2   1 
ATOM   1041 N N     . ALA A 1 133 ? 2.767   -6.811  6.255   1.00 9.84  ? 726  ALA A N     1 
ATOM   1042 C CA    . ALA A 1 133 ? 3.880   -6.043  6.813   1.00 8.35  ? 726  ALA A CA    1 
ATOM   1043 C C     . ALA A 1 133 ? 5.228   -6.638  6.415   1.00 9.82  ? 726  ALA A C     1 
ATOM   1044 O O     . ALA A 1 133 ? 6.158   -5.911  6.068   1.00 8.73  ? 726  ALA A O     1 
ATOM   1045 C CB    . ALA A 1 133 ? 3.765   -5.966  8.340   1.00 8.83  ? 726  ALA A CB    1 
ATOM   1046 N N     . LEU A 1 134 ? 5.340   -7.965  6.480   1.00 9.89  ? 727  LEU A N     1 
ATOM   1047 C CA    . LEU A 1 134 ? 6.581   -8.624  6.076   1.00 12.30 ? 727  LEU A CA    1 
ATOM   1048 C C     . LEU A 1 134 ? 6.923   -8.329  4.615   1.00 11.08 ? 727  LEU A C     1 
ATOM   1049 O O     . LEU A 1 134 ? 8.085   -8.075  4.271   1.00 10.50 ? 727  LEU A O     1 
ATOM   1050 C CB    . LEU A 1 134 ? 6.484   -10.136 6.299   1.00 11.25 ? 727  LEU A CB    1 
ATOM   1051 C CG    . LEU A 1 134 ? 6.548   -10.630 7.751   1.00 11.83 ? 727  LEU A CG    1 
ATOM   1052 C CD1   . LEU A 1 134 ? 6.204   -12.110 7.843   1.00 12.85 ? 727  LEU A CD1   1 
ATOM   1053 C CD2   . LEU A 1 134 ? 7.925   -10.374 8.339   1.00 11.85 ? 727  LEU A CD2   1 
ATOM   1054 N N     . LYS A 1 135 ? 5.910   -8.362  3.750   1.00 11.07 ? 728  LYS A N     1 
ATOM   1055 C CA    . LYS A 1 135 ? 6.122   -8.122  2.323   1.00 12.39 ? 728  LYS A CA    1 
ATOM   1056 C C     . LYS A 1 135 ? 6.506   -6.678  2.081   1.00 14.27 ? 728  LYS A C     1 
ATOM   1057 O O     . LYS A 1 135 ? 7.434   -6.390  1.324   1.00 11.80 ? 728  LYS A O     1 
ATOM   1058 C CB    . LYS A 1 135 ? 4.863   -8.437  1.509   1.00 12.65 ? 728  LYS A CB    1 
ATOM   1059 C CG    . LYS A 1 135 ? 4.453   -9.900  1.510   1.00 16.43 ? 728  LYS A CG    1 
ATOM   1060 C CD    . LYS A 1 135 ? 3.443   -10.183 0.391   1.00 20.48 ? 728  LYS A CD    1 
ATOM   1061 C CE    . LYS A 1 135 ? 4.068   -9.887  -0.972  1.00 29.12 ? 728  LYS A CE    1 
ATOM   1062 N NZ    . LYS A 1 135 ? 3.320   -10.495 -2.116  1.00 29.83 ? 728  LYS A NZ    1 
ATOM   1063 N N     . ILE A 1 136 ? 5.772   -5.768  2.708   1.00 8.63  ? 729  ILE A N     1 
ATOM   1064 C CA    . ILE A 1 136 ? 6.108   -4.347  2.615   1.00 9.20  ? 729  ILE A CA    1 
ATOM   1065 C C     . ILE A 1 136 ? 7.551   -4.092  3.050   1.00 8.01  ? 729  ILE A C     1 
ATOM   1066 O O     . ILE A 1 136 ? 8.304   -3.382  2.380   1.00 10.21 ? 729  ILE A O     1 
ATOM   1067 C CB    . ILE A 1 136 ? 5.134   -3.485  3.451   1.00 9.63  ? 729  ILE A CB    1 
ATOM   1068 C CG1   . ILE A 1 136 ? 3.756   -3.486  2.776   1.00 9.27  ? 729  ILE A CG1   1 
ATOM   1069 C CG2   . ILE A 1 136 ? 5.633   -2.059  3.549   1.00 8.55  ? 729  ILE A CG2   1 
ATOM   1070 C CD1   . ILE A 1 136 ? 2.629   -2.886  3.613   1.00 10.62 ? 729  ILE A CD1   1 
ATOM   1071 N N     . ASN A 1 137 ? 7.943   -4.667  4.179   1.00 7.07  ? 730  ASN A N     1 
ATOM   1072 C CA    . ASN A 1 137 ? 9.287   -4.431  4.680   1.00 9.20  ? 730  ASN A CA    1 
ATOM   1073 C C     . ASN A 1 137 ? 10.367  -4.760  3.645   1.00 10.28 ? 730  ASN A C     1 
ATOM   1074 O O     . ASN A 1 137 ? 11.269  -3.962  3.393   1.00 9.35  ? 730  ASN A O     1 
ATOM   1075 C CB    . ASN A 1 137 ? 9.524   -5.219  5.974   1.00 8.74  ? 730  ASN A CB    1 
ATOM   1076 C CG    . ASN A 1 137 ? 10.768  -4.766  6.705   1.00 9.97  ? 730  ASN A CG    1 
ATOM   1077 O OD1   . ASN A 1 137 ? 10.979  -3.565  6.899   1.00 9.77  ? 730  ASN A OD1   1 
ATOM   1078 N ND2   . ASN A 1 137 ? 11.606  -5.721  7.106   1.00 9.06  ? 730  ASN A ND2   1 
ATOM   1079 N N     . VAL A 1 138 ? 10.273  -5.944  3.054   1.00 9.68  ? 731  VAL A N     1 
ATOM   1080 C CA    . VAL A 1 138 ? 11.222  -6.346  2.019   1.00 13.18 ? 731  VAL A CA    1 
ATOM   1081 C C     . VAL A 1 138 ? 11.221  -5.357  0.847   1.00 13.63 ? 731  VAL A C     1 
ATOM   1082 O O     . VAL A 1 138 ? 12.278  -4.964  0.335   1.00 11.92 ? 731  VAL A O     1 
ATOM   1083 C CB    . VAL A 1 138 ? 10.894  -7.759  1.506   1.00 13.27 ? 731  VAL A CB    1 
ATOM   1084 C CG1   . VAL A 1 138 ? 11.506  -7.993  0.127   1.00 21.12 ? 731  VAL A CG1   1 
ATOM   1085 C CG2   . VAL A 1 138 ? 11.378  -8.798  2.510   1.00 21.14 ? 731  VAL A CG2   1 
ATOM   1086 N N     . LYS A 1 139 ? 10.029  -4.962  0.416   1.00 13.43 ? 732  LYS A N     1 
ATOM   1087 C CA    . LYS A 1 139 ? 9.913   -4.062  -0.733  1.00 10.82 ? 732  LYS A CA    1 
ATOM   1088 C C     . LYS A 1 139 ? 10.585  -2.713  -0.508  1.00 12.43 ? 732  LYS A C     1 
ATOM   1089 O O     . LYS A 1 139 ? 11.092  -2.115  -1.457  1.00 11.94 ? 732  LYS A O     1 
ATOM   1090 C CB    . LYS A 1 139 ? 8.450   -3.845  -1.111  1.00 11.55 ? 732  LYS A CB    1 
ATOM   1091 C CG    . LYS A 1 139 ? 7.812   -5.061  -1.778  1.00 12.21 ? 732  LYS A CG    1 
ATOM   1092 C CD    . LYS A 1 139 ? 6.307   -4.879  -1.909  1.00 13.41 ? 732  LYS A CD    1 
ATOM   1093 C CE    . LYS A 1 139 ? 5.680   -6.037  -2.650  1.00 12.38 ? 732  LYS A CE    1 
ATOM   1094 N NZ    . LYS A 1 139 ? 4.192   -5.942  -2.628  1.00 14.70 ? 732  LYS A NZ    1 
ATOM   1095 N N     . VAL A 1 140 ? 10.579  -2.208  0.726   1.00 10.87 ? 733  VAL A N     1 
ATOM   1096 C CA    . VAL A 1 140 ? 11.194  -0.897  0.964   1.00 12.58 ? 733  VAL A CA    1 
ATOM   1097 C C     . VAL A 1 140 ? 12.661  -0.973  1.417   1.00 15.12 ? 733  VAL A C     1 
ATOM   1098 O O     . VAL A 1 140 ? 13.281  0.054   1.711   1.00 16.11 ? 733  VAL A O     1 
ATOM   1099 C CB    . VAL A 1 140 ? 10.351  -0.001  1.914   1.00 14.18 ? 733  VAL A CB    1 
ATOM   1100 C CG1   . VAL A 1 140 ? 8.940   0.194   1.338   1.00 12.98 ? 733  VAL A CG1   1 
ATOM   1101 C CG2   . VAL A 1 140 ? 10.293  -0.591  3.322   1.00 12.81 ? 733  VAL A CG2   1 
ATOM   1102 N N     . GLY A 1 141 ? 13.221  -2.179  1.446   1.00 14.27 ? 734  GLY A N     1 
ATOM   1103 C CA    . GLY A 1 141 ? 14.645  -2.326  1.716   1.00 15.50 ? 734  GLY A CA    1 
ATOM   1104 C C     . GLY A 1 141 ? 14.992  -2.924  3.067   1.00 15.52 ? 734  GLY A C     1 
ATOM   1105 O O     . GLY A 1 141 ? 16.173  -3.089  3.398   1.00 15.84 ? 734  GLY A O     1 
ATOM   1106 N N     . GLY A 1 142 ? 13.972  -3.251  3.851   1.00 11.89 ? 735  GLY A N     1 
ATOM   1107 C CA    . GLY A 1 142 ? 14.185  -3.959  5.099   1.00 13.63 ? 735  GLY A CA    1 
ATOM   1108 C C     . GLY A 1 142 ? 14.586  -5.405  4.848   1.00 11.45 ? 735  GLY A C     1 
ATOM   1109 O O     . GLY A 1 142 ? 14.670  -5.852  3.702   1.00 13.03 ? 735  GLY A O     1 
ATOM   1110 N N     . ARG A 1 143 ? 14.808  -6.143  5.928   1.00 10.74 ? 736  ARG A N     1 
ATOM   1111 C CA    . ARG A 1 143 ? 15.253  -7.524  5.835   1.00 10.59 ? 736  ARG A CA    1 
ATOM   1112 C C     . ARG A 1 143 ? 14.456  -8.362  6.835   1.00 13.69 ? 736  ARG A C     1 
ATOM   1113 O O     . ARG A 1 143 ? 14.262  -7.938  7.973   1.00 12.28 ? 736  ARG A O     1 
ATOM   1114 C CB    . ARG A 1 143 ? 16.756  -7.604  6.142   1.00 12.14 ? 736  ARG A CB    1 
ATOM   1115 C CG    . ARG A 1 143 ? 17.356  -8.989  5.976   1.00 16.41 ? 736  ARG A CG    1 
ATOM   1116 C CD    . ARG A 1 143 ? 18.766  -9.039  6.572   1.00 16.88 ? 736  ARG A CD    1 
ATOM   1117 N NE    . ARG A 1 143 ? 19.658  -8.080  5.926   1.00 24.18 ? 736  ARG A NE    1 
ATOM   1118 C CZ    . ARG A 1 143 ? 20.858  -7.738  6.387   1.00 22.34 ? 736  ARG A CZ    1 
ATOM   1119 N NH1   . ARG A 1 143 ? 21.314  -8.268  7.512   1.00 21.28 ? 736  ARG A NH1   1 
ATOM   1120 N NH2   . ARG A 1 143 ? 21.599  -6.858  5.725   1.00 23.17 ? 736  ARG A NH2   1 
ATOM   1121 N N     . ASN A 1 144 ? 14.009  -9.547  6.415   1.00 8.11  ? 737  ASN A N     1 
ATOM   1122 C CA    . ASN A 1 144 ? 13.266  -10.446 7.299   1.00 9.15  ? 737  ASN A CA    1 
ATOM   1123 C C     . ASN A 1 144 ? 14.074  -11.707 7.599   1.00 10.93 ? 737  ASN A C     1 
ATOM   1124 O O     . ASN A 1 144 ? 15.000  -12.035 6.871   1.00 11.15 ? 737  ASN A O     1 
ATOM   1125 C CB    . ASN A 1 144 ? 11.934  -10.864 6.649   1.00 10.27 ? 737  ASN A CB    1 
ATOM   1126 C CG    . ASN A 1 144 ? 11.006  -9.684  6.406   1.00 10.36 ? 737  ASN A CG    1 
ATOM   1127 O OD1   . ASN A 1 144 ? 11.007  -8.710  7.161   1.00 9.28  ? 737  ASN A OD1   1 
ATOM   1128 N ND2   . ASN A 1 144 ? 10.211  -9.766  5.339   1.00 10.26 ? 737  ASN A ND2   1 
ATOM   1129 N N     . THR A 1 145 ? 13.715  -12.413 8.667   1.00 12.18 ? 738  THR A N     1 
ATOM   1130 C CA    . THR A 1 145 ? 14.328  -13.706 8.965   1.00 11.14 ? 738  THR A CA    1 
ATOM   1131 C C     . THR A 1 145 ? 13.877  -14.747 7.948   1.00 13.11 ? 738  THR A C     1 
ATOM   1132 O O     . THR A 1 145 ? 12.886  -14.550 7.223   1.00 11.38 ? 738  THR A O     1 
ATOM   1133 C CB    . THR A 1 145 ? 13.907  -14.232 10.341  1.00 11.24 ? 738  THR A CB    1 
ATOM   1134 O OG1   . THR A 1 145 ? 12.493  -14.450 10.338  1.00 10.89 ? 738  THR A OG1   1 
ATOM   1135 C CG2   . THR A 1 145 ? 14.278  -13.246 11.468  1.00 12.83 ? 738  THR A CG2   1 
ATOM   1136 N N     . VAL A 1 146 ? 14.614  -15.856 7.899   1.00 10.87 ? 739  VAL A N     1 
ATOM   1137 C CA    . VAL A 1 146 ? 14.209  -17.009 7.110   1.00 13.34 ? 739  VAL A CA    1 
ATOM   1138 C C     . VAL A 1 146 ? 13.907  -18.165 8.056   1.00 15.89 ? 739  VAL A C     1 
ATOM   1139 O O     . VAL A 1 146 ? 14.434  -18.222 9.170   1.00 15.98 ? 739  VAL A O     1 
ATOM   1140 C CB    . VAL A 1 146 ? 15.295  -17.448 6.098   1.00 16.90 ? 739  VAL A CB    1 
ATOM   1141 C CG1   . VAL A 1 146 ? 15.495  -16.377 5.036   1.00 14.21 ? 739  VAL A CG1   1 
ATOM   1142 C CG2   . VAL A 1 146 ? 16.583  -17.758 6.811   1.00 15.91 ? 739  VAL A CG2   1 
ATOM   1143 N N     . LEU A 1 147 ? 13.042  -19.074 7.615   1.00 13.50 ? 740  LEU A N     1 
ATOM   1144 C CA    . LEU A 1 147 ? 12.585  -20.172 8.456   1.00 15.31 ? 740  LEU A CA    1 
ATOM   1145 C C     . LEU A 1 147 ? 13.638  -21.269 8.566   1.00 19.43 ? 740  LEU A C     1 
ATOM   1146 O O     . LEU A 1 147 ? 13.534  -22.153 9.415   1.00 18.73 ? 740  LEU A O     1 
ATOM   1147 C CB    . LEU A 1 147 ? 11.288  -20.757 7.908   1.00 12.57 ? 740  LEU A CB    1 
ATOM   1148 C CG    . LEU A 1 147 ? 10.110  -19.782 7.950   1.00 17.94 ? 740  LEU A CG    1 
ATOM   1149 C CD1   . LEU A 1 147 ? 8.846   -20.416 7.380   1.00 15.00 ? 740  LEU A CD1   1 
ATOM   1150 C CD2   . LEU A 1 147 ? 9.913   -19.313 9.387   1.00 16.69 ? 740  LEU A CD2   1 
ATOM   1151 O OXT   . LEU A 1 147 ? 14.608  -21.289 7.805   1.00 14.55 ? 740  LEU A OXT   1 
HETATM 1152 P P     . 5GP B 2 .   ? 1.655   -7.693  -4.145  1.00 16.94 ? 801  5GP A P     1 
HETATM 1153 O O1P   . 5GP B 2 .   ? 2.429   -8.157  -2.941  1.00 22.07 ? 801  5GP A O1P   1 
HETATM 1154 O O2P   . 5GP B 2 .   ? 2.111   -8.352  -5.428  1.00 20.15 ? 801  5GP A O2P   1 
HETATM 1155 O O3P   . 5GP B 2 .   ? 1.447   -6.201  -4.264  1.00 12.55 ? 801  5GP A O3P   1 
HETATM 1156 O "O5'" . 5GP B 2 .   ? 0.167   -8.275  -3.918  1.00 16.53 ? 801  5GP A "O5'" 1 
HETATM 1157 C "C5'" . 5GP B 2 .   ? -0.067  -9.671  -3.696  1.00 22.06 ? 801  5GP A "C5'" 1 
HETATM 1158 C "C4'" . 5GP B 2 .   ? -1.570  -9.854  -3.469  1.00 24.42 ? 801  5GP A "C4'" 1 
HETATM 1159 O "O4'" . 5GP B 2 .   ? -2.298  -9.384  -4.602  1.00 22.99 ? 801  5GP A "O4'" 1 
HETATM 1160 C "C3'" . 5GP B 2 .   ? -1.986  -11.304 -3.252  1.00 27.05 ? 801  5GP A "C3'" 1 
HETATM 1161 O "O3'" . 5GP B 2 .   ? -2.355  -11.500 -1.881  1.00 42.32 ? 801  5GP A "O3'" 1 
HETATM 1162 C "C2'" . 5GP B 2 .   ? -3.218  -11.505 -4.100  1.00 27.18 ? 801  5GP A "C2'" 1 
HETATM 1163 O "O2'" . 5GP B 2 .   ? -4.297  -11.756 -3.204  1.00 33.04 ? 801  5GP A "O2'" 1 
HETATM 1164 C "C1'" . 5GP B 2 .   ? -3.450  -10.193 -4.833  1.00 23.41 ? 801  5GP A "C1'" 1 
HETATM 1165 N N9    . 5GP B 2 .   ? -3.613  -10.399 -6.294  1.00 25.70 ? 801  5GP A N9    1 
HETATM 1166 C C8    . 5GP B 2 .   ? -4.662  -9.983  -7.029  1.00 23.64 ? 801  5GP A C8    1 
HETATM 1167 N N7    . 5GP B 2 .   ? -4.453  -10.320 -8.324  1.00 25.65 ? 801  5GP A N7    1 
HETATM 1168 C C5    . 5GP B 2 .   ? -3.256  -10.947 -8.396  1.00 24.65 ? 801  5GP A C5    1 
HETATM 1169 C C6    . 5GP B 2 .   ? -2.534  -11.502 -9.443  1.00 26.69 ? 801  5GP A C6    1 
HETATM 1170 O O6    . 5GP B 2 .   ? -3.011  -11.465 -10.599 1.00 30.04 ? 801  5GP A O6    1 
HETATM 1171 N N1    . 5GP B 2 .   ? -1.341  -12.066 -9.194  1.00 28.22 ? 801  5GP A N1    1 
HETATM 1172 C C2    . 5GP B 2 .   ? -0.836  -12.093 -7.950  1.00 25.78 ? 801  5GP A C2    1 
HETATM 1173 N N2    . 5GP B 2 .   ? 0.373   -12.667 -7.724  1.00 30.76 ? 801  5GP A N2    1 
HETATM 1174 N N3    . 5GP B 2 .   ? -1.520  -11.562 -6.909  1.00 24.99 ? 801  5GP A N3    1 
HETATM 1175 C C4    . 5GP B 2 .   ? -2.727  -10.983 -7.113  1.00 25.14 ? 801  5GP A C4    1 
HETATM 1176 O O     . HOH C 3 .   ? -15.403 4.178   -2.037  1.00 12.55 ? 901  HOH A O     1 
HETATM 1177 O O     . HOH C 3 .   ? -4.560  8.523   -1.945  1.00 11.30 ? 902  HOH A O     1 
HETATM 1178 O O     . HOH C 3 .   ? 2.210   3.393   11.926  1.00 13.62 ? 903  HOH A O     1 
HETATM 1179 O O     . HOH C 3 .   ? -4.474  7.223   1.410   1.00 11.49 ? 904  HOH A O     1 
HETATM 1180 O O     . HOH C 3 .   ? 13.204  18.442  1.601   1.00 15.79 ? 905  HOH A O     1 
HETATM 1181 O O     . HOH C 3 .   ? 2.293   9.461   4.585   1.00 11.87 ? 906  HOH A O     1 
HETATM 1182 O O     . HOH C 3 .   ? 8.867   -4.184  17.856  1.00 15.42 ? 907  HOH A O     1 
HETATM 1183 O O     . HOH C 3 .   ? -5.431  5.548   3.501   1.00 14.12 ? 908  HOH A O     1 
HETATM 1184 O O     . HOH C 3 .   ? 13.184  -18.569 11.719  1.00 18.84 ? 909  HOH A O     1 
HETATM 1185 O O     . HOH C 3 .   ? 8.977   7.608   -7.681  1.00 18.32 ? 910  HOH A O     1 
HETATM 1186 O O     . HOH C 3 .   ? -14.639 -9.746  -7.412  1.00 33.73 ? 911  HOH A O     1 
HETATM 1187 O O     . HOH C 3 .   ? 9.040   -8.395  13.494  1.00 13.32 ? 912  HOH A O     1 
HETATM 1188 O O     . HOH C 3 .   ? 5.224   -12.927 11.642  1.00 17.18 ? 913  HOH A O     1 
HETATM 1189 O O     . HOH C 3 .   ? -11.786 5.849   -0.948  1.00 18.90 ? 914  HOH A O     1 
HETATM 1190 O O     . HOH C 3 .   ? 13.484  1.629   4.040   1.00 16.56 ? 915  HOH A O     1 
HETATM 1191 O O     . HOH C 3 .   ? 9.571   16.107  -3.743  1.00 19.99 ? 916  HOH A O     1 
HETATM 1192 O O     . HOH C 3 .   ? 14.330  -10.344 3.643   1.00 14.44 ? 917  HOH A O     1 
HETATM 1193 O O     . HOH C 3 .   ? 7.393   17.750  -3.454  1.00 16.36 ? 918  HOH A O     1 
HETATM 1194 O O     . HOH C 3 .   ? 3.393   -13.915 9.738   1.00 18.86 ? 919  HOH A O     1 
HETATM 1195 O O     . HOH C 3 .   ? -2.034  3.306   12.473  1.00 23.68 ? 920  HOH A O     1 
HETATM 1196 O O     . HOH C 3 .   ? -3.519  -8.702  -14.132 1.00 18.63 ? 921  HOH A O     1 
HETATM 1197 O O     . HOH C 3 .   ? 11.979  10.503  0.150   1.00 14.36 ? 922  HOH A O     1 
HETATM 1198 O O     . HOH C 3 .   ? 7.156   7.845   -16.606 1.00 21.88 ? 923  HOH A O     1 
HETATM 1199 O O     . HOH C 3 .   ? 9.859   2.676   -1.181  1.00 17.23 ? 924  HOH A O     1 
HETATM 1200 O O     . HOH C 3 .   ? 11.592  -8.206  14.854  1.00 27.30 ? 925  HOH A O     1 
HETATM 1201 O O     . HOH C 3 .   ? -6.878  5.921   -17.387 1.00 21.14 ? 926  HOH A O     1 
HETATM 1202 O O     . HOH C 3 .   ? 12.436  -14.112 4.451   1.00 24.48 ? 927  HOH A O     1 
HETATM 1203 O O     . HOH C 3 .   ? 2.758   -6.268  -14.825 1.00 18.66 ? 928  HOH A O     1 
HETATM 1204 O O     . HOH C 3 .   ? 1.711   11.741  10.869  1.00 24.44 ? 929  HOH A O     1 
HETATM 1205 O O     . HOH C 3 .   ? -6.434  3.251   -17.495 1.00 21.06 ? 930  HOH A O     1 
HETATM 1206 O O     . HOH C 3 .   ? 15.433  -12.674 4.081   1.00 20.54 ? 931  HOH A O     1 
HETATM 1207 O O     . HOH C 3 .   ? -6.581  9.776   5.755   1.00 25.99 ? 932  HOH A O     1 
HETATM 1208 O O     . HOH C 3 .   ? -2.750  -4.118  13.155  1.00 22.06 ? 933  HOH A O     1 
HETATM 1209 O O     . HOH C 3 .   ? -5.612  -10.634 -11.793 1.00 26.36 ? 934  HOH A O     1 
HETATM 1210 O O     . HOH C 3 .   ? -13.957 -11.658 4.099   1.00 27.80 ? 935  HOH A O     1 
HETATM 1211 O O     . HOH C 3 .   ? 14.209  11.746  -0.854  1.00 21.78 ? 936  HOH A O     1 
HETATM 1212 O O     . HOH C 3 .   ? 11.691  7.840   -0.403  1.00 22.98 ? 937  HOH A O     1 
HETATM 1213 O O     . HOH C 3 .   ? 13.127  -15.724 14.872  1.00 26.17 ? 938  HOH A O     1 
HETATM 1214 O O     . HOH C 3 .   ? 5.299   -1.603  -7.657  1.00 10.80 ? 939  HOH A O     1 
HETATM 1215 O O     . HOH C 3 .   ? -7.915  -11.612 -10.133 1.00 31.92 ? 940  HOH A O     1 
HETATM 1216 O O     . HOH C 3 .   ? 7.794   -8.610  -0.535  1.00 21.47 ? 941  HOH A O     1 
HETATM 1217 O O     . HOH C 3 .   ? 12.684  -17.076 2.718   1.00 31.90 ? 942  HOH A O     1 
HETATM 1218 O O     . HOH C 3 .   ? 3.949   -14.013 13.680  1.00 28.80 ? 943  HOH A O     1 
HETATM 1219 O O     . HOH C 3 .   ? 12.599  -21.322 11.979  1.00 23.61 ? 944  HOH A O     1 
HETATM 1220 O O     . HOH C 3 .   ? 12.010  -16.223 12.518  1.00 13.02 ? 945  HOH A O     1 
HETATM 1221 O O     . HOH C 3 .   ? 7.402   15.872  3.180   1.00 22.55 ? 946  HOH A O     1 
HETATM 1222 O O     . HOH C 3 .   ? 9.462   22.499  -4.864  1.00 21.18 ? 947  HOH A O     1 
HETATM 1223 O O     . HOH C 3 .   ? -15.862 -0.786  -13.208 1.00 33.27 ? 948  HOH A O     1 
HETATM 1224 O O     . HOH C 3 .   ? 4.824   16.451  -8.376  1.00 31.04 ? 949  HOH A O     1 
HETATM 1225 O O     . HOH C 3 .   ? 14.667  1.996   7.850   1.00 21.27 ? 950  HOH A O     1 
HETATM 1226 O O     . HOH C 3 .   ? 9.465   15.484  5.095   1.00 23.83 ? 951  HOH A O     1 
HETATM 1227 O O     . HOH C 3 .   ? -19.710 -3.347  0.876   1.00 24.02 ? 952  HOH A O     1 
HETATM 1228 O O     . HOH C 3 .   ? 12.195  -18.754 4.787   1.00 16.61 ? 953  HOH A O     1 
HETATM 1229 O O     . HOH C 3 .   ? -5.082  -13.653 13.027  1.00 25.67 ? 954  HOH A O     1 
HETATM 1230 O O     . HOH C 3 .   ? 5.105   -8.560  10.537  1.00 19.10 ? 955  HOH A O     1 
HETATM 1231 O O     . HOH C 3 .   ? 8.496   4.007   -3.776  1.00 14.26 ? 956  HOH A O     1 
HETATM 1232 O O     . HOH C 3 .   ? -11.339 8.575   -8.682  1.00 21.11 ? 957  HOH A O     1 
HETATM 1233 O O     . HOH C 3 .   ? -3.029  5.419   11.699  1.00 26.42 ? 958  HOH A O     1 
HETATM 1234 O O     . HOH C 3 .   ? 15.572  12.189  1.682   1.00 24.33 ? 959  HOH A O     1 
HETATM 1235 O O     . HOH C 3 .   ? 15.275  -18.977 13.616  1.00 22.21 ? 960  HOH A O     1 
HETATM 1236 O O     . HOH C 3 .   ? 8.603   -6.781  -5.088  1.00 26.72 ? 961  HOH A O     1 
HETATM 1237 O O     . HOH C 3 .   ? 12.323  -5.720  -3.702  1.00 29.71 ? 962  HOH A O     1 
HETATM 1238 O O     . HOH C 3 .   ? 11.291  -3.187  -4.057  1.00 14.65 ? 963  HOH A O     1 
HETATM 1239 O O     . HOH C 3 .   ? 11.566  6.751   -3.554  1.00 33.52 ? 964  HOH A O     1 
HETATM 1240 O O     . HOH C 3 .   ? 2.082   12.918  7.538   1.00 32.58 ? 965  HOH A O     1 
HETATM 1241 O O     . HOH C 3 .   ? 2.921   12.146  4.935   1.00 24.21 ? 966  HOH A O     1 
HETATM 1242 O O     . HOH C 3 .   ? 20.810  -6.008  11.670  1.00 26.04 ? 967  HOH A O     1 
HETATM 1243 O O     . HOH C 3 .   ? 9.415   9.611   2.295   1.00 16.79 ? 968  HOH A O     1 
HETATM 1244 O O     . HOH C 3 .   ? -10.610 -5.045  -13.105 1.00 24.16 ? 969  HOH A O     1 
HETATM 1245 O O     . HOH C 3 .   ? -0.375  -10.597 0.040   1.00 30.37 ? 970  HOH A O     1 
HETATM 1246 O O     . HOH C 3 .   ? -5.564  13.153  -6.934  1.00 26.48 ? 971  HOH A O     1 
HETATM 1247 O O     . HOH C 3 .   ? 7.627   7.717   -5.329  1.00 19.46 ? 972  HOH A O     1 
HETATM 1248 O O     . HOH C 3 .   ? -6.872  -11.661 14.079  1.00 24.60 ? 973  HOH A O     1 
HETATM 1249 O O     . HOH C 3 .   ? 13.888  8.269   -4.233  1.00 27.74 ? 974  HOH A O     1 
HETATM 1250 O O     . HOH C 3 .   ? 9.410   -8.835  16.117  1.00 29.63 ? 975  HOH A O     1 
HETATM 1251 O O     . HOH C 3 .   ? 8.690   -8.381  -2.992  1.00 28.30 ? 976  HOH A O     1 
HETATM 1252 O O     . HOH C 3 .   ? -18.352 5.330   6.498   1.00 21.88 ? 977  HOH A O     1 
HETATM 1253 O O     . HOH C 3 .   ? -5.627  5.503   6.472   1.00 17.96 ? 978  HOH A O     1 
HETATM 1254 O O     . HOH C 3 .   ? 8.668   12.125  -8.398  1.00 25.96 ? 979  HOH A O     1 
HETATM 1255 O O     . HOH C 3 .   ? -13.821 10.127  0.361   1.00 25.08 ? 980  HOH A O     1 
HETATM 1256 O O     . HOH C 3 .   ? 2.002   20.976  0.984   1.00 28.54 ? 981  HOH A O     1 
HETATM 1257 O O     . HOH C 3 .   ? -11.098 9.456   1.819   1.00 24.53 ? 982  HOH A O     1 
HETATM 1258 O O     . HOH C 3 .   ? 11.074  -3.486  16.536  1.00 28.16 ? 983  HOH A O     1 
HETATM 1259 O O     . HOH C 3 .   ? 14.829  -6.088  0.922   1.00 25.06 ? 984  HOH A O     1 
HETATM 1260 O O     . HOH C 3 .   ? -2.111  -8.667  0.207   1.00 22.24 ? 985  HOH A O     1 
HETATM 1261 O O     . HOH C 3 .   ? 7.653   20.231  -4.715  1.00 30.86 ? 986  HOH A O     1 
HETATM 1262 O O     . HOH C 3 .   ? 9.863   -12.114 3.729   1.00 23.70 ? 987  HOH A O     1 
HETATM 1263 O O     . HOH C 3 .   ? -14.113 -2.695  -9.219  1.00 23.68 ? 988  HOH A O     1 
HETATM 1264 O O     . HOH C 3 .   ? 24.313  -8.025  7.509   1.00 29.97 ? 989  HOH A O     1 
HETATM 1265 O O     . HOH C 3 .   ? -9.084  10.090  -9.065  1.00 28.75 ? 990  HOH A O     1 
HETATM 1266 O O     . HOH C 3 .   ? 8.967   12.728  5.053   1.00 31.19 ? 991  HOH A O     1 
HETATM 1267 O O     . HOH C 3 .   ? 11.329  -10.120 -2.826  1.00 42.32 ? 992  HOH A O     1 
HETATM 1268 O O     . HOH C 3 .   ? 7.012   10.507  -5.219  1.00 13.40 ? 993  HOH A O     1 
HETATM 1269 O O     . HOH C 3 .   ? 9.679   -18.917 3.634   1.00 25.52 ? 994  HOH A O     1 
HETATM 1270 O O     . HOH C 3 .   ? -4.232  15.160  3.741   1.00 31.91 ? 995  HOH A O     1 
HETATM 1271 O O     . HOH C 3 .   ? -0.508  13.237  6.386   1.00 30.01 ? 996  HOH A O     1 
HETATM 1272 O O     . HOH C 3 .   ? 15.975  0.951   5.146   1.00 33.28 ? 997  HOH A O     1 
HETATM 1273 O O     . HOH C 3 .   ? 5.587   -20.947 14.910  1.00 33.10 ? 998  HOH A O     1 
HETATM 1274 O O     . HOH C 3 .   ? -4.249  12.478  4.625   1.00 25.78 ? 999  HOH A O     1 
HETATM 1275 O O     . HOH C 3 .   ? 5.270   -5.079  -14.648 1.00 25.72 ? 1000 HOH A O     1 
HETATM 1276 O O     . HOH C 3 .   ? 10.870  11.346  -9.638  1.00 27.22 ? 1001 HOH A O     1 
HETATM 1277 O O     . HOH C 3 .   ? -9.444  -6.448  -16.965 1.00 23.62 ? 1002 HOH A O     1 
HETATM 1278 O O     . HOH C 3 .   ? -4.509  -9.812  -0.638  1.00 19.68 ? 1003 HOH A O     1 
HETATM 1279 O O     . HOH C 3 .   ? -4.663  -14.173 -1.770  1.00 36.49 ? 1004 HOH A O     1 
HETATM 1280 O O     . HOH C 3 .   ? 1.592   -6.023  -18.011 1.00 39.38 ? 1005 HOH A O     1 
HETATM 1281 O O     . HOH C 3 .   ? 4.891   -8.216  -5.522  1.00 22.58 ? 1006 HOH A O     1 
HETATM 1282 O O     . HOH C 3 .   ? 9.109   -3.968  -5.221  1.00 19.79 ? 1007 HOH A O     1 
HETATM 1283 O O     . HOH C 3 .   ? 7.264   7.620   10.370  1.00 19.62 ? 1008 HOH A O     1 
HETATM 1284 O O     . HOH C 3 .   ? 6.630   -4.032  -7.977  1.00 17.24 ? 1009 HOH A O     1 
HETATM 1285 O O     . HOH C 3 .   ? 5.318   -5.434  -6.181  1.00 14.14 ? 1010 HOH A O     1 
HETATM 1286 O O     . HOH C 3 .   ? 6.452   -3.092  -4.981  1.00 11.47 ? 1011 HOH A O     1 
HETATM 1287 O O     . HOH C 3 .   ? -1.066  15.189  -13.014 1.00 32.35 ? 1012 HOH A O     1 
HETATM 1288 O O     . HOH C 3 .   ? 0.058   20.045  -7.393  1.00 39.71 ? 1013 HOH A O     1 
HETATM 1289 O O     . HOH C 3 .   ? 10.428  -15.768 16.834  1.00 35.73 ? 1014 HOH A O     1 
HETATM 1290 O O     . HOH C 3 .   ? 11.424  3.816   1.853   1.00 30.91 ? 1015 HOH A O     1 
HETATM 1291 O O     . HOH C 3 .   ? 2.458   11.787  -12.613 1.00 27.95 ? 1016 HOH A O     1 
HETATM 1292 O O     . HOH C 3 .   ? -1.001  -4.179  15.050  1.00 27.84 ? 1017 HOH A O     1 
HETATM 1293 O O     . HOH C 3 .   ? -0.313  -6.272  16.673  1.00 30.60 ? 1018 HOH A O     1 
HETATM 1294 O O     . HOH C 3 .   ? 2.699   -10.062 14.771  1.00 29.02 ? 1019 HOH A O     1 
HETATM 1295 O O     . HOH C 3 .   ? 3.088   1.441   -18.447 1.00 32.19 ? 1020 HOH A O     1 
HETATM 1296 O O     . HOH C 3 .   ? 4.867   7.732   -18.297 1.00 33.70 ? 1021 HOH A O     1 
HETATM 1297 O O     . HOH C 3 .   ? 13.547  6.148   9.786   1.00 27.65 ? 1022 HOH A O     1 
HETATM 1298 O O     . HOH C 3 .   ? -12.254 -7.642  -15.539 1.00 35.06 ? 1023 HOH A O     1 
HETATM 1299 O O     . HOH C 3 .   ? 2.760   -8.055  -12.679 1.00 29.97 ? 1024 HOH A O     1 
HETATM 1300 O O     . HOH C 3 .   ? 0.690   -9.766  -13.789 1.00 33.45 ? 1025 HOH A O     1 
HETATM 1301 O O     . HOH C 3 .   ? -1.873  -6.078  -17.491 1.00 29.08 ? 1026 HOH A O     1 
HETATM 1302 O O     . HOH C 3 .   ? 6.968   -9.718  12.013  1.00 25.03 ? 1027 HOH A O     1 
HETATM 1303 O O     . HOH C 3 .   ? -11.517 10.410  -0.970  1.00 46.85 ? 1028 HOH A O     1 
HETATM 1304 O O     . HOH C 3 .   ? -7.495  -2.155  -15.097 1.00 23.71 ? 1029 HOH A O     1 
HETATM 1305 O O     . HOH C 3 .   ? -15.880 -3.976  -7.117  1.00 19.03 ? 1030 HOH A O     1 
HETATM 1306 O O     . HOH C 3 .   ? -15.394 -12.141 -8.367  1.00 42.45 ? 1031 HOH A O     1 
HETATM 1307 O O     . HOH C 3 .   ? 13.608  -0.688  -1.866  1.00 27.16 ? 1032 HOH A O     1 
HETATM 1308 O O     . HOH C 3 .   ? 17.514  -9.430  2.315   1.00 26.60 ? 1033 HOH A O     1 
HETATM 1309 O O     . HOH C 3 .   ? -8.683  12.668  -1.344  1.00 42.03 ? 1034 HOH A O     1 
HETATM 1310 O O     . HOH C 3 .   ? 6.024   -4.524  -17.306 1.00 34.30 ? 1035 HOH A O     1 
HETATM 1311 O O     . HOH C 3 .   ? -2.477  -8.492  -16.689 1.00 26.92 ? 1036 HOH A O     1 
HETATM 1312 O O     . HOH C 3 .   ? 7.111   11.502  8.568   1.00 28.05 ? 1037 HOH A O     1 
HETATM 1313 O O     . HOH C 3 .   ? 13.290  12.011  5.427   1.00 33.88 ? 1038 HOH A O     1 
HETATM 1314 O O     . HOH C 3 .   ? 5.356   20.193  -11.358 1.00 39.43 ? 1039 HOH A O     1 
HETATM 1315 O O     . HOH C 3 .   ? -2.922  2.764   15.342  1.00 28.61 ? 1040 HOH A O     1 
HETATM 1316 O O     . HOH C 3 .   ? 0.005   11.730  13.299  1.00 36.37 ? 1041 HOH A O     1 
HETATM 1317 O O     . HOH C 3 .   ? 5.361   14.455  4.564   1.00 27.37 ? 1042 HOH A O     1 
# 
